data_8CQD
#
_entry.id   8CQD
#
_cell.length_a   1.00
_cell.length_b   1.00
_cell.length_c   1.00
_cell.angle_alpha   90.00
_cell.angle_beta   90.00
_cell.angle_gamma   90.00
#
_symmetry.space_group_name_H-M   'P 1'
#
loop_
_entity.id
_entity.type
_entity.pdbx_description
1 polymer 'Green-light absorbing proteorhodopsin'
2 non-polymer RETINAL
#
_entity_poly.entity_id   1
_entity_poly.type   'polypeptide(L)'
_entity_poly.pdbx_seq_one_letter_code
;MGKLLLILGSVIALPTFLAGGGDLDASDYTGVSFWLVTAALLASTVFFFVERDRVSAKWKTSLTVSGLVTGIAFWHYMYM
RGVWIETGDSPTVFRYIDWLLTVPLLICEFYLILAAATNVAGSLFKKLLVGSLVMLVFGYMGEAGIMAAWPAFIIGCLAW
VYMIYELWAGEGKSACNTASPAVQSAYNTMMYIIIFGWAIYPVGYFTGYLMGDGGSALNLNLIYNLADFVNKILFGLIIW
NVAVKESSNAGHHHHH
;
_entity_poly.pdbx_strand_id   A,B,C,E,F,D
#
loop_
_chem_comp.id
_chem_comp.type
_chem_comp.name
_chem_comp.formula
RET non-polymer RETINAL 'C20 H28 O'
#
# COMPACT_ATOMS: atom_id res chain seq x y z
N MET A 1 7.23 -3.14 -8.44
CA MET A 1 6.32 -4.13 -7.89
C MET A 1 4.87 -3.66 -7.92
N GLY A 2 3.94 -4.57 -8.19
CA GLY A 2 2.53 -4.23 -8.19
C GLY A 2 2.01 -3.89 -6.80
N LYS A 3 2.48 -4.61 -5.77
CA LYS A 3 2.13 -4.26 -4.40
C LYS A 3 2.67 -2.89 -4.03
N LEU A 4 3.90 -2.57 -4.45
CA LEU A 4 4.44 -1.24 -4.24
C LEU A 4 3.67 -0.19 -5.04
N LEU A 5 3.16 -0.58 -6.20
CA LEU A 5 2.30 0.32 -6.97
C LEU A 5 1.04 0.67 -6.20
N LEU A 6 0.54 -0.25 -5.37
CA LEU A 6 -0.59 0.09 -4.51
C LEU A 6 -0.21 1.18 -3.52
N ILE A 7 0.99 1.11 -2.96
CA ILE A 7 1.46 2.16 -2.05
C ILE A 7 1.56 3.48 -2.79
N LEU A 8 2.10 3.45 -4.01
CA LEU A 8 2.20 4.68 -4.80
C LEU A 8 0.83 5.26 -5.09
N GLY A 9 -0.14 4.41 -5.45
CA GLY A 9 -1.49 4.88 -5.71
C GLY A 9 -2.14 5.46 -4.46
N SER A 10 -1.91 4.85 -3.30
CA SER A 10 -2.44 5.41 -2.06
C SER A 10 -1.82 6.76 -1.76
N VAL A 11 -0.51 6.90 -1.96
CA VAL A 11 0.15 8.19 -1.74
C VAL A 11 -0.40 9.23 -2.69
N ILE A 12 -0.67 8.83 -3.94
CA ILE A 12 -1.21 9.76 -4.94
C ILE A 12 -2.63 10.16 -4.58
N ALA A 13 -3.43 9.22 -4.07
CA ALA A 13 -4.82 9.50 -3.74
C ALA A 13 -5.00 10.20 -2.40
N LEU A 14 -3.97 10.23 -1.55
CA LEU A 14 -4.06 10.98 -0.31
C LEU A 14 -4.35 12.46 -0.51
N PRO A 15 -3.70 13.18 -1.45
CA PRO A 15 -4.05 14.59 -1.66
C PRO A 15 -5.49 14.82 -2.08
N THR A 16 -6.18 13.80 -2.61
CA THR A 16 -7.57 13.98 -3.02
C THR A 16 -8.48 14.28 -1.85
N PHE A 17 -8.12 13.79 -0.68
CA PHE A 17 -8.93 14.06 0.51
C PHE A 17 -8.84 15.55 0.72
N LEU A 18 -7.65 16.10 0.53
CA LEU A 18 -7.50 17.54 0.63
C LEU A 18 -8.05 18.12 -0.65
N ALA A 19 -9.33 18.48 -0.65
CA ALA A 19 -9.97 19.01 -1.84
C ALA A 19 -9.30 20.31 -2.24
N GLY A 20 -8.92 21.11 -1.25
CA GLY A 20 -8.29 22.40 -1.53
C GLY A 20 -8.85 23.47 -0.61
N GLY A 21 -7.97 24.32 -0.08
CA GLY A 21 -8.41 25.35 0.85
C GLY A 21 -8.20 26.77 0.35
N GLY A 22 -7.60 26.92 -0.82
CA GLY A 22 -7.35 28.23 -1.37
C GLY A 22 -8.61 29.08 -1.42
N ASP A 23 -8.49 30.37 -1.12
CA ASP A 23 -9.64 31.26 -1.15
C ASP A 23 -9.34 32.61 -1.77
N LEU A 24 -8.16 33.19 -1.50
CA LEU A 24 -7.78 34.48 -2.04
C LEU A 24 -6.33 34.40 -2.53
N ASP A 25 -6.00 35.28 -3.48
CA ASP A 25 -4.67 35.35 -4.04
C ASP A 25 -4.10 36.75 -3.86
N ALA A 26 -2.83 36.81 -3.44
CA ALA A 26 -2.11 38.06 -3.24
C ALA A 26 -2.82 38.97 -2.24
N SER A 27 -3.58 38.40 -1.32
CA SER A 27 -4.30 39.15 -0.30
C SER A 27 -3.91 38.78 1.11
N ASP A 28 -3.76 37.49 1.40
CA ASP A 28 -3.35 37.02 2.71
C ASP A 28 -2.22 36.02 2.53
N TYR A 29 -1.14 36.20 3.29
CA TYR A 29 0.02 35.31 3.22
C TYR A 29 -0.09 34.14 4.17
N THR A 30 -1.20 34.01 4.89
CA THR A 30 -1.33 32.91 5.85
C THR A 30 -1.70 31.61 5.14
N GLY A 31 -2.77 31.62 4.35
CA GLY A 31 -3.19 30.41 3.66
C GLY A 31 -2.14 29.89 2.70
N VAL A 32 -1.47 30.80 1.99
CA VAL A 32 -0.39 30.39 1.09
C VAL A 32 0.72 29.71 1.88
N SER A 33 1.10 30.31 3.01
CA SER A 33 2.12 29.71 3.85
C SER A 33 1.67 28.36 4.40
N PHE A 34 0.39 28.26 4.79
CA PHE A 34 -0.13 27.00 5.29
C PHE A 34 -0.03 25.90 4.24
N TRP A 35 -0.44 26.14 3.04
CA TRP A 35 -0.34 25.12 2.01
C TRP A 35 1.11 24.79 1.66
N LEU A 36 1.95 25.84 1.55
CA LEU A 36 3.37 25.60 1.27
C LEU A 36 3.97 24.67 2.31
N VAL A 37 3.76 24.99 3.60
CA VAL A 37 4.36 24.20 4.66
C VAL A 37 3.76 22.79 4.71
N THR A 38 2.44 22.68 4.51
CA THR A 38 1.81 21.35 4.54
C THR A 38 2.37 20.47 3.44
N ALA A 39 2.46 21.00 2.21
CA ALA A 39 2.97 20.19 1.11
C ALA A 39 4.44 19.86 1.31
N ALA A 40 5.24 20.81 1.78
CA ALA A 40 6.66 20.54 2.02
C ALA A 40 6.85 19.48 3.10
N LEU A 41 6.03 19.53 4.16
CA LEU A 41 6.14 18.53 5.22
C LEU A 41 5.74 17.16 4.73
N LEU A 42 4.69 17.06 3.91
CA LEU A 42 4.33 15.76 3.34
C LEU A 42 5.43 15.23 2.46
N ALA A 43 6.02 16.10 1.62
CA ALA A 43 7.11 15.67 0.76
C ALA A 43 8.31 15.20 1.57
N SER A 44 8.65 15.91 2.64
CA SER A 44 9.77 15.50 3.48
C SER A 44 9.48 14.20 4.22
N THR A 45 8.23 14.01 4.64
CA THR A 45 7.85 12.74 5.27
C THR A 45 8.06 11.58 4.30
N VAL A 46 7.59 11.73 3.06
CA VAL A 46 7.79 10.67 2.08
C VAL A 46 9.28 10.47 1.81
N PHE A 47 10.02 11.56 1.70
CA PHE A 47 11.44 11.46 1.43
C PHE A 47 12.17 10.68 2.51
N PHE A 48 11.89 11.01 3.77
CA PHE A 48 12.61 10.35 4.86
C PHE A 48 12.15 8.92 5.07
N PHE A 49 10.89 8.62 4.77
CA PHE A 49 10.45 7.23 4.86
C PHE A 49 10.87 6.40 3.66
N VAL A 50 11.29 7.03 2.57
CA VAL A 50 11.81 6.30 1.41
C VAL A 50 13.31 6.12 1.50
N GLU A 51 14.05 7.14 1.94
CA GLU A 51 15.50 7.07 1.97
C GLU A 51 16.05 6.16 3.06
N ARG A 52 15.25 5.38 3.78
CA ARG A 52 15.82 4.43 4.73
C ARG A 52 16.56 3.29 4.05
N ASP A 53 16.41 3.14 2.73
CA ASP A 53 17.10 2.07 2.02
C ASP A 53 18.61 2.26 2.04
N ARG A 54 19.07 3.50 1.84
CA ARG A 54 20.50 3.74 1.70
C ARG A 54 21.25 3.54 3.00
N VAL A 55 20.72 4.07 4.11
CA VAL A 55 21.46 4.09 5.36
C VAL A 55 21.60 2.68 5.91
N SER A 56 22.66 2.46 6.68
CA SER A 56 22.93 1.16 7.29
C SER A 56 21.99 0.95 8.48
N ALA A 57 22.15 -0.20 9.14
CA ALA A 57 21.25 -0.55 10.23
C ALA A 57 21.39 0.41 11.41
N LYS A 58 22.56 1.04 11.57
CA LYS A 58 22.75 1.96 12.69
C LYS A 58 21.97 3.26 12.48
N TRP A 59 21.87 3.73 11.24
CA TRP A 59 21.24 5.00 10.92
C TRP A 59 19.85 4.85 10.33
N LYS A 60 19.23 3.67 10.46
CA LYS A 60 17.85 3.51 10.03
C LYS A 60 16.85 4.06 11.03
N THR A 61 17.31 4.51 12.20
CA THR A 61 16.46 5.18 13.17
C THR A 61 16.52 6.69 13.04
N SER A 62 17.69 7.23 12.70
CA SER A 62 17.84 8.67 12.57
C SER A 62 17.03 9.24 11.41
N LEU A 63 16.56 8.39 10.50
CA LEU A 63 15.65 8.85 9.45
C LEU A 63 14.19 8.67 9.83
N THR A 64 13.86 7.57 10.51
CA THR A 64 12.48 7.33 10.89
C THR A 64 11.97 8.36 11.87
N VAL A 65 12.82 8.78 12.82
CA VAL A 65 12.40 9.77 13.80
C VAL A 65 12.11 11.11 13.12
N SER A 66 12.97 11.52 12.19
CA SER A 66 12.73 12.77 11.47
C SER A 66 11.48 12.66 10.59
N GLY A 67 11.27 11.50 9.98
CA GLY A 67 10.04 11.28 9.23
C GLY A 67 8.81 11.41 10.10
N LEU A 68 8.90 10.91 11.31
CA LEU A 68 7.80 11.03 12.25
C LEU A 68 7.58 12.49 12.60
N VAL A 69 8.67 13.22 12.85
CA VAL A 69 8.54 14.63 13.14
C VAL A 69 7.74 15.24 12.02
N THR A 70 8.19 15.13 10.81
CA THR A 70 7.53 15.82 9.70
C THR A 70 6.09 15.34 9.54
N GLY A 71 5.82 14.05 9.79
CA GLY A 71 4.46 13.55 9.67
C GLY A 71 3.53 14.13 10.73
N ILE A 72 3.99 14.21 11.97
CA ILE A 72 3.18 14.83 13.02
C ILE A 72 2.95 16.30 12.71
N ALA A 73 3.98 16.96 12.20
CA ALA A 73 3.83 18.35 11.82
C ALA A 73 2.76 18.48 10.75
N PHE A 74 2.83 17.61 9.74
CA PHE A 74 1.86 17.65 8.65
C PHE A 74 0.44 17.42 9.15
N TRP A 75 0.25 16.46 10.04
CA TRP A 75 -1.07 16.21 10.63
C TRP A 75 -1.59 17.45 11.35
N HIS A 76 -0.77 18.01 12.24
CA HIS A 76 -1.23 19.16 13.00
C HIS A 76 -1.36 20.40 12.13
N TYR A 77 -0.70 20.44 11.01
CA TYR A 77 -0.80 21.62 10.12
C TYR A 77 -2.08 21.53 9.33
N MET A 78 -2.49 20.37 8.99
CA MET A 78 -3.79 20.24 8.36
C MET A 78 -4.85 20.67 9.33
N TYR A 79 -4.79 20.16 10.54
CA TYR A 79 -5.76 20.55 11.57
C TYR A 79 -5.77 22.06 11.69
N MET A 80 -4.59 22.66 11.80
CA MET A 80 -4.52 24.11 11.93
C MET A 80 -5.13 24.81 10.73
N ARG A 81 -4.88 24.30 9.53
CA ARG A 81 -5.49 24.90 8.34
C ARG A 81 -7.00 24.79 8.40
N GLY A 82 -7.51 23.63 8.84
CA GLY A 82 -8.94 23.49 8.99
C GLY A 82 -9.52 24.49 9.98
N VAL A 83 -8.85 24.66 11.13
CA VAL A 83 -9.32 25.62 12.12
C VAL A 83 -9.26 27.04 11.58
N TRP A 84 -8.17 27.38 10.88
CA TRP A 84 -8.03 28.72 10.32
C TRP A 84 -9.12 29.01 9.30
N ILE A 85 -9.44 28.03 8.45
CA ILE A 85 -10.54 28.21 7.51
C ILE A 85 -11.86 28.38 8.24
N GLU A 86 -12.09 27.57 9.29
CA GLU A 86 -13.31 27.71 10.08
C GLU A 86 -13.36 29.07 10.78
N THR A 87 -12.23 29.50 11.35
CA THR A 87 -12.17 30.78 12.05
C THR A 87 -10.78 31.37 11.88
N GLY A 88 -10.72 32.63 11.45
CA GLY A 88 -9.46 33.29 11.21
C GLY A 88 -8.78 33.79 12.48
N ASP A 89 -8.39 32.88 13.36
CA ASP A 89 -7.74 33.23 14.61
C ASP A 89 -6.51 32.36 14.82
N SER A 90 -5.70 32.73 15.79
CA SER A 90 -4.44 32.04 16.04
C SER A 90 -4.70 30.67 16.66
N PRO A 91 -4.23 29.58 16.04
CA PRO A 91 -4.37 28.24 16.63
C PRO A 91 -3.23 27.92 17.59
N THR A 92 -3.23 28.62 18.73
CA THR A 92 -2.15 28.47 19.70
C THR A 92 -2.13 27.07 20.30
N VAL A 93 -3.30 26.52 20.61
CA VAL A 93 -3.35 25.22 21.28
C VAL A 93 -2.77 24.13 20.39
N PHE A 94 -3.16 24.12 19.12
CA PHE A 94 -2.62 23.13 18.19
C PHE A 94 -1.13 23.32 17.97
N ARG A 95 -0.67 24.58 17.91
CA ARG A 95 0.76 24.83 17.76
C ARG A 95 1.55 24.27 18.93
N TYR A 96 1.04 24.47 20.15
CA TYR A 96 1.78 23.97 21.31
C TYR A 96 1.67 22.46 21.44
N ILE A 97 0.57 21.86 20.99
CA ILE A 97 0.49 20.40 20.93
C ILE A 97 1.54 19.87 19.97
N ASP A 98 1.65 20.48 18.80
CA ASP A 98 2.64 20.06 17.82
C ASP A 98 4.05 20.22 18.35
N TRP A 99 4.32 21.35 19.01
CA TRP A 99 5.64 21.56 19.60
C TRP A 99 5.94 20.52 20.67
N LEU A 100 4.96 20.24 21.54
CA LEU A 100 5.17 19.27 22.61
C LEU A 100 5.41 17.87 22.06
N LEU A 101 4.82 17.54 20.91
CA LEU A 101 5.01 16.21 20.35
C LEU A 101 6.15 16.13 19.34
N THR A 102 6.77 17.25 18.95
CA THR A 102 7.85 17.22 17.99
C THR A 102 9.20 17.65 18.54
N VAL A 103 9.26 18.67 19.40
CA VAL A 103 10.54 19.09 19.96
C VAL A 103 11.24 17.96 20.69
N PRO A 104 10.57 17.11 21.48
CA PRO A 104 11.30 15.98 22.09
C PRO A 104 12.00 15.09 21.07
N LEU A 105 11.36 14.81 19.93
CA LEU A 105 12.02 13.97 18.94
C LEU A 105 13.19 14.67 18.29
N LEU A 106 13.04 15.97 17.98
CA LEU A 106 14.14 16.71 17.38
C LEU A 106 15.33 16.79 18.33
N ILE A 107 15.09 16.99 19.62
CA ILE A 107 16.19 17.02 20.57
C ILE A 107 16.72 15.62 20.87
N CYS A 108 15.92 14.57 20.65
CA CYS A 108 16.38 13.21 20.76
C CYS A 108 17.25 12.79 19.57
N GLU A 109 17.11 13.49 18.45
CA GLU A 109 17.99 13.22 17.31
C GLU A 109 19.46 13.37 17.69
N PHE A 110 19.77 14.32 18.57
CA PHE A 110 21.14 14.48 19.04
C PHE A 110 21.65 13.21 19.72
N TYR A 111 20.85 12.67 20.65
CA TYR A 111 21.23 11.45 21.33
C TYR A 111 21.33 10.29 20.35
N LEU A 112 20.42 10.23 19.38
CA LEU A 112 20.43 9.14 18.42
C LEU A 112 21.70 9.13 17.59
N ILE A 113 22.11 10.30 17.08
CA ILE A 113 23.32 10.35 16.27
C ILE A 113 24.55 10.12 17.13
N LEU A 114 24.58 10.68 18.35
CA LEU A 114 25.74 10.50 19.21
C LEU A 114 25.84 9.09 19.77
N ALA A 115 24.76 8.30 19.69
CA ALA A 115 24.82 6.91 20.09
C ALA A 115 25.12 5.99 18.91
N ALA A 116 24.60 6.30 17.72
CA ALA A 116 24.88 5.50 16.54
C ALA A 116 26.27 5.77 15.96
N ALA A 117 26.89 6.90 16.30
CA ALA A 117 28.22 7.22 15.82
C ALA A 117 29.31 6.96 16.84
N THR A 118 29.03 7.19 18.12
CA THR A 118 30.02 6.98 19.18
C THR A 118 29.28 6.58 20.45
N ASN A 119 29.97 6.65 21.59
CA ASN A 119 29.39 6.31 22.88
C ASN A 119 29.16 7.59 23.68
N VAL A 120 27.95 7.75 24.21
CA VAL A 120 27.58 8.92 24.98
C VAL A 120 26.67 8.48 26.13
N ALA A 121 26.81 9.15 27.28
CA ALA A 121 25.97 8.83 28.43
C ALA A 121 24.50 9.13 28.15
N GLY A 122 24.23 10.23 27.44
CA GLY A 122 22.88 10.62 27.11
C GLY A 122 22.23 11.60 28.07
N SER A 123 22.93 12.01 29.12
CA SER A 123 22.36 12.98 30.05
C SER A 123 22.13 14.33 29.39
N LEU A 124 22.91 14.63 28.34
CA LEU A 124 22.67 15.86 27.59
C LEU A 124 21.28 15.87 26.98
N PHE A 125 20.86 14.74 26.41
CA PHE A 125 19.51 14.65 25.85
C PHE A 125 18.46 14.88 26.92
N LYS A 126 18.64 14.28 28.10
CA LYS A 126 17.66 14.44 29.17
C LYS A 126 17.57 15.89 29.63
N LYS A 127 18.71 16.53 29.86
CA LYS A 127 18.68 17.91 30.35
C LYS A 127 18.14 18.86 29.31
N LEU A 128 18.49 18.66 28.04
CA LEU A 128 17.93 19.49 26.98
C LEU A 128 16.43 19.28 26.84
N LEU A 129 15.97 18.03 26.99
CA LEU A 129 14.53 17.77 26.94
C LEU A 129 13.81 18.47 28.09
N VAL A 130 14.39 18.44 29.29
CA VAL A 130 13.77 19.12 30.42
C VAL A 130 13.71 20.62 30.17
N GLY A 131 14.81 21.20 29.67
CA GLY A 131 14.81 22.62 29.37
C GLY A 131 13.77 23.00 28.31
N SER A 132 13.67 22.18 27.26
CA SER A 132 12.70 22.44 26.21
C SER A 132 11.27 22.34 26.74
N LEU A 133 11.01 21.35 27.59
CA LEU A 133 9.67 21.24 28.19
C LEU A 133 9.35 22.45 29.04
N VAL A 134 10.32 22.92 29.82
CA VAL A 134 10.10 24.13 30.63
C VAL A 134 9.80 25.32 29.73
N MET A 135 10.56 25.48 28.65
CA MET A 135 10.34 26.58 27.73
C MET A 135 8.96 26.51 27.10
N LEU A 136 8.54 25.31 26.67
CA LEU A 136 7.23 25.15 26.07
C LEU A 136 6.11 25.44 27.05
N VAL A 137 6.26 24.98 28.30
CA VAL A 137 5.24 25.26 29.31
C VAL A 137 5.13 26.76 29.57
N PHE A 138 6.27 27.44 29.69
CA PHE A 138 6.23 28.88 29.91
C PHE A 138 5.60 29.60 28.72
N GLY A 139 5.92 29.18 27.50
CA GLY A 139 5.31 29.79 26.34
C GLY A 139 3.82 29.57 26.29
N TYR A 140 3.29 28.47 26.59
CA TYR A 140 1.86 28.28 26.56
C TYR A 140 1.19 29.10 27.65
N MET A 141 1.84 29.10 28.89
CA MET A 141 1.25 29.95 29.92
C MET A 141 1.19 31.40 29.47
N GLY A 142 2.24 31.88 28.80
CA GLY A 142 2.23 33.25 28.30
C GLY A 142 1.18 33.47 27.23
N GLU A 143 1.05 32.52 26.30
CA GLU A 143 0.07 32.65 25.23
C GLU A 143 -1.36 32.58 25.78
N ALA A 144 -1.60 31.71 26.76
CA ALA A 144 -2.92 31.55 27.34
C ALA A 144 -3.36 32.76 28.15
N GLY A 145 -2.46 33.70 28.44
CA GLY A 145 -2.78 34.86 29.23
C GLY A 145 -2.64 34.66 30.72
N ILE A 146 -2.20 33.49 31.17
CA ILE A 146 -2.00 33.26 32.60
C ILE A 146 -0.89 34.16 33.14
N MET A 147 0.20 34.28 32.40
CA MET A 147 1.31 35.14 32.76
C MET A 147 1.46 36.26 31.74
N ALA A 148 2.15 37.32 32.16
CA ALA A 148 2.38 38.45 31.28
C ALA A 148 3.37 38.07 30.18
N ALA A 149 3.37 38.86 29.10
CA ALA A 149 4.18 38.53 27.94
C ALA A 149 5.67 38.66 28.24
N TRP A 150 6.07 39.79 28.84
CA TRP A 150 7.50 40.02 29.06
C TRP A 150 8.14 39.01 29.99
N PRO A 151 7.59 38.69 31.18
CA PRO A 151 8.26 37.71 32.04
C PRO A 151 8.35 36.32 31.42
N ALA A 152 7.27 35.85 30.79
CA ALA A 152 7.29 34.54 30.15
C ALA A 152 8.30 34.52 29.00
N PHE A 153 8.36 35.59 28.22
CA PHE A 153 9.32 35.68 27.12
C PHE A 153 10.75 35.66 27.65
N ILE A 154 11.01 36.39 28.75
CA ILE A 154 12.35 36.41 29.32
C ILE A 154 12.74 35.03 29.84
N ILE A 155 11.81 34.35 30.52
CA ILE A 155 12.11 33.02 31.04
C ILE A 155 12.37 32.04 29.91
N GLY A 156 11.55 32.11 28.85
CA GLY A 156 11.78 31.23 27.72
C GLY A 156 13.11 31.49 27.04
N CYS A 157 13.47 32.76 26.87
CA CYS A 157 14.76 33.10 26.28
C CYS A 157 15.91 32.60 27.14
N LEU A 158 15.79 32.74 28.47
CA LEU A 158 16.84 32.26 29.36
C LEU A 158 16.98 30.74 29.26
N ALA A 159 15.86 30.02 29.22
CA ALA A 159 15.93 28.56 29.09
C ALA A 159 16.54 28.16 27.75
N TRP A 160 16.18 28.86 26.69
CA TRP A 160 16.75 28.57 25.37
C TRP A 160 18.24 28.84 25.33
N VAL A 161 18.69 29.93 25.97
CA VAL A 161 20.12 30.22 26.05
C VAL A 161 20.83 29.16 26.88
N TYR A 162 20.17 28.68 27.92
CA TYR A 162 20.76 27.60 28.70
C TYR A 162 20.98 26.41 27.79
N MET A 163 19.93 26.01 27.08
CA MET A 163 20.05 24.86 26.19
C MET A 163 21.17 25.05 25.17
N ILE A 164 21.29 26.27 24.63
CA ILE A 164 22.38 26.56 23.70
C ILE A 164 23.73 26.36 24.36
N TYR A 165 23.88 26.86 25.59
CA TYR A 165 25.14 26.70 26.31
C TYR A 165 25.44 25.23 26.59
N GLU A 166 24.41 24.46 26.95
CA GLU A 166 24.61 23.03 27.18
C GLU A 166 25.05 22.33 25.91
N LEU A 167 24.50 22.77 24.77
CA LEU A 167 24.86 22.18 23.48
C LEU A 167 26.25 22.61 23.02
N TRP A 168 26.71 23.77 23.45
CA TRP A 168 28.00 24.29 23.01
C TRP A 168 29.13 23.79 23.89
N ALA A 169 29.09 24.11 25.19
CA ALA A 169 30.20 23.83 26.09
C ALA A 169 29.83 22.82 27.17
N GLY A 170 28.77 22.05 26.97
CA GLY A 170 28.35 21.03 27.92
C GLY A 170 28.84 19.65 27.54
N GLU A 171 28.03 18.64 27.89
CA GLU A 171 28.36 17.27 27.52
C GLU A 171 28.38 17.06 26.01
N GLY A 172 27.68 17.90 25.25
CA GLY A 172 27.67 17.75 23.80
C GLY A 172 29.03 17.93 23.18
N LYS A 173 29.80 18.91 23.66
CA LYS A 173 31.16 19.10 23.15
C LYS A 173 32.03 17.88 23.44
N SER A 174 31.93 17.33 24.65
CA SER A 174 32.71 16.15 24.99
C SER A 174 32.32 14.95 24.12
N ALA A 175 31.03 14.78 23.87
CA ALA A 175 30.59 13.70 22.99
C ALA A 175 31.08 13.91 21.56
N CYS A 176 31.07 15.16 21.09
CA CYS A 176 31.52 15.47 19.74
C CYS A 176 33.04 15.35 19.60
N ASN A 177 33.78 15.41 20.70
CA ASN A 177 35.23 15.29 20.62
C ASN A 177 35.65 13.94 20.06
N THR A 178 35.00 12.86 20.50
CA THR A 178 35.31 11.52 20.02
C THR A 178 34.26 11.13 18.97
N ALA A 179 34.48 11.60 17.75
CA ALA A 179 33.56 11.31 16.65
C ALA A 179 34.27 11.55 15.33
N SER A 180 33.69 11.01 14.27
CA SER A 180 34.22 11.22 12.93
C SER A 180 33.99 12.65 12.49
N PRO A 181 34.80 13.15 11.54
CA PRO A 181 34.61 14.54 11.09
C PRO A 181 33.24 14.83 10.52
N ALA A 182 32.62 13.86 9.83
CA ALA A 182 31.28 14.07 9.30
C ALA A 182 30.27 14.30 10.43
N VAL A 183 30.36 13.49 11.49
CA VAL A 183 29.46 13.67 12.62
C VAL A 183 29.72 14.99 13.31
N GLN A 184 30.99 15.41 13.38
CA GLN A 184 31.31 16.71 13.97
C GLN A 184 30.70 17.85 13.16
N SER A 185 30.79 17.77 11.83
CA SER A 185 30.19 18.79 10.98
C SER A 185 28.68 18.81 11.13
N ALA A 186 28.05 17.63 11.19
CA ALA A 186 26.61 17.58 11.40
C ALA A 186 26.22 18.17 12.74
N TYR A 187 26.99 17.88 13.79
CA TYR A 187 26.71 18.43 15.10
C TYR A 187 26.85 19.96 15.10
N ASN A 188 27.88 20.47 14.43
CA ASN A 188 28.04 21.92 14.33
C ASN A 188 26.87 22.55 13.59
N THR A 189 26.44 21.93 12.50
CA THR A 189 25.30 22.47 11.75
C THR A 189 24.03 22.45 12.59
N MET A 190 23.81 21.37 13.35
CA MET A 190 22.61 21.29 14.19
C MET A 190 22.67 22.31 15.32
N MET A 191 23.87 22.53 15.89
CA MET A 191 24.01 23.56 16.91
C MET A 191 23.74 24.95 16.35
N TYR A 192 24.22 25.22 15.13
CA TYR A 192 23.92 26.49 14.49
C TYR A 192 22.43 26.64 14.23
N ILE A 193 21.76 25.54 13.85
CA ILE A 193 20.31 25.58 13.65
C ILE A 193 19.61 25.89 14.97
N ILE A 194 20.05 25.27 16.07
CA ILE A 194 19.47 25.55 17.37
C ILE A 194 19.66 27.03 17.72
N ILE A 195 20.85 27.57 17.47
CA ILE A 195 21.12 28.97 17.83
C ILE A 195 20.28 29.92 17.00
N PHE A 196 20.25 29.72 15.68
CA PHE A 196 19.61 30.67 14.77
C PHE A 196 18.25 30.21 14.28
N GLY A 197 18.12 28.94 13.89
CA GLY A 197 16.85 28.48 13.36
C GLY A 197 15.72 28.57 14.35
N TRP A 198 15.96 28.14 15.60
CA TRP A 198 14.94 28.26 16.63
C TRP A 198 14.74 29.70 17.06
N ALA A 199 15.74 30.56 16.88
CA ALA A 199 15.63 31.97 17.27
C ALA A 199 14.57 32.70 16.47
N ILE A 200 14.07 32.12 15.38
CA ILE A 200 12.95 32.71 14.66
C ILE A 200 11.72 32.74 15.53
N TYR A 201 11.53 31.70 16.37
CA TYR A 201 10.31 31.62 17.18
C TYR A 201 10.20 32.78 18.17
N PRO A 202 11.19 33.05 19.02
CA PRO A 202 10.98 34.13 20.02
C PRO A 202 10.81 35.50 19.40
N VAL A 203 11.63 35.84 18.39
CA VAL A 203 11.51 37.13 17.74
C VAL A 203 10.11 37.30 17.15
N GLY A 204 9.67 36.30 16.38
CA GLY A 204 8.29 36.32 15.92
C GLY A 204 7.30 36.38 17.08
N TYR A 205 7.59 35.65 18.16
CA TYR A 205 6.79 35.76 19.37
C TYR A 205 6.77 37.20 19.87
N PHE A 206 7.93 37.86 19.88
CA PHE A 206 7.98 39.26 20.26
C PHE A 206 7.20 40.14 19.30
N THR A 207 7.03 39.68 18.04
CA THR A 207 6.15 40.39 17.13
C THR A 207 4.71 40.35 17.60
N GLY A 208 4.27 39.19 18.12
CA GLY A 208 2.91 39.06 18.59
C GLY A 208 2.61 39.70 19.92
N TYR A 209 3.64 40.06 20.68
CA TYR A 209 3.50 40.69 21.99
C TYR A 209 4.40 41.91 22.04
N LEU A 210 3.88 43.05 21.59
CA LEU A 210 4.64 44.30 21.58
C LEU A 210 3.70 45.50 21.47
N ASN A 219 0.54 37.59 10.65
CA ASN A 219 1.87 38.06 11.00
C ASN A 219 2.66 36.97 11.70
N LEU A 220 2.21 36.62 12.90
CA LEU A 220 2.90 35.60 13.69
C LEU A 220 2.82 34.24 13.02
N ASN A 221 1.68 33.92 12.40
CA ASN A 221 1.48 32.60 11.82
C ASN A 221 2.44 32.36 10.64
N LEU A 222 2.67 33.38 9.82
CA LEU A 222 3.62 33.23 8.72
C LEU A 222 5.03 32.95 9.22
N ILE A 223 5.45 33.69 10.26
CA ILE A 223 6.78 33.49 10.82
C ILE A 223 6.90 32.08 11.41
N TYR A 224 5.86 31.64 12.13
CA TYR A 224 5.89 30.30 12.70
C TYR A 224 5.93 29.22 11.63
N ASN A 225 5.18 29.45 10.54
CA ASN A 225 5.19 28.50 9.43
C ASN A 225 6.60 28.38 8.88
N LEU A 226 7.22 29.51 8.55
CA LEU A 226 8.56 29.47 7.98
C LEU A 226 9.55 28.83 8.93
N ALA A 227 9.43 29.14 10.23
CA ALA A 227 10.34 28.55 11.21
C ALA A 227 10.17 27.04 11.30
N ASP A 228 8.92 26.56 11.26
CA ASP A 228 8.69 25.12 11.25
C ASP A 228 9.27 24.49 9.99
N PHE A 229 9.02 25.12 8.83
CA PHE A 229 9.63 24.67 7.59
C PHE A 229 11.12 24.45 7.74
N VAL A 230 11.85 25.49 8.14
CA VAL A 230 13.30 25.40 8.27
C VAL A 230 13.67 24.35 9.31
N ASN A 231 13.31 24.55 10.57
CA ASN A 231 13.74 23.65 11.66
C ASN A 231 13.14 22.28 11.66
N LYS A 232 12.42 21.88 10.65
CA LYS A 232 11.94 20.51 10.61
C LYS A 232 12.39 19.87 9.28
N ILE A 233 12.71 20.66 8.26
CA ILE A 233 13.19 20.08 7.01
C ILE A 233 14.71 20.14 6.90
N LEU A 234 15.32 21.29 7.22
CA LEU A 234 16.77 21.39 7.17
C LEU A 234 17.42 20.46 8.19
N PHE A 235 16.83 20.35 9.38
CA PHE A 235 17.35 19.42 10.38
C PHE A 235 17.34 17.99 9.86
N GLY A 236 16.21 17.56 9.30
CA GLY A 236 16.12 16.22 8.76
C GLY A 236 17.06 16.00 7.60
N LEU A 237 17.25 17.02 6.76
CA LEU A 237 18.16 16.88 5.63
C LEU A 237 19.61 16.76 6.11
N ILE A 238 19.98 17.50 7.15
CA ILE A 238 21.33 17.38 7.71
C ILE A 238 21.53 15.99 8.29
N ILE A 239 20.53 15.49 9.01
CA ILE A 239 20.66 14.14 9.59
C ILE A 239 20.75 13.10 8.49
N TRP A 240 19.95 13.24 7.43
CA TRP A 240 20.02 12.31 6.31
C TRP A 240 21.38 12.37 5.63
N ASN A 241 21.93 13.58 5.45
CA ASN A 241 23.22 13.73 4.81
C ASN A 241 24.31 13.04 5.61
N VAL A 242 24.34 13.26 6.93
CA VAL A 242 25.38 12.63 7.74
C VAL A 242 25.18 11.12 7.78
N ALA A 243 23.93 10.67 7.83
CA ALA A 243 23.67 9.23 7.85
C ALA A 243 24.15 8.57 6.56
N VAL A 244 23.84 9.17 5.42
CA VAL A 244 24.29 8.61 4.15
C VAL A 244 25.81 8.63 4.04
N LYS A 245 26.43 9.74 4.46
CA LYS A 245 27.88 9.84 4.38
C LYS A 245 28.55 8.79 5.25
N GLU A 246 27.97 8.50 6.42
CA GLU A 246 28.56 7.49 7.29
C GLU A 246 28.30 6.08 6.77
N SER A 247 27.08 5.82 6.33
CA SER A 247 26.73 4.47 5.96
C SER A 247 27.27 4.04 4.61
N SER A 248 27.76 4.97 3.81
CA SER A 248 28.22 4.60 2.49
C SER A 248 29.49 3.81 2.66
N ASN A 249 30.21 4.07 3.74
CA ASN A 249 31.45 3.36 4.01
C ASN A 249 31.20 1.86 3.90
N ALA A 250 29.95 1.45 4.13
CA ALA A 250 29.61 0.03 4.04
C ALA A 250 29.32 -0.37 2.61
N ASP B 23 -14.60 17.62 -21.31
CA ASP B 23 -14.34 19.00 -21.72
C ASP B 23 -14.83 19.24 -23.14
N LEU B 24 -14.62 20.45 -23.64
CA LEU B 24 -15.03 20.79 -24.99
C LEU B 24 -14.05 20.19 -26.01
N ASP B 25 -14.53 20.09 -27.25
CA ASP B 25 -13.76 19.51 -28.34
C ASP B 25 -13.41 20.60 -29.35
N ALA B 26 -12.11 20.76 -29.61
CA ALA B 26 -11.61 21.72 -30.60
C ALA B 26 -12.08 23.14 -30.33
N SER B 27 -12.26 23.48 -29.05
CA SER B 27 -12.70 24.82 -28.68
C SER B 27 -11.75 25.44 -27.67
N ASP B 28 -11.22 24.62 -26.76
CA ASP B 28 -10.30 25.08 -25.73
C ASP B 28 -9.09 24.16 -25.69
N TYR B 29 -7.91 24.76 -25.54
CA TYR B 29 -6.66 24.02 -25.42
C TYR B 29 -6.09 24.06 -24.01
N THR B 30 -6.82 24.64 -23.07
CA THR B 30 -6.33 24.71 -21.69
C THR B 30 -6.65 23.43 -20.93
N GLY B 31 -7.90 22.96 -21.03
CA GLY B 31 -8.25 21.72 -20.34
C GLY B 31 -7.51 20.52 -20.89
N VAL B 32 -7.29 20.49 -22.20
CA VAL B 32 -6.52 19.40 -22.80
C VAL B 32 -5.11 19.39 -22.24
N SER B 33 -4.47 20.57 -22.17
CA SER B 33 -3.13 20.65 -21.61
C SER B 33 -3.11 20.25 -20.15
N PHE B 34 -4.11 20.69 -19.38
CA PHE B 34 -4.18 20.33 -17.96
C PHE B 34 -4.25 18.81 -17.79
N TRP B 35 -5.16 18.15 -18.52
CA TRP B 35 -5.29 16.70 -18.39
C TRP B 35 -4.03 16.00 -18.86
N LEU B 36 -3.46 16.44 -19.98
CA LEU B 36 -2.25 15.81 -20.51
C LEU B 36 -1.12 15.89 -19.50
N VAL B 37 -0.89 17.08 -18.94
CA VAL B 37 0.23 17.26 -18.01
C VAL B 37 -0.03 16.52 -16.71
N THR B 38 -1.27 16.50 -16.23
CA THR B 38 -1.57 15.78 -15.00
C THR B 38 -1.32 14.29 -15.16
N ALA B 39 -1.80 13.71 -16.26
CA ALA B 39 -1.58 12.29 -16.50
C ALA B 39 -0.09 11.98 -16.67
N ALA B 40 0.63 12.84 -17.40
CA ALA B 40 2.06 12.63 -17.59
C ALA B 40 2.80 12.70 -16.27
N LEU B 41 2.44 13.65 -15.41
CA LEU B 41 3.12 13.76 -14.12
C LEU B 41 2.84 12.57 -13.22
N LEU B 42 1.60 12.09 -13.21
CA LEU B 42 1.31 10.89 -12.43
C LEU B 42 2.09 9.69 -12.95
N ALA B 43 2.15 9.53 -14.28
CA ALA B 43 2.91 8.43 -14.86
C ALA B 43 4.38 8.53 -14.51
N SER B 44 4.95 9.74 -14.58
CA SER B 44 6.37 9.92 -14.27
C SER B 44 6.64 9.68 -12.79
N THR B 45 5.72 10.10 -11.92
CA THR B 45 5.88 9.83 -10.49
C THR B 45 5.93 8.33 -10.23
N VAL B 46 5.00 7.58 -10.82
CA VAL B 46 5.01 6.13 -10.65
C VAL B 46 6.28 5.54 -11.24
N PHE B 47 6.65 6.15 -12.44
CA PHE B 47 7.85 5.69 -13.12
C PHE B 47 9.06 5.78 -12.21
N PHE B 48 9.30 6.87 -11.61
CA PHE B 48 10.49 7.15 -10.82
C PHE B 48 10.44 6.48 -9.45
N PHE B 49 9.24 6.29 -8.88
CA PHE B 49 9.17 5.55 -7.64
C PHE B 49 9.27 4.05 -7.83
N VAL B 50 9.11 3.56 -9.07
CA VAL B 50 9.30 2.14 -9.34
C VAL B 50 10.72 1.84 -9.81
N GLU B 51 11.35 2.74 -10.55
CA GLU B 51 12.68 2.50 -11.10
C GLU B 51 13.80 2.62 -10.08
N ARG B 52 13.49 2.91 -8.82
CA ARG B 52 14.52 2.96 -7.79
C ARG B 52 15.14 1.59 -7.52
N ASP B 53 14.51 0.51 -7.97
CA ASP B 53 15.05 -0.82 -7.72
C ASP B 53 16.24 -1.15 -8.62
N ARG B 54 16.31 -0.53 -9.80
CA ARG B 54 17.41 -0.85 -10.72
C ARG B 54 18.72 -0.22 -10.25
N VAL B 55 18.69 1.03 -9.80
CA VAL B 55 19.92 1.74 -9.52
C VAL B 55 20.58 1.21 -8.25
N SER B 56 21.86 1.55 -8.09
CA SER B 56 22.64 1.12 -6.95
C SER B 56 22.31 2.01 -5.75
N ALA B 57 23.10 1.88 -4.67
CA ALA B 57 22.83 2.65 -3.46
C ALA B 57 23.09 4.14 -3.66
N LYS B 58 24.04 4.48 -4.53
CA LYS B 58 24.37 5.90 -4.74
C LYS B 58 23.22 6.66 -5.37
N TRP B 59 22.55 6.06 -6.34
CA TRP B 59 21.54 6.76 -7.14
C TRP B 59 20.11 6.43 -6.74
N LYS B 60 19.90 5.97 -5.50
CA LYS B 60 18.54 5.80 -5.00
C LYS B 60 17.98 7.07 -4.39
N THR B 61 18.71 8.19 -4.50
CA THR B 61 18.22 9.51 -4.13
C THR B 61 17.93 10.38 -5.33
N SER B 62 18.75 10.31 -6.37
CA SER B 62 18.50 11.08 -7.58
C SER B 62 17.20 10.70 -8.25
N LEU B 63 16.66 9.52 -7.96
CA LEU B 63 15.34 9.15 -8.45
C LEU B 63 14.24 9.55 -7.49
N THR B 64 14.47 9.44 -6.18
CA THR B 64 13.46 9.81 -5.20
C THR B 64 13.14 11.29 -5.27
N VAL B 65 14.15 12.13 -5.45
CA VAL B 65 13.91 13.57 -5.51
C VAL B 65 13.12 13.94 -6.76
N SER B 66 13.44 13.33 -7.90
CA SER B 66 12.68 13.60 -9.11
C SER B 66 11.25 13.09 -8.98
N GLY B 67 11.06 11.93 -8.35
CA GLY B 67 9.71 11.45 -8.10
C GLY B 67 8.92 12.39 -7.22
N LEU B 68 9.56 12.94 -6.19
CA LEU B 68 8.89 13.93 -5.34
C LEU B 68 8.55 15.18 -6.13
N VAL B 69 9.45 15.63 -7.00
CA VAL B 69 9.17 16.80 -7.83
C VAL B 69 7.92 16.57 -8.66
N THR B 70 7.87 15.43 -9.35
CA THR B 70 6.71 15.16 -10.20
C THR B 70 5.44 14.97 -9.38
N GLY B 71 5.55 14.36 -8.21
CA GLY B 71 4.37 14.18 -7.37
C GLY B 71 3.80 15.49 -6.86
N ILE B 72 4.67 16.39 -6.38
CA ILE B 72 4.22 17.70 -5.93
C ILE B 72 3.62 18.48 -7.08
N ALA B 73 4.25 18.42 -8.25
CA ALA B 73 3.71 19.11 -9.41
C ALA B 73 2.34 18.56 -9.78
N PHE B 74 2.17 17.23 -9.71
CA PHE B 74 0.88 16.62 -10.01
C PHE B 74 -0.19 17.07 -9.01
N TRP B 75 0.16 17.11 -7.73
CA TRP B 75 -0.79 17.55 -6.70
C TRP B 75 -1.24 18.98 -6.96
N HIS B 76 -0.28 19.88 -7.20
CA HIS B 76 -0.63 21.27 -7.41
C HIS B 76 -1.34 21.46 -8.74
N TYR B 77 -1.07 20.60 -9.73
CA TYR B 77 -1.82 20.65 -10.97
C TYR B 77 -3.26 20.21 -10.77
N MET B 78 -3.49 19.21 -9.91
CA MET B 78 -4.86 18.84 -9.57
C MET B 78 -5.58 20.00 -8.90
N TYR B 79 -4.91 20.68 -7.97
CA TYR B 79 -5.54 21.83 -7.31
C TYR B 79 -5.83 22.94 -8.31
N MET B 80 -4.90 23.21 -9.23
CA MET B 80 -5.13 24.25 -10.23
C MET B 80 -6.26 23.87 -11.17
N ARG B 81 -6.39 22.59 -11.52
CA ARG B 81 -7.50 22.14 -12.34
C ARG B 81 -8.82 22.35 -11.60
N GLY B 82 -8.85 22.04 -10.30
CA GLY B 82 -10.05 22.29 -9.52
C GLY B 82 -10.43 23.77 -9.49
N VAL B 83 -9.43 24.63 -9.31
CA VAL B 83 -9.69 26.07 -9.30
C VAL B 83 -10.18 26.53 -10.66
N TRP B 84 -9.59 26.01 -11.74
CA TRP B 84 -10.01 26.37 -13.09
C TRP B 84 -11.45 25.96 -13.35
N ILE B 85 -11.84 24.76 -12.89
CA ILE B 85 -13.23 24.34 -12.99
C ILE B 85 -14.13 25.27 -12.20
N GLU B 86 -13.70 25.64 -10.98
CA GLU B 86 -14.49 26.56 -10.18
C GLU B 86 -14.62 27.92 -10.85
N THR B 87 -13.53 28.44 -11.39
CA THR B 87 -13.53 29.74 -12.04
C THR B 87 -12.53 29.75 -13.19
N GLY B 88 -12.95 30.28 -14.33
CA GLY B 88 -12.11 30.29 -15.51
C GLY B 88 -11.08 31.40 -15.52
N ASP B 89 -10.13 31.35 -14.59
CA ASP B 89 -9.05 32.33 -14.51
C ASP B 89 -7.75 31.60 -14.20
N SER B 90 -6.67 32.37 -14.10
CA SER B 90 -5.33 31.82 -13.89
C SER B 90 -4.83 32.17 -12.50
N PRO B 91 -4.90 31.26 -11.53
CA PRO B 91 -4.34 31.51 -10.19
C PRO B 91 -2.83 31.29 -10.13
N THR B 92 -2.09 32.34 -10.55
CA THR B 92 -0.64 32.25 -10.62
C THR B 92 0.00 32.03 -9.26
N VAL B 93 -0.72 32.29 -8.17
CA VAL B 93 -0.19 32.02 -6.84
C VAL B 93 0.05 30.52 -6.65
N PHE B 94 -0.86 29.70 -7.16
CA PHE B 94 -0.65 28.26 -7.12
C PHE B 94 0.59 27.86 -7.92
N ARG B 95 0.78 28.50 -9.08
CA ARG B 95 1.97 28.23 -9.88
C ARG B 95 3.24 28.59 -9.12
N TYR B 96 3.23 29.72 -8.41
CA TYR B 96 4.40 30.10 -7.64
C TYR B 96 4.63 29.18 -6.45
N ILE B 97 3.57 28.67 -5.84
CA ILE B 97 3.73 27.67 -4.78
C ILE B 97 4.39 26.42 -5.34
N ASP B 98 3.91 25.96 -6.50
CA ASP B 98 4.48 24.77 -7.11
C ASP B 98 5.95 25.00 -7.49
N TRP B 99 6.27 26.17 -8.02
CA TRP B 99 7.66 26.48 -8.34
C TRP B 99 8.51 26.54 -7.09
N LEU B 100 7.99 27.13 -6.01
CA LEU B 100 8.75 27.23 -4.78
C LEU B 100 9.02 25.85 -4.18
N LEU B 101 8.18 24.85 -4.41
CA LEU B 101 8.52 23.55 -3.84
C LEU B 101 9.08 22.58 -4.87
N THR B 102 9.22 22.98 -6.12
CA THR B 102 9.90 22.11 -7.07
C THR B 102 11.27 22.61 -7.50
N VAL B 103 11.44 23.91 -7.74
CA VAL B 103 12.73 24.43 -8.20
C VAL B 103 13.86 24.10 -7.24
N PRO B 104 13.72 24.25 -5.91
CA PRO B 104 14.83 23.86 -5.03
C PRO B 104 15.25 22.40 -5.22
N LEU B 105 14.30 21.48 -5.35
CA LEU B 105 14.66 20.08 -5.54
C LEU B 105 15.33 19.84 -6.89
N LEU B 106 14.78 20.45 -7.95
CA LEU B 106 15.37 20.28 -9.27
C LEU B 106 16.79 20.82 -9.31
N ILE B 107 17.02 21.97 -8.69
CA ILE B 107 18.37 22.53 -8.69
C ILE B 107 19.28 21.80 -7.70
N CYS B 108 18.70 21.07 -6.76
CA CYS B 108 19.51 20.27 -5.86
C CYS B 108 19.94 18.99 -6.55
N GLU B 109 19.16 18.57 -7.55
CA GLU B 109 19.51 17.36 -8.30
C GLU B 109 20.96 17.43 -8.81
N PHE B 110 21.43 18.62 -9.17
CA PHE B 110 22.83 18.77 -9.56
C PHE B 110 23.76 18.34 -8.43
N TYR B 111 23.52 18.86 -7.23
CA TYR B 111 24.35 18.49 -6.08
C TYR B 111 24.24 16.99 -5.79
N LEU B 112 23.04 16.44 -5.92
CA LEU B 112 22.84 15.02 -5.63
C LEU B 112 23.63 14.14 -6.59
N ILE B 113 23.56 14.43 -7.89
CA ILE B 113 24.30 13.61 -8.84
C ILE B 113 25.80 13.82 -8.69
N LEU B 114 26.24 15.05 -8.37
CA LEU B 114 27.65 15.28 -8.17
C LEU B 114 28.17 14.54 -6.93
N ALA B 115 27.35 14.47 -5.88
CA ALA B 115 27.75 13.72 -4.69
C ALA B 115 27.77 12.22 -4.97
N ALA B 116 26.78 11.72 -5.71
CA ALA B 116 26.73 10.29 -6.01
C ALA B 116 27.77 9.89 -7.05
N ALA B 117 28.35 10.84 -7.76
CA ALA B 117 29.37 10.55 -8.76
C ALA B 117 30.78 10.93 -8.35
N THR B 118 30.96 12.01 -7.61
CA THR B 118 32.29 12.44 -7.19
C THR B 118 32.17 13.13 -5.84
N ASN B 119 33.20 13.88 -5.46
CA ASN B 119 33.24 14.58 -4.18
C ASN B 119 32.75 16.02 -4.35
N VAL B 120 31.94 16.46 -3.40
CA VAL B 120 31.39 17.81 -3.39
C VAL B 120 31.62 18.42 -2.01
N ALA B 121 32.05 19.69 -1.97
CA ALA B 121 32.34 20.34 -0.70
C ALA B 121 31.10 20.46 0.17
N GLY B 122 29.96 20.86 -0.41
CA GLY B 122 28.72 21.02 0.30
C GLY B 122 28.13 22.42 0.21
N SER B 123 29.00 23.43 0.06
CA SER B 123 28.52 24.80 -0.08
C SER B 123 27.80 25.03 -1.40
N LEU B 124 28.01 24.17 -2.39
CA LEU B 124 27.30 24.29 -3.66
C LEU B 124 25.80 24.17 -3.46
N PHE B 125 25.38 23.19 -2.65
CA PHE B 125 23.97 23.04 -2.35
C PHE B 125 23.45 24.31 -1.68
N LYS B 126 24.18 24.79 -0.67
CA LYS B 126 23.74 25.98 0.06
C LYS B 126 23.52 27.15 -0.90
N LYS B 127 24.49 27.43 -1.76
CA LYS B 127 24.38 28.59 -2.63
C LYS B 127 23.29 28.40 -3.68
N LEU B 128 23.19 27.10 -4.16
CA LEU B 128 22.14 26.77 -5.11
C LEU B 128 20.78 27.06 -4.49
N LEU B 129 20.51 26.56 -3.34
CA LEU B 129 19.23 26.68 -2.65
C LEU B 129 18.92 28.14 -2.32
N VAL B 130 19.92 28.88 -1.83
CA VAL B 130 19.70 30.28 -1.49
C VAL B 130 19.33 31.08 -2.72
N GLY B 131 20.06 30.87 -3.83
CA GLY B 131 19.75 31.59 -5.05
C GLY B 131 18.37 31.29 -5.57
N SER B 132 17.99 30.01 -5.59
CA SER B 132 16.67 29.64 -6.08
C SER B 132 15.57 30.22 -5.20
N LEU B 133 15.74 30.14 -3.88
CA LEU B 133 14.73 30.68 -2.97
C LEU B 133 14.60 32.18 -3.15
N VAL B 134 15.71 32.90 -3.25
CA VAL B 134 15.65 34.35 -3.44
C VAL B 134 14.95 34.69 -4.75
N MET B 135 15.31 33.98 -5.82
CA MET B 135 14.70 34.25 -7.11
C MET B 135 13.19 34.04 -7.07
N LEU B 136 12.74 32.92 -6.53
CA LEU B 136 11.30 32.74 -6.56
C LEU B 136 10.66 33.78 -5.64
N VAL B 137 11.14 33.91 -4.41
CA VAL B 137 10.48 34.84 -3.50
C VAL B 137 10.30 36.19 -4.16
N PHE B 138 11.35 36.69 -4.82
CA PHE B 138 11.26 37.98 -5.49
C PHE B 138 10.27 37.91 -6.65
N GLY B 139 10.25 36.82 -7.39
CA GLY B 139 9.26 36.68 -8.46
C GLY B 139 7.83 36.69 -7.94
N TYR B 140 7.58 35.96 -6.85
CA TYR B 140 6.24 35.96 -6.26
C TYR B 140 5.86 37.34 -5.75
N MET B 141 6.80 38.04 -5.11
CA MET B 141 6.49 39.38 -4.62
C MET B 141 6.21 40.34 -5.77
N GLY B 142 6.95 40.23 -6.86
CA GLY B 142 6.68 41.06 -8.02
C GLY B 142 5.34 40.77 -8.65
N GLU B 143 4.95 39.55 -8.79
CA GLU B 143 3.66 39.22 -9.38
C GLU B 143 2.50 39.63 -8.48
N ALA B 144 2.70 39.46 -7.15
CA ALA B 144 1.65 39.83 -6.21
C ALA B 144 1.55 41.34 -5.99
N GLY B 145 2.49 42.11 -6.51
CA GLY B 145 2.44 43.55 -6.38
C GLY B 145 3.04 44.10 -5.11
N ILE B 146 3.69 43.27 -4.29
CA ILE B 146 4.33 43.77 -3.08
C ILE B 146 5.44 44.75 -3.43
N MET B 147 6.25 44.41 -4.43
CA MET B 147 7.31 45.27 -4.94
C MET B 147 7.03 45.62 -6.39
N ALA B 148 7.73 46.63 -6.89
CA ALA B 148 7.62 47.01 -8.29
C ALA B 148 8.14 45.88 -9.18
N ALA B 149 7.54 45.77 -10.37
CA ALA B 149 7.83 44.64 -11.25
C ALA B 149 9.29 44.64 -11.69
N TRP B 150 9.83 45.80 -12.06
CA TRP B 150 11.19 45.86 -12.58
C TRP B 150 12.25 45.44 -11.57
N PRO B 151 12.25 45.95 -10.32
CA PRO B 151 13.27 45.47 -9.36
C PRO B 151 13.18 43.98 -9.08
N ALA B 152 11.96 43.45 -8.95
CA ALA B 152 11.80 42.02 -8.70
C ALA B 152 12.30 41.20 -9.87
N PHE B 153 11.99 41.62 -11.10
CA PHE B 153 12.48 40.93 -12.28
C PHE B 153 14.00 40.98 -12.36
N ILE B 154 14.59 42.13 -12.03
CA ILE B 154 16.04 42.27 -12.06
C ILE B 154 16.69 41.35 -11.03
N ILE B 155 16.14 41.31 -9.82
CA ILE B 155 16.71 40.46 -8.78
C ILE B 155 16.59 38.98 -9.17
N GLY B 156 15.43 38.59 -9.71
CA GLY B 156 15.26 37.21 -10.15
C GLY B 156 16.23 36.83 -11.25
N CYS B 157 16.40 37.72 -12.23
CA CYS B 157 17.35 37.44 -13.30
C CYS B 157 18.77 37.37 -12.78
N LEU B 158 19.13 38.23 -11.83
CA LEU B 158 20.47 38.19 -11.26
C LEU B 158 20.70 36.88 -10.52
N ALA B 159 19.71 36.42 -9.75
CA ALA B 159 19.86 35.14 -9.06
C ALA B 159 19.97 33.98 -10.05
N TRP B 160 19.17 34.01 -11.12
CA TRP B 160 19.24 32.97 -12.14
C TRP B 160 20.61 32.96 -12.80
N VAL B 161 21.13 34.13 -13.15
CA VAL B 161 22.44 34.20 -13.80
C VAL B 161 23.54 33.77 -12.84
N TYR B 162 23.40 34.10 -11.56
CA TYR B 162 24.38 33.64 -10.58
C TYR B 162 24.39 32.11 -10.48
N MET B 163 23.21 31.50 -10.45
CA MET B 163 23.14 30.04 -10.41
C MET B 163 23.74 29.43 -11.67
N ILE B 164 23.46 30.03 -12.84
CA ILE B 164 24.02 29.54 -14.09
C ILE B 164 25.54 29.65 -14.07
N TYR B 165 26.07 30.77 -13.57
CA TYR B 165 27.52 30.95 -13.49
C TYR B 165 28.14 29.94 -12.54
N GLU B 166 27.50 29.68 -11.40
CA GLU B 166 28.05 28.70 -10.45
C GLU B 166 28.04 27.30 -11.03
N LEU B 167 26.93 27.02 -11.82
CA LEU B 167 26.77 25.68 -12.41
C LEU B 167 27.50 25.51 -13.74
N TRP B 168 28.09 26.56 -14.25
CA TRP B 168 28.72 26.57 -15.56
C TRP B 168 30.21 26.82 -15.53
N ALA B 169 30.68 27.70 -14.63
CA ALA B 169 32.10 28.00 -14.52
C ALA B 169 32.61 28.04 -13.08
N GLY B 170 31.76 27.76 -12.10
CA GLY B 170 32.19 27.79 -10.71
C GLY B 170 32.47 26.42 -10.13
N GLU B 171 31.93 26.16 -8.94
CA GLU B 171 32.17 24.87 -8.29
C GLU B 171 31.51 23.73 -9.04
N GLY B 172 30.36 23.98 -9.67
CA GLY B 172 29.70 22.93 -10.43
C GLY B 172 30.52 22.42 -11.59
N LYS B 173 31.13 23.34 -12.35
CA LYS B 173 32.01 22.94 -13.44
C LYS B 173 33.22 22.18 -12.93
N SER B 174 33.79 22.62 -11.81
CA SER B 174 34.94 21.93 -11.24
C SER B 174 34.58 20.50 -10.84
N ALA B 175 33.41 20.31 -10.23
CA ALA B 175 32.97 18.97 -9.88
C ALA B 175 32.70 18.14 -11.14
N CYS B 176 32.12 18.76 -12.17
CA CYS B 176 31.85 18.05 -13.41
C CYS B 176 33.12 17.64 -14.14
N ASN B 177 34.22 18.36 -13.89
CA ASN B 177 35.49 18.01 -14.54
C ASN B 177 35.95 16.62 -14.13
N THR B 178 35.82 16.28 -12.85
CA THR B 178 36.22 14.98 -12.34
C THR B 178 34.98 14.10 -12.24
N ALA B 179 34.61 13.49 -13.37
CA ALA B 179 33.45 12.62 -13.42
C ALA B 179 33.57 11.71 -14.64
N SER B 180 32.78 10.64 -14.62
CA SER B 180 32.75 9.71 -15.74
C SER B 180 32.07 10.37 -16.94
N PRO B 181 32.35 9.88 -18.16
CA PRO B 181 31.77 10.52 -19.35
C PRO B 181 30.25 10.56 -19.35
N ALA B 182 29.59 9.51 -18.84
CA ALA B 182 28.14 9.52 -18.77
C ALA B 182 27.64 10.63 -17.85
N VAL B 183 28.29 10.79 -16.68
CA VAL B 183 27.90 11.85 -15.76
C VAL B 183 28.14 13.21 -16.39
N GLN B 184 29.26 13.38 -17.10
CA GLN B 184 29.54 14.65 -17.76
C GLN B 184 28.49 14.97 -18.81
N SER B 185 28.11 13.98 -19.62
CA SER B 185 27.09 14.21 -20.64
C SER B 185 25.74 14.55 -20.02
N ALA B 186 25.37 13.85 -18.95
CA ALA B 186 24.11 14.17 -18.27
C ALA B 186 24.16 15.57 -17.68
N TYR B 187 25.30 15.95 -17.11
CA TYR B 187 25.44 17.29 -16.54
C TYR B 187 25.33 18.36 -17.61
N ASN B 188 25.94 18.13 -18.78
CA ASN B 188 25.82 19.08 -19.87
C ASN B 188 24.37 19.18 -20.36
N THR B 189 23.68 18.05 -20.46
CA THR B 189 22.28 18.09 -20.86
C THR B 189 21.43 18.85 -19.86
N MET B 190 21.66 18.63 -18.56
CA MET B 190 20.91 19.36 -17.54
C MET B 190 21.25 20.84 -17.56
N MET B 191 22.51 21.19 -17.82
CA MET B 191 22.88 22.59 -17.94
C MET B 191 22.16 23.26 -19.11
N TYR B 192 22.10 22.57 -20.26
CA TYR B 192 21.38 23.11 -21.40
C TYR B 192 19.90 23.27 -21.09
N ILE B 193 19.32 22.30 -20.37
CA ILE B 193 17.91 22.40 -19.98
C ILE B 193 17.70 23.62 -19.10
N ILE B 194 18.57 23.81 -18.11
CA ILE B 194 18.46 24.96 -17.21
C ILE B 194 18.55 26.26 -18.01
N ILE B 195 19.51 26.33 -18.94
CA ILE B 195 19.73 27.56 -19.70
C ILE B 195 18.52 27.88 -20.58
N PHE B 196 17.97 26.87 -21.27
CA PHE B 196 16.98 27.13 -22.31
C PHE B 196 15.54 26.93 -21.84
N GLY B 197 15.20 25.76 -21.32
CA GLY B 197 13.82 25.48 -20.97
C GLY B 197 13.32 26.38 -19.85
N TRP B 198 14.15 26.62 -18.84
CA TRP B 198 13.75 27.47 -17.72
C TRP B 198 13.59 28.92 -18.14
N ALA B 199 14.11 29.32 -19.30
CA ALA B 199 14.00 30.70 -19.76
C ALA B 199 12.58 31.07 -20.17
N ILE B 200 11.68 30.09 -20.32
CA ILE B 200 10.31 30.39 -20.71
C ILE B 200 9.61 31.20 -19.64
N TYR B 201 9.78 30.83 -18.37
CA TYR B 201 9.05 31.48 -17.29
C TYR B 201 9.35 32.97 -17.16
N PRO B 202 10.61 33.42 -17.16
CA PRO B 202 10.84 34.88 -17.16
C PRO B 202 10.28 35.57 -18.39
N VAL B 203 10.27 34.90 -19.54
CA VAL B 203 9.66 35.49 -20.74
C VAL B 203 8.17 35.73 -20.51
N GLY B 204 7.48 34.74 -19.94
CA GLY B 204 6.08 34.93 -19.64
C GLY B 204 5.85 36.00 -18.58
N TYR B 205 6.74 36.08 -17.59
CA TYR B 205 6.62 37.13 -16.58
C TYR B 205 6.77 38.51 -17.20
N PHE B 206 7.73 38.67 -18.11
CA PHE B 206 7.90 39.93 -18.81
C PHE B 206 6.70 40.25 -19.70
N THR B 207 6.14 39.23 -20.35
CA THR B 207 4.97 39.43 -21.19
C THR B 207 3.78 39.90 -20.36
N GLY B 208 3.58 39.30 -19.19
CA GLY B 208 2.48 39.69 -18.33
C GLY B 208 2.69 41.01 -17.61
N TYR B 209 3.91 41.54 -17.57
CA TYR B 209 4.23 42.80 -16.94
C TYR B 209 5.05 43.64 -17.92
N LEU B 210 4.37 44.37 -18.80
CA LEU B 210 5.02 45.19 -19.80
C LEU B 210 4.31 46.53 -19.98
N ASN B 219 -3.56 32.38 -22.72
CA ASN B 219 -2.62 31.93 -23.73
C ASN B 219 -1.28 31.53 -23.12
N LEU B 220 -1.09 31.90 -21.85
CA LEU B 220 0.14 31.59 -21.14
C LEU B 220 0.07 30.30 -20.33
N ASN B 221 -1.13 29.86 -19.96
CA ASN B 221 -1.26 28.62 -19.21
C ASN B 221 -0.77 27.42 -20.01
N LEU B 222 -1.08 27.38 -21.31
CA LEU B 222 -0.61 26.29 -22.15
C LEU B 222 0.92 26.29 -22.23
N ILE B 223 1.53 27.47 -22.40
CA ILE B 223 2.97 27.55 -22.49
C ILE B 223 3.61 27.09 -21.18
N TYR B 224 3.04 27.51 -20.05
CA TYR B 224 3.57 27.08 -18.76
C TYR B 224 3.41 25.57 -18.56
N ASN B 225 2.29 25.03 -19.03
CA ASN B 225 2.08 23.59 -18.95
C ASN B 225 3.17 22.86 -19.69
N LEU B 226 3.39 23.25 -20.95
CA LEU B 226 4.39 22.58 -21.76
C LEU B 226 5.79 22.73 -21.17
N ALA B 227 6.10 23.92 -20.65
CA ALA B 227 7.41 24.14 -20.03
C ALA B 227 7.59 23.26 -18.80
N ASP B 228 6.55 23.12 -17.98
CA ASP B 228 6.62 22.23 -16.83
C ASP B 228 6.77 20.78 -17.28
N PHE B 229 6.02 20.39 -18.31
CA PHE B 229 6.18 19.07 -18.91
C PHE B 229 7.65 18.78 -19.19
N VAL B 230 8.27 19.64 -19.99
CA VAL B 230 9.68 19.46 -20.35
C VAL B 230 10.55 19.43 -19.10
N ASN B 231 10.59 20.59 -18.37
CA ASN B 231 11.48 20.71 -17.20
C ASN B 231 11.22 19.82 -16.02
N LYS B 232 10.14 19.02 -16.08
CA LYS B 232 9.79 18.13 -14.97
C LYS B 232 9.81 16.64 -15.39
N ILE B 233 9.85 16.35 -16.70
CA ILE B 233 9.91 14.99 -17.20
C ILE B 233 11.27 14.69 -17.85
N LEU B 234 11.72 15.58 -18.73
CA LEU B 234 13.00 15.35 -19.42
C LEU B 234 14.16 15.38 -18.42
N PHE B 235 14.10 16.29 -17.44
CA PHE B 235 15.14 16.33 -16.42
C PHE B 235 15.22 15.02 -15.66
N GLY B 236 14.06 14.54 -15.19
CA GLY B 236 14.04 13.27 -14.47
C GLY B 236 14.48 12.10 -15.33
N LEU B 237 14.12 12.13 -16.61
CA LEU B 237 14.52 11.04 -17.50
C LEU B 237 16.02 11.05 -17.75
N ILE B 238 16.62 12.24 -17.88
CA ILE B 238 18.07 12.32 -18.02
C ILE B 238 18.76 11.79 -16.76
N ILE B 239 18.25 12.18 -15.59
CA ILE B 239 18.84 11.70 -14.34
C ILE B 239 18.70 10.18 -14.22
N TRP B 240 17.53 9.65 -14.57
CA TRP B 240 17.34 8.20 -14.53
C TRP B 240 18.26 7.49 -15.51
N ASN B 241 18.43 8.06 -16.70
CA ASN B 241 19.31 7.44 -17.70
C ASN B 241 20.74 7.36 -17.18
N VAL B 242 21.26 8.46 -16.64
CA VAL B 242 22.64 8.43 -16.15
C VAL B 242 22.76 7.52 -14.94
N ALA B 243 21.74 7.49 -14.08
CA ALA B 243 21.78 6.62 -12.91
C ALA B 243 21.82 5.16 -13.31
N VAL B 244 20.98 4.76 -14.26
CA VAL B 244 20.95 3.37 -14.71
C VAL B 244 22.26 3.02 -15.41
N LYS B 245 22.77 3.92 -16.25
CA LYS B 245 24.00 3.63 -16.97
C LYS B 245 25.19 3.50 -16.02
N GLU B 246 25.19 4.27 -14.92
CA GLU B 246 26.27 4.13 -13.95
C GLU B 246 26.10 2.87 -13.11
N SER B 247 24.91 2.62 -12.60
CA SER B 247 24.76 1.50 -11.69
C SER B 247 24.86 0.13 -12.34
N SER B 248 24.58 0.07 -13.63
CA SER B 248 24.63 -1.19 -14.36
C SER B 248 25.98 -1.86 -14.21
N ASN B 249 27.03 -1.07 -14.11
CA ASN B 249 28.38 -1.61 -13.97
C ASN B 249 28.38 -2.87 -13.12
N ALA B 250 27.68 -2.81 -11.96
CA ALA B 250 27.61 -3.98 -11.11
C ALA B 250 26.31 -4.72 -11.33
N ASP C 23 -25.30 0.09 -19.01
CA ASP C 23 -25.12 -0.19 -20.43
C ASP C 23 -26.24 -1.10 -20.95
N LEU C 24 -26.65 -0.87 -22.19
CA LEU C 24 -27.70 -1.68 -22.79
C LEU C 24 -27.20 -3.10 -23.06
N ASP C 25 -28.10 -4.06 -22.91
CA ASP C 25 -27.80 -5.47 -23.14
C ASP C 25 -28.40 -5.92 -24.47
N ALA C 26 -27.56 -6.52 -25.31
CA ALA C 26 -27.97 -7.02 -26.63
C ALA C 26 -28.57 -5.90 -27.49
N SER C 27 -28.07 -4.68 -27.33
CA SER C 27 -28.54 -3.56 -28.12
C SER C 27 -27.41 -2.79 -28.78
N ASP C 28 -26.27 -2.62 -28.11
CA ASP C 28 -25.12 -1.94 -28.69
C ASP C 28 -23.85 -2.61 -28.18
N TYR C 29 -22.89 -2.77 -29.08
CA TYR C 29 -21.62 -3.41 -28.73
C TYR C 29 -20.57 -2.42 -28.26
N THR C 30 -20.85 -1.12 -28.33
CA THR C 30 -19.88 -0.13 -27.86
C THR C 30 -19.62 -0.27 -26.37
N GLY C 31 -20.68 -0.41 -25.58
CA GLY C 31 -20.51 -0.58 -24.14
C GLY C 31 -19.82 -1.88 -23.79
N VAL C 32 -20.15 -2.96 -24.52
CA VAL C 32 -19.50 -4.24 -24.29
C VAL C 32 -18.01 -4.12 -24.56
N SER C 33 -17.65 -3.47 -25.68
CA SER C 33 -16.24 -3.28 -26.00
C SER C 33 -15.55 -2.42 -24.95
N PHE C 34 -16.22 -1.38 -24.47
CA PHE C 34 -15.63 -0.51 -23.45
C PHE C 34 -15.33 -1.31 -22.19
N TRP C 35 -16.30 -2.09 -21.71
CA TRP C 35 -16.08 -2.88 -20.50
C TRP C 35 -14.98 -3.92 -20.71
N LEU C 36 -15.00 -4.60 -21.85
CA LEU C 36 -14.01 -5.64 -22.12
C LEU C 36 -12.60 -5.05 -22.13
N VAL C 37 -12.36 -3.96 -22.81
CA VAL C 37 -11.03 -3.40 -22.90
C VAL C 37 -10.63 -2.64 -21.67
N THR C 38 -11.57 -2.18 -20.86
CA THR C 38 -11.20 -1.65 -19.55
C THR C 38 -10.70 -2.75 -18.63
N ALA C 39 -11.46 -3.84 -18.53
CA ALA C 39 -11.04 -4.93 -17.64
C ALA C 39 -9.73 -5.55 -18.11
N ALA C 40 -9.58 -5.77 -19.43
CA ALA C 40 -8.35 -6.35 -19.93
C ALA C 40 -7.15 -5.45 -19.67
N LEU C 41 -7.33 -4.13 -19.84
CA LEU C 41 -6.23 -3.22 -19.60
C LEU C 41 -5.84 -3.17 -18.14
N LEU C 42 -6.82 -3.22 -17.23
CA LEU C 42 -6.48 -3.27 -15.80
C LEU C 42 -5.73 -4.56 -15.48
N ALA C 43 -6.19 -5.69 -16.03
CA ALA C 43 -5.50 -6.95 -15.79
C ALA C 43 -4.07 -6.92 -16.31
N SER C 44 -3.87 -6.35 -17.51
CA SER C 44 -2.52 -6.27 -18.06
C SER C 44 -1.64 -5.32 -17.25
N THR C 45 -2.21 -4.22 -16.75
CA THR C 45 -1.45 -3.33 -15.89
C THR C 45 -0.96 -4.06 -14.65
N VAL C 46 -1.85 -4.76 -13.97
CA VAL C 46 -1.45 -5.50 -12.77
C VAL C 46 -0.42 -6.55 -13.12
N PHE C 47 -0.66 -7.24 -14.26
CA PHE C 47 0.26 -8.28 -14.69
C PHE C 47 1.66 -7.73 -14.89
N PHE C 48 1.79 -6.65 -15.61
CA PHE C 48 3.10 -6.12 -15.95
C PHE C 48 3.78 -5.47 -14.75
N PHE C 49 3.01 -4.91 -13.82
CA PHE C 49 3.64 -4.36 -12.63
C PHE C 49 4.00 -5.44 -11.61
N VAL C 50 3.40 -6.63 -11.71
CA VAL C 50 3.75 -7.70 -10.79
C VAL C 50 4.89 -8.56 -11.34
N GLU C 51 4.90 -8.82 -12.64
CA GLU C 51 5.92 -9.68 -13.24
C GLU C 51 7.29 -9.05 -13.28
N ARG C 52 7.55 -7.88 -12.70
CA ARG C 52 8.90 -7.34 -12.69
C ARG C 52 9.85 -8.15 -11.84
N ASP C 53 9.32 -9.01 -10.96
CA ASP C 53 10.18 -9.80 -10.08
C ASP C 53 11.00 -10.82 -10.88
N ARG C 54 10.38 -11.47 -11.87
CA ARG C 54 11.07 -12.51 -12.60
C ARG C 54 12.25 -11.97 -13.40
N VAL C 55 12.04 -10.87 -14.12
CA VAL C 55 13.07 -10.38 -15.04
C VAL C 55 14.26 -9.83 -14.25
N SER C 56 15.41 -9.80 -14.93
CA SER C 56 16.63 -9.31 -14.32
C SER C 56 16.59 -7.78 -14.22
N ALA C 57 17.70 -7.21 -13.74
CA ALA C 57 17.75 -5.76 -13.55
C ALA C 57 17.76 -5.02 -14.89
N LYS C 58 18.25 -5.65 -15.96
CA LYS C 58 18.28 -5.01 -17.25
C LYS C 58 16.87 -4.78 -17.80
N TRP C 59 15.98 -5.76 -17.62
CA TRP C 59 14.64 -5.72 -18.21
C TRP C 59 13.56 -5.29 -17.22
N LYS C 60 13.95 -4.76 -16.06
CA LYS C 60 12.95 -4.21 -15.13
C LYS C 60 12.40 -2.87 -15.58
N THR C 61 12.81 -2.39 -16.75
CA THR C 61 12.29 -1.14 -17.31
C THR C 61 11.25 -1.37 -18.40
N SER C 62 11.46 -2.37 -19.26
CA SER C 62 10.49 -2.65 -20.31
C SER C 62 9.13 -3.01 -19.73
N LEU C 63 9.12 -3.85 -18.69
CA LEU C 63 7.86 -4.19 -18.04
C LEU C 63 7.22 -2.97 -17.39
N THR C 64 8.03 -2.11 -16.77
CA THR C 64 7.49 -0.91 -16.14
C THR C 64 6.84 0.02 -17.17
N VAL C 65 7.49 0.20 -18.31
CA VAL C 65 6.93 1.08 -19.34
C VAL C 65 5.67 0.46 -19.94
N SER C 66 5.66 -0.85 -20.15
CA SER C 66 4.45 -1.50 -20.65
C SER C 66 3.31 -1.35 -19.66
N GLY C 67 3.58 -1.52 -18.37
CA GLY C 67 2.56 -1.32 -17.36
C GLY C 67 2.05 0.11 -17.34
N LEU C 68 2.94 1.08 -17.51
CA LEU C 68 2.51 2.47 -17.58
C LEU C 68 1.62 2.71 -18.79
N VAL C 69 1.96 2.12 -19.94
CA VAL C 69 1.12 2.26 -21.13
C VAL C 69 -0.27 1.74 -20.85
N THR C 70 -0.36 0.53 -20.31
CA THR C 70 -1.68 -0.06 -20.05
C THR C 70 -2.44 0.73 -19.00
N GLY C 71 -1.74 1.25 -17.97
CA GLY C 71 -2.42 2.02 -16.94
C GLY C 71 -2.97 3.32 -17.45
N ILE C 72 -2.20 4.04 -18.27
CA ILE C 72 -2.69 5.29 -18.86
C ILE C 72 -3.86 5.00 -19.78
N ALA C 73 -3.77 3.91 -20.55
CA ALA C 73 -4.89 3.52 -21.41
C ALA C 73 -6.14 3.25 -20.58
N PHE C 74 -5.99 2.54 -19.46
CA PHE C 74 -7.14 2.27 -18.59
C PHE C 74 -7.73 3.53 -18.01
N TRP C 75 -6.88 4.46 -17.58
CA TRP C 75 -7.34 5.75 -17.04
C TRP C 75 -8.17 6.50 -18.08
N HIS C 76 -7.61 6.67 -19.28
CA HIS C 76 -8.32 7.42 -20.31
C HIS C 76 -9.55 6.66 -20.79
N TYR C 77 -9.53 5.34 -20.70
CA TYR C 77 -10.71 4.56 -21.08
C TYR C 77 -11.83 4.73 -20.08
N MET C 78 -11.50 4.81 -18.78
CA MET C 78 -12.52 5.13 -17.80
C MET C 78 -13.11 6.51 -18.03
N TYR C 79 -12.26 7.49 -18.34
CA TYR C 79 -12.77 8.83 -18.63
C TYR C 79 -13.66 8.82 -19.88
N MET C 80 -13.26 8.09 -20.92
CA MET C 80 -14.06 8.03 -22.13
C MET C 80 -15.39 7.32 -21.89
N ARG C 81 -15.38 6.28 -21.06
CA ARG C 81 -16.64 5.61 -20.70
C ARG C 81 -17.55 6.58 -19.95
N GLY C 82 -17.00 7.36 -19.03
CA GLY C 82 -17.81 8.35 -18.35
C GLY C 82 -18.41 9.37 -19.31
N VAL C 83 -17.61 9.86 -20.26
CA VAL C 83 -18.11 10.81 -21.24
C VAL C 83 -19.20 10.17 -22.10
N TRP C 84 -18.99 8.93 -22.52
CA TRP C 84 -19.96 8.24 -23.37
C TRP C 84 -21.29 8.06 -22.63
N ILE C 85 -21.23 7.70 -21.34
CA ILE C 85 -22.45 7.60 -20.55
C ILE C 85 -23.12 8.98 -20.43
N GLU C 86 -22.32 10.02 -20.18
CA GLU C 86 -22.87 11.37 -20.09
C GLU C 86 -23.45 11.83 -21.42
N THR C 87 -22.75 11.55 -22.52
CA THR C 87 -23.21 11.97 -23.84
C THR C 87 -22.85 10.90 -24.85
N GLY C 88 -23.84 10.46 -25.63
CA GLY C 88 -23.64 9.40 -26.60
C GLY C 88 -23.06 9.88 -27.92
N ASP C 89 -21.78 10.27 -27.90
CA ASP C 89 -21.10 10.75 -29.10
C ASP C 89 -19.68 10.19 -29.09
N SER C 90 -18.83 10.74 -29.96
CA SER C 90 -17.46 10.28 -30.07
C SER C 90 -16.52 11.34 -29.53
N PRO C 91 -16.02 11.21 -28.30
CA PRO C 91 -15.04 12.17 -27.76
C PRO C 91 -13.62 11.86 -28.22
N THR C 92 -13.35 12.13 -29.49
CA THR C 92 -12.05 11.80 -30.07
C THR C 92 -10.91 12.61 -29.44
N VAL C 93 -11.23 13.69 -28.73
CA VAL C 93 -10.19 14.46 -28.05
C VAL C 93 -9.52 13.61 -26.98
N PHE C 94 -10.31 12.89 -26.19
CA PHE C 94 -9.73 12.00 -25.19
C PHE C 94 -8.94 10.87 -25.83
N ARG C 95 -9.42 10.37 -26.98
CA ARG C 95 -8.68 9.34 -27.70
C ARG C 95 -7.33 9.86 -28.14
N TYR C 96 -7.27 11.09 -28.63
CA TYR C 96 -5.99 11.63 -29.08
C TYR C 96 -5.08 11.97 -27.90
N ILE C 97 -5.66 12.34 -26.75
CA ILE C 97 -4.84 12.50 -25.55
C ILE C 97 -4.21 11.17 -25.16
N ASP C 98 -5.01 10.10 -25.19
CA ASP C 98 -4.51 8.78 -24.87
C ASP C 98 -3.42 8.35 -25.85
N TRP C 99 -3.63 8.59 -27.13
CA TRP C 99 -2.61 8.24 -28.13
C TRP C 99 -1.35 9.06 -27.92
N LEU C 100 -1.49 10.35 -27.63
CA LEU C 100 -0.34 11.20 -27.42
C LEU C 100 0.47 10.78 -26.20
N LEU C 101 -0.19 10.23 -25.19
CA LEU C 101 0.55 9.78 -24.01
C LEU C 101 0.93 8.31 -24.03
N THR C 102 0.49 7.54 -25.02
CA THR C 102 0.86 6.12 -25.08
C THR C 102 1.76 5.75 -26.24
N VAL C 103 1.60 6.39 -27.42
CA VAL C 103 2.45 6.05 -28.56
C VAL C 103 3.93 6.30 -28.28
N PRO C 104 4.35 7.41 -27.67
CA PRO C 104 5.79 7.58 -27.39
C PRO C 104 6.38 6.45 -26.56
N LEU C 105 5.66 5.96 -25.55
CA LEU C 105 6.18 4.87 -24.73
C LEU C 105 6.26 3.56 -25.51
N LEU C 106 5.21 3.26 -26.29
CA LEU C 106 5.23 2.04 -27.09
C LEU C 106 6.36 2.06 -28.11
N ILE C 107 6.63 3.23 -28.71
CA ILE C 107 7.70 3.31 -29.69
C ILE C 107 9.08 3.39 -29.04
N CYS C 108 9.16 3.84 -27.78
CA CYS C 108 10.44 3.82 -27.07
C CYS C 108 10.72 2.46 -26.46
N GLU C 109 9.72 1.57 -26.42
CA GLU C 109 9.99 0.18 -26.05
C GLU C 109 11.06 -0.45 -26.93
N PHE C 110 11.10 -0.07 -28.21
CA PHE C 110 12.18 -0.55 -29.09
C PHE C 110 13.54 -0.12 -28.55
N TYR C 111 13.69 1.15 -28.22
CA TYR C 111 14.96 1.65 -27.68
C TYR C 111 15.29 0.95 -26.37
N LEU C 112 14.28 0.72 -25.53
CA LEU C 112 14.53 0.08 -24.24
C LEU C 112 15.03 -1.35 -24.40
N ILE C 113 14.37 -2.14 -25.27
CA ILE C 113 14.83 -3.51 -25.45
C ILE C 113 16.19 -3.54 -26.15
N LEU C 114 16.45 -2.61 -27.06
CA LEU C 114 17.77 -2.58 -27.70
C LEU C 114 18.86 -2.22 -26.69
N ALA C 115 18.58 -1.29 -25.78
CA ALA C 115 19.55 -0.95 -24.75
C ALA C 115 19.74 -2.11 -23.77
N ALA C 116 18.68 -2.85 -23.47
CA ALA C 116 18.80 -4.00 -22.59
C ALA C 116 19.49 -5.18 -23.25
N ALA C 117 19.51 -5.24 -24.59
CA ALA C 117 20.15 -6.33 -25.29
C ALA C 117 21.52 -5.99 -25.84
N THR C 118 21.73 -4.74 -26.27
CA THR C 118 23.02 -4.31 -26.81
C THR C 118 23.21 -2.84 -26.47
N ASN C 119 24.17 -2.20 -27.13
CA ASN C 119 24.48 -0.81 -26.90
C ASN C 119 23.89 0.06 -28.01
N VAL C 120 23.20 1.13 -27.61
CA VAL C 120 22.56 2.05 -28.53
C VAL C 120 23.00 3.46 -28.18
N ALA C 121 23.31 4.26 -29.21
CA ALA C 121 23.82 5.60 -28.98
C ALA C 121 22.82 6.48 -28.23
N GLY C 122 21.55 6.38 -28.59
CA GLY C 122 20.49 7.17 -27.96
C GLY C 122 19.73 8.07 -28.91
N SER C 123 20.30 8.39 -30.07
CA SER C 123 19.59 9.21 -31.04
C SER C 123 18.36 8.50 -31.61
N LEU C 124 18.34 7.16 -31.56
CA LEU C 124 17.18 6.43 -32.04
C LEU C 124 15.93 6.78 -31.25
N PHE C 125 16.06 6.83 -29.92
CA PHE C 125 14.92 7.20 -29.08
C PHE C 125 14.49 8.63 -29.38
N LYS C 126 15.45 9.54 -29.56
CA LYS C 126 15.12 10.93 -29.84
C LYS C 126 14.32 11.04 -31.13
N LYS C 127 14.80 10.41 -32.21
CA LYS C 127 14.12 10.53 -33.50
C LYS C 127 12.77 9.82 -33.47
N LEU C 128 12.69 8.68 -32.76
CA LEU C 128 11.41 8.00 -32.63
C LEU C 128 10.40 8.90 -31.93
N LEU C 129 10.78 9.47 -30.81
CA LEU C 129 9.89 10.33 -30.04
C LEU C 129 9.46 11.53 -30.86
N VAL C 130 10.40 12.17 -31.57
CA VAL C 130 10.06 13.34 -32.37
C VAL C 130 9.06 12.96 -33.46
N GLY C 131 9.34 11.86 -34.17
CA GLY C 131 8.45 11.45 -35.25
C GLY C 131 7.05 11.12 -34.74
N SER C 132 6.97 10.37 -33.64
CA SER C 132 5.67 9.99 -33.10
C SER C 132 4.88 11.21 -32.62
N LEU C 133 5.55 12.13 -31.91
CA LEU C 133 4.86 13.32 -31.44
C LEU C 133 4.40 14.18 -32.60
N VAL C 134 5.22 14.34 -33.63
CA VAL C 134 4.82 15.14 -34.79
C VAL C 134 3.62 14.50 -35.47
N MET C 135 3.66 13.18 -35.66
CA MET C 135 2.55 12.49 -36.31
C MET C 135 1.26 12.66 -35.52
N LEU C 136 1.20 12.43 -34.30
CA LEU C 136 -0.06 12.59 -33.63
C LEU C 136 -0.48 14.06 -33.69
N VAL C 137 0.48 15.01 -33.26
CA VAL C 137 0.02 16.40 -33.26
C VAL C 137 -0.65 16.75 -34.58
N PHE C 138 -0.05 16.32 -35.70
CA PHE C 138 -0.66 16.59 -37.00
C PHE C 138 -2.00 15.87 -37.14
N GLY C 139 -2.10 14.64 -36.64
CA GLY C 139 -3.38 13.96 -36.66
C GLY C 139 -4.44 14.65 -35.83
N TYR C 140 -4.05 15.14 -34.65
CA TYR C 140 -4.99 15.89 -33.81
C TYR C 140 -5.45 17.16 -34.51
N MET C 141 -4.52 17.88 -35.14
CA MET C 141 -4.88 19.11 -35.85
C MET C 141 -5.80 18.81 -37.02
N GLY C 142 -5.55 17.71 -37.74
CA GLY C 142 -6.45 17.33 -38.82
C GLY C 142 -7.84 16.96 -38.33
N GLU C 143 -7.86 16.26 -37.16
CA GLU C 143 -9.13 15.89 -36.56
C GLU C 143 -9.92 17.12 -36.13
N ALA C 144 -9.27 18.06 -35.51
CA ALA C 144 -9.89 19.26 -35.00
C ALA C 144 -10.21 20.29 -36.08
N GLY C 145 -9.65 20.12 -37.28
CA GLY C 145 -9.90 21.06 -38.35
C GLY C 145 -9.09 22.34 -38.30
N ILE C 146 -8.02 22.38 -37.50
CA ILE C 146 -7.18 23.57 -37.45
C ILE C 146 -6.53 23.80 -38.81
N MET C 147 -6.01 22.75 -39.43
CA MET C 147 -5.48 22.79 -40.78
C MET C 147 -6.31 21.88 -41.68
N ALA C 148 -6.02 21.95 -42.97
CA ALA C 148 -6.71 21.09 -43.92
C ALA C 148 -6.41 19.63 -43.64
N ALA C 149 -7.43 18.78 -43.80
CA ALA C 149 -7.32 17.39 -43.38
C ALA C 149 -6.27 16.63 -44.19
N TRP C 150 -6.27 16.83 -45.51
CA TRP C 150 -5.37 16.07 -46.38
C TRP C 150 -3.89 16.36 -46.11
N PRO C 151 -3.44 17.62 -46.01
CA PRO C 151 -2.03 17.85 -45.66
C PRO C 151 -1.63 17.24 -44.32
N ALA C 152 -2.51 17.32 -43.31
CA ALA C 152 -2.20 16.72 -42.02
C ALA C 152 -2.08 15.20 -42.12
N PHE C 153 -2.99 14.58 -42.88
CA PHE C 153 -2.93 13.14 -43.10
C PHE C 153 -1.63 12.76 -43.81
N ILE C 154 -1.24 13.54 -44.82
CA ILE C 154 0.00 13.26 -45.55
C ILE C 154 1.20 13.39 -44.64
N ILE C 155 1.24 14.42 -43.80
CA ILE C 155 2.37 14.61 -42.89
C ILE C 155 2.43 13.47 -41.89
N GLY C 156 1.28 13.06 -41.35
CA GLY C 156 1.27 11.94 -40.43
C GLY C 156 1.74 10.64 -41.06
N CYS C 157 1.29 10.38 -42.29
CA CYS C 157 1.74 9.18 -43.00
C CYS C 157 3.23 9.24 -43.27
N LEU C 158 3.75 10.42 -43.64
CA LEU C 158 5.18 10.56 -43.88
C LEU C 158 5.98 10.29 -42.62
N ALA C 159 5.53 10.83 -41.48
CA ALA C 159 6.23 10.57 -40.23
C ALA C 159 6.18 9.09 -39.86
N TRP C 160 5.02 8.46 -40.07
CA TRP C 160 4.89 7.04 -39.79
C TRP C 160 5.85 6.22 -40.65
N VAL C 161 5.92 6.53 -41.94
CA VAL C 161 6.80 5.80 -42.85
C VAL C 161 8.26 6.07 -42.50
N TYR C 162 8.59 7.29 -42.08
CA TYR C 162 9.95 7.59 -41.65
C TYR C 162 10.34 6.75 -40.44
N MET C 163 9.44 6.65 -39.45
CA MET C 163 9.74 5.82 -38.28
C MET C 163 9.85 4.35 -38.66
N ILE C 164 8.99 3.88 -39.56
CA ILE C 164 9.07 2.49 -40.02
C ILE C 164 10.41 2.23 -40.71
N TYR C 165 10.86 3.17 -41.54
CA TYR C 165 12.16 3.02 -42.20
C TYR C 165 13.29 3.02 -41.19
N GLU C 166 13.21 3.90 -40.19
CA GLU C 166 14.27 3.97 -39.19
C GLU C 166 14.35 2.67 -38.39
N LEU C 167 13.22 2.04 -38.11
CA LEU C 167 13.22 0.81 -37.34
C LEU C 167 13.26 -0.42 -38.21
N TRP C 168 13.29 -0.25 -39.52
CA TRP C 168 13.34 -1.36 -40.46
C TRP C 168 14.62 -1.43 -41.26
N ALA C 169 15.21 -0.28 -41.61
CA ALA C 169 16.46 -0.27 -42.36
C ALA C 169 17.44 0.78 -41.87
N GLY C 170 17.13 1.51 -40.81
CA GLY C 170 18.01 2.55 -40.32
C GLY C 170 18.80 2.16 -39.09
N GLU C 171 18.83 3.07 -38.10
CA GLU C 171 19.58 2.79 -36.88
C GLU C 171 18.98 1.62 -36.11
N GLY C 172 17.65 1.52 -36.09
CA GLY C 172 17.00 0.42 -35.38
C GLY C 172 17.36 -0.93 -35.95
N LYS C 173 17.34 -1.07 -37.29
CA LYS C 173 17.73 -2.32 -37.92
C LYS C 173 19.19 -2.64 -37.64
N SER C 174 20.06 -1.63 -37.70
CA SER C 174 21.48 -1.87 -37.43
C SER C 174 21.70 -2.35 -36.01
N ALA C 175 21.00 -1.76 -35.05
CA ALA C 175 21.10 -2.23 -33.67
C ALA C 175 20.52 -3.62 -33.51
N CYS C 176 19.45 -3.93 -34.25
CA CYS C 176 18.84 -5.26 -34.17
C CYS C 176 19.73 -6.32 -34.77
N ASN C 177 20.60 -5.95 -35.71
CA ASN C 177 21.49 -6.93 -36.32
C ASN C 177 22.42 -7.58 -35.30
N THR C 178 22.92 -6.79 -34.34
CA THR C 178 23.80 -7.31 -33.30
C THR C 178 22.97 -7.49 -32.02
N ALA C 179 22.31 -8.64 -31.93
CA ALA C 179 21.48 -8.95 -30.79
C ALA C 179 21.28 -10.46 -30.70
N SER C 180 20.80 -10.90 -29.54
CA SER C 180 20.51 -12.31 -29.34
C SER C 180 19.31 -12.73 -30.17
N PRO C 181 19.20 -14.03 -30.53
CA PRO C 181 18.09 -14.45 -31.39
C PRO C 181 16.71 -14.18 -30.81
N ALA C 182 16.53 -14.31 -29.49
CA ALA C 182 15.24 -14.03 -28.89
C ALA C 182 14.88 -12.56 -29.03
N VAL C 183 15.86 -11.67 -28.79
CA VAL C 183 15.61 -10.24 -28.93
C VAL C 183 15.30 -9.90 -30.39
N GLN C 184 16.01 -10.53 -31.33
CA GLN C 184 15.74 -10.27 -32.74
C GLN C 184 14.34 -10.74 -33.13
N SER C 185 13.92 -11.90 -32.63
CA SER C 185 12.57 -12.38 -32.91
C SER C 185 11.52 -11.45 -32.34
N ALA C 186 11.74 -10.97 -31.10
CA ALA C 186 10.82 -10.02 -30.51
C ALA C 186 10.78 -8.72 -31.31
N TYR C 187 11.94 -8.27 -31.78
CA TYR C 187 12.00 -7.05 -32.59
C TYR C 187 11.21 -7.21 -33.88
N ASN C 188 11.36 -8.36 -34.54
CA ASN C 188 10.61 -8.62 -35.78
C ASN C 188 9.12 -8.67 -35.50
N THR C 189 8.71 -9.33 -34.42
CA THR C 189 7.29 -9.40 -34.09
C THR C 189 6.72 -8.01 -33.79
N MET C 190 7.46 -7.20 -33.03
CA MET C 190 7.02 -5.84 -32.73
C MET C 190 6.96 -4.98 -33.99
N MET C 191 7.91 -5.16 -34.90
CA MET C 191 7.87 -4.44 -36.17
C MET C 191 6.64 -4.82 -36.98
N TYR C 192 6.32 -6.12 -37.02
CA TYR C 192 5.12 -6.55 -37.73
C TYR C 192 3.87 -5.97 -37.09
N ILE C 193 3.82 -5.92 -35.77
CA ILE C 193 2.69 -5.32 -35.08
C ILE C 193 2.56 -3.84 -35.45
N ILE C 194 3.70 -3.12 -35.42
CA ILE C 194 3.69 -1.70 -35.76
C ILE C 194 3.17 -1.50 -37.18
N ILE C 195 3.62 -2.32 -38.11
CA ILE C 195 3.21 -2.16 -39.50
C ILE C 195 1.72 -2.46 -39.68
N PHE C 196 1.23 -3.52 -39.05
CA PHE C 196 -0.12 -4.00 -39.34
C PHE C 196 -1.18 -3.42 -38.41
N GLY C 197 -1.04 -3.67 -37.10
CA GLY C 197 -2.09 -3.28 -36.18
C GLY C 197 -2.26 -1.79 -36.06
N TRP C 198 -1.16 -1.04 -36.08
CA TRP C 198 -1.24 0.41 -35.99
C TRP C 198 -1.88 1.03 -37.22
N ALA C 199 -1.95 0.31 -38.34
CA ALA C 199 -2.55 0.85 -39.55
C ALA C 199 -4.05 1.05 -39.44
N ILE C 200 -4.69 0.50 -38.41
CA ILE C 200 -6.13 0.67 -38.25
C ILE C 200 -6.49 2.13 -38.04
N TYR C 201 -5.73 2.82 -37.19
CA TYR C 201 -6.06 4.20 -36.85
C TYR C 201 -6.02 5.15 -38.04
N PRO C 202 -4.97 5.17 -38.88
CA PRO C 202 -5.05 6.01 -40.09
C PRO C 202 -6.17 5.57 -41.03
N VAL C 203 -6.49 4.28 -41.07
CA VAL C 203 -7.62 3.82 -41.89
C VAL C 203 -8.92 4.40 -41.37
N GLY C 204 -9.11 4.39 -40.05
CA GLY C 204 -10.28 5.02 -39.47
C GLY C 204 -10.33 6.52 -39.73
N TYR C 205 -9.18 7.18 -39.65
CA TYR C 205 -9.13 8.61 -39.95
C TYR C 205 -9.53 8.89 -41.38
N PHE C 206 -9.02 8.09 -42.32
CA PHE C 206 -9.38 8.25 -43.73
C PHE C 206 -10.87 7.99 -43.95
N THR C 207 -11.41 6.97 -43.27
CA THR C 207 -12.83 6.68 -43.38
C THR C 207 -13.68 7.84 -42.87
N GLY C 208 -13.29 8.43 -41.74
CA GLY C 208 -14.03 9.55 -41.20
C GLY C 208 -13.76 10.89 -41.85
N TYR C 209 -12.74 10.97 -42.71
CA TYR C 209 -12.37 12.22 -43.39
C TYR C 209 -12.10 11.88 -44.85
N LEU C 210 -13.12 12.00 -45.68
CA LEU C 210 -13.00 11.69 -47.10
C LEU C 210 -14.08 12.41 -47.90
N ASN C 219 -19.72 2.56 -34.63
CA ASN C 219 -19.20 1.63 -35.62
C ASN C 219 -17.68 1.73 -35.73
N LEU C 220 -17.14 2.85 -35.27
CA LEU C 220 -15.69 3.06 -35.25
C LEU C 220 -15.08 2.84 -33.88
N ASN C 221 -15.81 3.15 -32.81
CA ASN C 221 -15.27 2.97 -31.47
C ASN C 221 -14.99 1.51 -31.16
N LEU C 222 -15.82 0.59 -31.68
CA LEU C 222 -15.55 -0.82 -31.49
C LEU C 222 -14.22 -1.23 -32.13
N ILE C 223 -13.98 -0.78 -33.36
CA ILE C 223 -12.74 -1.08 -34.04
C ILE C 223 -11.55 -0.49 -33.29
N TYR C 224 -11.70 0.77 -32.83
CA TYR C 224 -10.62 1.40 -32.09
C TYR C 224 -10.34 0.67 -30.78
N ASN C 225 -11.39 0.21 -30.11
CA ASN C 225 -11.23 -0.54 -28.88
C ASN C 225 -10.43 -1.80 -29.15
N LEU C 226 -10.86 -2.58 -30.13
CA LEU C 226 -10.16 -3.82 -30.45
C LEU C 226 -8.71 -3.55 -30.81
N ALA C 227 -8.46 -2.49 -31.58
CA ALA C 227 -7.09 -2.14 -31.95
C ALA C 227 -6.26 -1.78 -30.73
N ASP C 228 -6.85 -1.02 -29.79
CA ASP C 228 -6.13 -0.70 -28.56
C ASP C 228 -5.83 -1.94 -27.74
N PHE C 229 -6.82 -2.83 -27.61
CA PHE C 229 -6.60 -4.12 -26.97
C PHE C 229 -5.36 -4.81 -27.55
N VAL C 230 -5.36 -4.99 -28.86
CA VAL C 230 -4.23 -5.67 -29.52
C VAL C 230 -2.94 -4.93 -29.25
N ASN C 231 -2.85 -3.67 -29.69
CA ASN C 231 -1.60 -2.93 -29.68
C ASN C 231 -1.10 -2.59 -28.30
N LYS C 232 -1.93 -2.77 -27.27
CA LYS C 232 -1.55 -2.44 -25.88
C LYS C 232 -1.38 -3.67 -24.99
N ILE C 233 -1.83 -4.85 -25.42
CA ILE C 233 -1.69 -6.08 -24.67
C ILE C 233 -0.73 -7.05 -25.34
N LEU C 234 -0.91 -7.28 -26.65
CA LEU C 234 -0.01 -8.19 -27.36
C LEU C 234 1.41 -7.65 -27.38
N PHE C 235 1.56 -6.33 -27.58
CA PHE C 235 2.88 -5.71 -27.54
C PHE C 235 3.56 -5.96 -26.20
N GLY C 236 2.86 -5.67 -25.11
CA GLY C 236 3.42 -5.86 -23.79
C GLY C 236 3.73 -7.32 -23.49
N LEU C 237 2.86 -8.23 -23.97
CA LEU C 237 3.09 -9.65 -23.73
C LEU C 237 4.32 -10.14 -24.49
N ILE C 238 4.52 -9.66 -25.72
CA ILE C 238 5.73 -10.01 -26.46
C ILE C 238 6.96 -9.51 -25.72
N ILE C 239 6.91 -8.27 -25.23
CA ILE C 239 8.06 -7.72 -24.50
C ILE C 239 8.31 -8.53 -23.23
N TRP C 240 7.25 -8.88 -22.50
CA TRP C 240 7.42 -9.68 -21.29
C TRP C 240 8.01 -11.04 -21.60
N ASN C 241 7.54 -11.68 -22.68
CA ASN C 241 8.04 -13.00 -23.04
C ASN C 241 9.53 -12.94 -23.36
N VAL C 242 9.95 -11.95 -24.15
CA VAL C 242 11.36 -11.87 -24.50
C VAL C 242 12.20 -11.52 -23.27
N ALA C 243 11.67 -10.66 -22.39
CA ALA C 243 12.40 -10.29 -21.19
C ALA C 243 12.60 -11.50 -20.28
N VAL C 244 11.55 -12.30 -20.09
CA VAL C 244 11.65 -13.48 -19.24
C VAL C 244 12.59 -14.50 -19.86
N LYS C 245 12.51 -14.68 -21.19
CA LYS C 245 13.40 -15.63 -21.85
C LYS C 245 14.85 -15.21 -21.72
N GLU C 246 15.14 -13.91 -21.82
CA GLU C 246 16.50 -13.43 -21.67
C GLU C 246 16.99 -13.57 -20.23
N SER C 247 16.19 -13.16 -19.26
CA SER C 247 16.71 -13.14 -17.90
C SER C 247 16.81 -14.47 -17.23
N SER C 248 15.86 -15.34 -17.43
CA SER C 248 15.89 -16.60 -16.69
C SER C 248 17.12 -17.40 -17.02
N ASN C 249 17.65 -17.21 -18.22
CA ASN C 249 18.86 -17.90 -18.61
C ASN C 249 19.89 -17.77 -17.50
N ALA C 250 20.09 -16.56 -17.02
CA ALA C 250 21.07 -16.33 -15.97
C ALA C 250 20.59 -16.94 -14.66
N ASP D 23 -22.19 3.22 21.73
CA ASP D 23 -23.23 2.29 22.16
C ASP D 23 -23.66 2.59 23.58
N LEU D 24 -24.58 1.78 24.10
CA LEU D 24 -25.05 1.96 25.47
C LEU D 24 -24.01 1.43 26.46
N ASP D 25 -24.13 1.89 27.70
CA ASP D 25 -23.21 1.52 28.77
C ASP D 25 -23.94 0.63 29.77
N ALA D 26 -23.40 -0.58 29.97
CA ALA D 26 -23.91 -1.53 30.95
C ALA D 26 -25.40 -1.83 30.74
N SER D 27 -25.83 -1.84 29.49
CA SER D 27 -27.23 -2.16 29.18
C SER D 27 -27.31 -3.24 28.12
N ASP D 28 -26.32 -3.31 27.24
CA ASP D 28 -26.26 -4.31 26.19
C ASP D 28 -24.87 -4.92 26.14
N TYR D 29 -24.82 -6.24 25.99
CA TYR D 29 -23.56 -6.96 25.87
C TYR D 29 -23.33 -7.47 24.46
N THR D 30 -24.17 -7.09 23.50
CA THR D 30 -24.02 -7.52 22.12
C THR D 30 -23.10 -6.57 21.34
N GLY D 31 -23.34 -5.27 21.42
CA GLY D 31 -22.48 -4.33 20.72
C GLY D 31 -21.05 -4.34 21.24
N VAL D 32 -20.88 -4.51 22.55
CA VAL D 32 -19.55 -4.63 23.12
C VAL D 32 -18.82 -5.82 22.54
N SER D 33 -19.51 -6.97 22.48
CA SER D 33 -18.90 -8.16 21.90
C SER D 33 -18.58 -7.96 20.42
N PHE D 34 -19.47 -7.32 19.68
CA PHE D 34 -19.23 -7.06 18.26
C PHE D 34 -17.97 -6.23 18.08
N TRP D 35 -17.87 -5.11 18.81
CA TRP D 35 -16.69 -4.26 18.67
C TRP D 35 -15.42 -4.98 19.11
N LEU D 36 -15.48 -5.70 20.23
CA LEU D 36 -14.32 -6.42 20.72
C LEU D 36 -13.82 -7.43 19.69
N VAL D 37 -14.73 -8.23 19.14
CA VAL D 37 -14.33 -9.27 18.20
C VAL D 37 -13.85 -8.65 16.90
N THR D 38 -14.49 -7.58 16.44
CA THR D 38 -14.05 -6.93 15.20
C THR D 38 -12.64 -6.39 15.34
N ALA D 39 -12.36 -5.69 16.45
CA ALA D 39 -11.03 -5.15 16.66
C ALA D 39 -10.00 -6.27 16.81
N ALA D 40 -10.35 -7.33 17.53
CA ALA D 40 -9.42 -8.44 17.69
C ALA D 40 -9.13 -9.11 16.36
N LEU D 41 -10.15 -9.29 15.51
CA LEU D 41 -9.93 -9.92 14.21
C LEU D 41 -9.07 -9.06 13.31
N LEU D 42 -9.29 -7.74 13.31
CA LEU D 42 -8.42 -6.86 12.51
C LEU D 42 -6.98 -6.93 13.02
N ALA D 43 -6.80 -6.90 14.33
CA ALA D 43 -5.45 -6.98 14.89
C ALA D 43 -4.79 -8.30 14.52
N SER D 44 -5.52 -9.42 14.60
CA SER D 44 -4.95 -10.71 14.26
C SER D 44 -4.64 -10.82 12.78
N THR D 45 -5.49 -10.23 11.93
CA THR D 45 -5.20 -10.22 10.49
C THR D 45 -3.89 -9.49 10.21
N VAL D 46 -3.73 -8.30 10.79
CA VAL D 46 -2.49 -7.56 10.59
C VAL D 46 -1.31 -8.35 11.15
N PHE D 47 -1.63 -8.98 12.36
CA PHE D 47 -0.59 -9.77 13.02
C PHE D 47 -0.06 -10.86 12.09
N PHE D 48 -0.89 -11.62 11.51
CA PHE D 48 -0.51 -12.78 10.70
C PHE D 48 0.01 -12.37 9.33
N PHE D 49 -0.46 -11.27 8.77
CA PHE D 49 0.10 -10.81 7.51
C PHE D 49 1.45 -10.12 7.70
N VAL D 50 1.80 -9.74 8.92
CA VAL D 50 3.11 -9.17 9.18
C VAL D 50 4.12 -10.23 9.60
N GLU D 51 3.68 -11.25 10.36
CA GLU D 51 4.59 -12.26 10.87
C GLU D 51 5.02 -13.29 9.83
N ARG D 52 4.60 -13.13 8.58
CA ARG D 52 5.06 -14.05 7.53
C ARG D 52 6.54 -13.91 7.25
N ASP D 53 7.17 -12.81 7.69
CA ASP D 53 8.58 -12.60 7.43
C ASP D 53 9.49 -13.44 8.31
N ARG D 54 9.02 -13.84 9.50
CA ARG D 54 9.87 -14.63 10.38
C ARG D 54 10.00 -16.07 9.90
N VAL D 55 8.91 -16.67 9.46
CA VAL D 55 8.92 -18.10 9.16
C VAL D 55 9.69 -18.37 7.87
N SER D 56 10.06 -19.63 7.69
CA SER D 56 10.81 -20.05 6.51
C SER D 56 9.86 -20.22 5.33
N ALA D 57 10.35 -20.82 4.25
CA ALA D 57 9.53 -20.97 3.05
C ALA D 57 8.39 -21.97 3.27
N LYS D 58 8.60 -22.98 4.11
CA LYS D 58 7.57 -23.98 4.32
C LYS D 58 6.33 -23.40 4.99
N TRP D 59 6.52 -22.52 5.96
CA TRP D 59 5.41 -22.03 6.79
C TRP D 59 4.95 -20.63 6.42
N LYS D 60 5.20 -20.20 5.18
CA LYS D 60 4.65 -18.94 4.70
C LYS D 60 3.26 -19.11 4.12
N THR D 61 2.68 -20.30 4.23
CA THR D 61 1.29 -20.56 3.88
C THR D 61 0.41 -20.78 5.09
N SER D 62 0.92 -21.45 6.12
CA SER D 62 0.15 -21.66 7.34
C SER D 62 -0.18 -20.35 8.04
N LEU D 63 0.54 -19.27 7.74
CA LEU D 63 0.20 -17.96 8.26
C LEU D 63 -0.73 -17.20 7.32
N THR D 64 -0.53 -17.33 6.01
CA THR D 64 -1.39 -16.64 5.05
C THR D 64 -2.83 -17.13 5.15
N VAL D 65 -3.02 -18.43 5.31
CA VAL D 65 -4.38 -18.97 5.39
C VAL D 65 -5.08 -18.49 6.66
N SER D 66 -4.37 -18.47 7.78
CA SER D 66 -4.97 -17.97 9.01
C SER D 66 -5.27 -16.48 8.90
N GLY D 67 -4.39 -15.71 8.27
CA GLY D 67 -4.68 -14.31 8.04
C GLY D 67 -5.90 -14.10 7.19
N LEU D 68 -6.06 -14.93 6.15
CA LEU D 68 -7.27 -14.85 5.32
C LEU D 68 -8.51 -15.21 6.13
N VAL D 69 -8.41 -16.22 6.99
CA VAL D 69 -9.54 -16.60 7.84
C VAL D 69 -9.98 -15.42 8.68
N THR D 70 -9.01 -14.79 9.36
CA THR D 70 -9.36 -13.68 10.24
C THR D 70 -9.87 -12.48 9.44
N GLY D 71 -9.30 -12.23 8.26
CA GLY D 71 -9.78 -11.12 7.44
C GLY D 71 -11.20 -11.31 6.96
N ILE D 72 -11.53 -12.51 6.47
CA ILE D 72 -12.89 -12.80 6.05
C ILE D 72 -13.85 -12.69 7.22
N ALA D 73 -13.45 -13.21 8.37
CA ALA D 73 -14.29 -13.11 9.56
C ALA D 73 -14.52 -11.66 9.95
N PHE D 74 -13.47 -10.83 9.86
CA PHE D 74 -13.61 -9.41 10.18
C PHE D 74 -14.55 -8.72 9.22
N TRP D 75 -14.44 -9.02 7.92
CA TRP D 75 -15.33 -8.43 6.91
C TRP D 75 -16.77 -8.78 7.20
N HIS D 76 -17.05 -10.06 7.43
CA HIS D 76 -18.42 -10.49 7.66
C HIS D 76 -18.93 -9.99 9.01
N TYR D 77 -18.03 -9.78 9.98
CA TYR D 77 -18.43 -9.18 11.24
C TYR D 77 -18.80 -7.72 11.05
N MET D 78 -18.08 -7.00 10.20
CA MET D 78 -18.47 -5.63 9.87
C MET D 78 -19.85 -5.60 9.23
N TYR D 79 -20.11 -6.51 8.29
CA TYR D 79 -21.42 -6.57 7.66
C TYR D 79 -22.52 -6.90 8.68
N MET D 80 -22.25 -7.85 9.58
CA MET D 80 -23.23 -8.20 10.60
C MET D 80 -23.48 -7.04 11.56
N ARG D 81 -22.42 -6.28 11.90
CA ARG D 81 -22.60 -5.10 12.73
C ARG D 81 -23.48 -4.06 12.02
N GLY D 82 -23.25 -3.87 10.72
CA GLY D 82 -24.10 -2.96 9.97
C GLY D 82 -25.56 -3.40 9.95
N VAL D 83 -25.79 -4.69 9.76
CA VAL D 83 -27.16 -5.21 9.77
C VAL D 83 -27.79 -5.04 11.16
N TRP D 84 -27.01 -5.29 12.22
CA TRP D 84 -27.51 -5.13 13.58
C TRP D 84 -27.89 -3.68 13.85
N ILE D 85 -27.07 -2.73 13.38
CA ILE D 85 -27.41 -1.32 13.52
C ILE D 85 -28.69 -1.02 12.75
N GLU D 86 -28.81 -1.56 11.54
CA GLU D 86 -30.02 -1.35 10.75
C GLU D 86 -31.25 -1.94 11.44
N THR D 87 -31.13 -3.16 11.97
CA THR D 87 -32.23 -3.83 12.64
C THR D 87 -31.69 -4.70 13.76
N GLY D 88 -32.34 -4.63 14.92
CA GLY D 88 -31.90 -5.37 16.08
C GLY D 88 -32.31 -6.82 16.09
N ASP D 89 -31.80 -7.60 15.13
CA ASP D 89 -32.09 -9.03 15.04
C ASP D 89 -30.80 -9.77 14.70
N SER D 90 -30.91 -11.09 14.59
CA SER D 90 -29.76 -11.94 14.35
C SER D 90 -29.83 -12.54 12.95
N PRO D 91 -29.08 -12.01 11.98
CA PRO D 91 -29.03 -12.59 10.61
C PRO D 91 -28.09 -13.77 10.53
N THR D 92 -28.60 -14.94 10.92
CA THR D 92 -27.78 -16.16 10.96
C THR D 92 -27.29 -16.56 9.57
N VAL D 93 -27.90 -16.05 8.52
CA VAL D 93 -27.42 -16.35 7.17
C VAL D 93 -26.01 -15.79 6.96
N PHE D 94 -25.76 -14.59 7.49
CA PHE D 94 -24.41 -14.04 7.44
C PHE D 94 -23.43 -14.92 8.23
N ARG D 95 -23.87 -15.43 9.38
CA ARG D 95 -23.02 -16.32 10.16
C ARG D 95 -22.69 -17.58 9.37
N TYR D 96 -23.67 -18.13 8.66
CA TYR D 96 -23.40 -19.34 7.87
C TYR D 96 -22.52 -19.04 6.68
N ILE D 97 -22.64 -17.85 6.08
CA ILE D 97 -21.72 -17.46 5.01
C ILE D 97 -20.29 -17.40 5.54
N ASP D 98 -20.12 -16.76 6.71
CA ASP D 98 -18.80 -16.66 7.31
C ASP D 98 -18.24 -18.04 7.65
N TRP D 99 -19.08 -18.92 8.19
CA TRP D 99 -18.62 -20.27 8.49
C TRP D 99 -18.25 -21.02 7.22
N LEU D 100 -19.05 -20.87 6.15
CA LEU D 100 -18.75 -21.56 4.92
C LEU D 100 -17.45 -21.08 4.29
N LEU D 101 -17.03 -19.84 4.52
CA LEU D 101 -15.74 -19.46 3.94
C LEU D 101 -14.60 -19.46 4.94
N THR D 102 -14.86 -19.79 6.20
CA THR D 102 -13.75 -19.94 7.13
C THR D 102 -13.46 -21.37 7.53
N VAL D 103 -14.48 -22.19 7.78
CA VAL D 103 -14.24 -23.57 8.23
C VAL D 103 -13.41 -24.37 7.23
N PRO D 104 -13.63 -24.30 5.91
CA PRO D 104 -12.74 -25.04 5.01
C PRO D 104 -11.27 -24.66 5.16
N LEU D 105 -10.97 -23.37 5.31
CA LEU D 105 -9.58 -22.96 5.48
C LEU D 105 -9.01 -23.42 6.81
N LEU D 106 -9.79 -23.29 7.88
CA LEU D 106 -9.31 -23.72 9.20
C LEU D 106 -9.04 -25.21 9.22
N ILE D 107 -9.91 -26.00 8.60
CA ILE D 107 -9.71 -27.44 8.58
C ILE D 107 -8.62 -27.84 7.57
N CYS D 108 -8.33 -26.95 6.63
CA CYS D 108 -7.23 -27.23 5.70
C CYS D 108 -5.91 -26.94 6.38
N GLU D 109 -5.93 -26.05 7.38
CA GLU D 109 -4.70 -25.76 8.11
C GLU D 109 -4.00 -27.03 8.59
N PHE D 110 -4.78 -28.06 8.95
CA PHE D 110 -4.17 -29.34 9.32
C PHE D 110 -3.35 -29.90 8.17
N TYR D 111 -3.94 -29.95 6.98
CA TYR D 111 -3.22 -30.46 5.81
C TYR D 111 -2.00 -29.59 5.51
N LEU D 112 -2.14 -28.27 5.66
CA LEU D 112 -1.02 -27.38 5.35
C LEU D 112 0.15 -27.61 6.29
N ILE D 113 -0.12 -27.72 7.60
CA ILE D 113 0.98 -27.94 8.52
C ILE D 113 1.57 -29.34 8.34
N LEU D 114 0.74 -30.33 8.03
CA LEU D 114 1.27 -31.67 7.80
C LEU D 114 2.14 -31.72 6.55
N ALA D 115 1.76 -30.97 5.51
CA ALA D 115 2.58 -30.91 4.31
C ALA D 115 3.89 -30.16 4.56
N ALA D 116 3.82 -29.07 5.32
CA ALA D 116 5.03 -28.29 5.61
C ALA D 116 5.93 -28.98 6.62
N ALA D 117 5.42 -29.99 7.34
CA ALA D 117 6.22 -30.71 8.32
C ALA D 117 6.62 -32.10 7.87
N THR D 118 5.77 -32.81 7.13
CA THR D 118 6.07 -34.17 6.69
C THR D 118 5.39 -34.40 5.35
N ASN D 119 5.27 -35.66 4.96
CA ASN D 119 4.66 -36.04 3.68
C ASN D 119 3.19 -36.37 3.88
N VAL D 120 2.36 -35.88 2.96
CA VAL D 120 0.92 -36.11 2.97
C VAL D 120 0.50 -36.60 1.59
N ALA D 121 -0.38 -37.61 1.57
CA ALA D 121 -0.80 -38.19 0.30
C ALA D 121 -1.57 -37.17 -0.55
N GLY D 122 -2.48 -36.42 0.07
CA GLY D 122 -3.29 -35.43 -0.62
C GLY D 122 -4.78 -35.66 -0.49
N SER D 123 -5.20 -36.92 -0.37
CA SER D 123 -6.62 -37.22 -0.21
C SER D 123 -7.17 -36.73 1.12
N LEU D 124 -6.29 -36.48 2.10
CA LEU D 124 -6.73 -35.95 3.39
C LEU D 124 -7.40 -34.59 3.21
N PHE D 125 -6.80 -33.73 2.40
CA PHE D 125 -7.41 -32.44 2.13
C PHE D 125 -8.77 -32.64 1.49
N LYS D 126 -8.83 -33.49 0.48
CA LYS D 126 -10.09 -33.72 -0.23
C LYS D 126 -11.19 -34.14 0.73
N LYS D 127 -10.90 -35.14 1.59
CA LYS D 127 -11.94 -35.65 2.48
C LYS D 127 -12.32 -34.62 3.54
N LEU D 128 -11.24 -33.87 4.01
CA LEU D 128 -11.48 -32.81 4.97
C LEU D 128 -12.44 -31.79 4.38
N LEU D 129 -12.17 -31.29 3.23
CA LEU D 129 -12.95 -30.25 2.57
C LEU D 129 -14.37 -30.73 2.26
N VAL D 130 -14.49 -31.96 1.76
CA VAL D 130 -15.82 -32.49 1.44
C VAL D 130 -16.67 -32.60 2.69
N GLY D 131 -16.09 -33.12 3.78
CA GLY D 131 -16.84 -33.24 5.01
C GLY D 131 -17.29 -31.91 5.56
N SER D 132 -16.39 -30.93 5.58
CA SER D 132 -16.73 -29.60 6.09
C SER D 132 -17.81 -28.95 5.23
N LEU D 133 -17.68 -29.04 3.91
CA LEU D 133 -18.68 -28.45 3.02
C LEU D 133 -20.04 -29.11 3.21
N VAL D 134 -20.08 -30.43 3.31
CA VAL D 134 -21.35 -31.12 3.51
C VAL D 134 -21.97 -30.71 4.84
N MET D 135 -21.17 -30.67 5.90
CA MET D 135 -21.68 -30.30 7.21
C MET D 135 -22.27 -28.89 7.19
N LEU D 136 -21.56 -27.93 6.65
CA LEU D 136 -22.15 -26.60 6.70
C LEU D 136 -23.38 -26.58 5.81
N VAL D 137 -23.27 -27.04 4.56
CA VAL D 137 -24.42 -26.94 3.68
C VAL D 137 -25.67 -27.50 4.36
N PHE D 138 -25.54 -28.67 5.00
CA PHE D 138 -26.68 -29.25 5.69
C PHE D 138 -27.12 -28.38 6.86
N GLY D 139 -26.16 -27.80 7.60
CA GLY D 139 -26.53 -26.90 8.68
C GLY D 139 -27.29 -25.68 8.19
N TYR D 140 -26.82 -25.07 7.09
CA TYR D 140 -27.51 -23.92 6.53
C TYR D 140 -28.90 -24.30 6.04
N MET D 141 -29.04 -25.46 5.40
CA MET D 141 -30.35 -25.88 4.93
C MET D 141 -31.30 -26.14 6.09
N GLY D 142 -30.80 -26.72 7.17
CA GLY D 142 -31.64 -26.93 8.34
C GLY D 142 -32.05 -25.63 9.00
N GLU D 143 -31.18 -24.66 9.09
CA GLU D 143 -31.53 -23.38 9.69
C GLU D 143 -32.51 -22.62 8.82
N ALA D 144 -32.32 -22.70 7.48
CA ALA D 144 -33.22 -21.99 6.58
C ALA D 144 -34.56 -22.69 6.38
N GLY D 145 -34.73 -23.89 6.91
CA GLY D 145 -35.98 -24.60 6.80
C GLY D 145 -36.18 -25.38 5.52
N ILE D 146 -35.14 -25.50 4.69
CA ILE D 146 -35.27 -26.31 3.47
C ILE D 146 -35.52 -27.77 3.82
N MET D 147 -34.77 -28.29 4.79
CA MET D 147 -34.96 -29.64 5.30
C MET D 147 -35.39 -29.58 6.76
N ALA D 148 -35.88 -30.71 7.25
CA ALA D 148 -36.24 -30.81 8.66
C ALA D 148 -34.99 -30.68 9.53
N ALA D 149 -35.18 -30.12 10.72
CA ALA D 149 -34.05 -29.79 11.58
C ALA D 149 -33.28 -31.05 12.00
N TRP D 150 -34.00 -32.11 12.38
CA TRP D 150 -33.33 -33.31 12.87
C TRP D 150 -32.45 -33.99 11.83
N PRO D 151 -32.91 -34.26 10.59
CA PRO D 151 -31.99 -34.87 9.62
C PRO D 151 -30.77 -34.01 9.31
N ALA D 152 -30.94 -32.70 9.20
CA ALA D 152 -29.81 -31.83 8.93
C ALA D 152 -28.81 -31.85 10.09
N PHE D 153 -29.32 -31.81 11.32
CA PHE D 153 -28.45 -31.88 12.49
C PHE D 153 -27.71 -33.21 12.54
N ILE D 154 -28.40 -34.31 12.21
CA ILE D 154 -27.78 -35.63 12.22
C ILE D 154 -26.67 -35.70 11.16
N ILE D 155 -26.94 -35.19 9.96
CA ILE D 155 -25.93 -35.24 8.90
C ILE D 155 -24.73 -34.38 9.28
N GLY D 156 -24.98 -33.18 9.84
CA GLY D 156 -23.87 -32.34 10.25
C GLY D 156 -23.03 -32.98 11.34
N CYS D 157 -23.67 -33.60 12.33
CA CYS D 157 -22.93 -34.28 13.38
C CYS D 157 -22.15 -35.46 12.82
N LEU D 158 -22.74 -36.19 11.88
CA LEU D 158 -22.03 -37.32 11.27
C LEU D 158 -20.79 -36.84 10.52
N ALA D 159 -20.91 -35.74 9.77
CA ALA D 159 -19.76 -35.21 9.06
C ALA D 159 -18.69 -34.72 10.03
N TRP D 160 -19.11 -34.05 11.11
CA TRP D 160 -18.16 -33.59 12.12
C TRP D 160 -17.42 -34.76 12.76
N VAL D 161 -18.15 -35.82 13.12
CA VAL D 161 -17.53 -36.98 13.74
C VAL D 161 -16.61 -37.70 12.76
N TYR D 162 -16.99 -37.73 11.48
CA TYR D 162 -16.11 -38.33 10.48
C TYR D 162 -14.81 -37.55 10.36
N MET D 163 -14.88 -36.22 10.34
CA MET D 163 -13.67 -35.41 10.29
C MET D 163 -12.82 -35.64 11.54
N ILE D 164 -13.45 -35.71 12.70
CA ILE D 164 -12.71 -35.95 13.94
C ILE D 164 -12.03 -37.30 13.90
N TYR D 165 -12.73 -38.32 13.40
CA TYR D 165 -12.14 -39.66 13.29
C TYR D 165 -10.97 -39.68 12.32
N GLU D 166 -11.10 -38.99 11.19
CA GLU D 166 -10.01 -38.94 10.22
C GLU D 166 -8.79 -38.21 10.79
N LEU D 167 -9.11 -37.13 11.59
CA LEU D 167 -8.03 -36.31 12.16
C LEU D 167 -7.48 -36.87 13.48
N TRP D 168 -8.07 -37.92 13.99
CA TRP D 168 -7.71 -38.48 15.29
C TRP D 168 -7.18 -39.89 15.22
N ALA D 169 -7.72 -40.74 14.33
CA ALA D 169 -7.26 -42.11 14.20
C ALA D 169 -7.07 -42.54 12.76
N GLY D 170 -7.22 -41.63 11.79
CA GLY D 170 -7.07 -41.98 10.40
C GLY D 170 -5.76 -41.53 9.79
N GLU D 171 -5.84 -40.90 8.61
CA GLU D 171 -4.63 -40.44 7.93
C GLU D 171 -3.96 -39.30 8.68
N GLY D 172 -4.76 -38.44 9.34
CA GLY D 172 -4.18 -37.34 10.09
C GLY D 172 -3.30 -37.82 11.23
N LYS D 173 -3.77 -38.81 11.98
CA LYS D 173 -2.96 -39.37 13.06
C LYS D 173 -1.69 -40.02 12.53
N SER D 174 -1.80 -40.73 11.40
CA SER D 174 -0.63 -41.35 10.80
C SER D 174 0.41 -40.31 10.39
N ALA D 175 -0.05 -39.21 9.80
CA ALA D 175 0.88 -38.13 9.45
C ALA D 175 1.48 -37.49 10.70
N CYS D 176 0.67 -37.31 11.75
CA CYS D 176 1.17 -36.72 12.99
C CYS D 176 2.19 -37.63 13.68
N ASN D 177 2.12 -38.93 13.43
CA ASN D 177 3.08 -39.85 14.05
C ASN D 177 4.51 -39.54 13.61
N THR D 178 4.70 -39.24 12.33
CA THR D 178 6.02 -38.91 11.79
C THR D 178 6.14 -37.39 11.71
N ALA D 179 6.49 -36.77 12.84
CA ALA D 179 6.64 -35.33 12.91
C ALA D 179 7.51 -34.97 14.11
N SER D 180 8.03 -33.75 14.10
CA SER D 180 8.81 -33.25 15.20
C SER D 180 7.93 -33.03 16.42
N PRO D 181 8.51 -33.04 17.63
CA PRO D 181 7.67 -32.89 18.83
C PRO D 181 6.87 -31.61 18.87
N ALA D 182 7.42 -30.50 18.36
CA ALA D 182 6.66 -29.25 18.32
C ALA D 182 5.43 -29.38 17.42
N VAL D 183 5.61 -29.99 16.24
CA VAL D 183 4.48 -30.20 15.34
C VAL D 183 3.44 -31.12 15.98
N GLN D 184 3.90 -32.16 16.67
CA GLN D 184 2.96 -33.07 17.33
C GLN D 184 2.17 -32.35 18.42
N SER D 185 2.85 -31.52 19.22
CA SER D 185 2.14 -30.77 20.27
C SER D 185 1.14 -29.78 19.68
N ALA D 186 1.53 -29.09 18.61
CA ALA D 186 0.60 -28.17 17.96
C ALA D 186 -0.59 -28.92 17.37
N TYR D 187 -0.35 -30.10 16.79
CA TYR D 187 -1.43 -30.89 16.23
C TYR D 187 -2.38 -31.36 17.32
N ASN D 188 -1.85 -31.78 18.47
CA ASN D 188 -2.71 -32.18 19.58
C ASN D 188 -3.53 -31.00 20.09
N THR D 189 -2.92 -29.82 20.19
CA THR D 189 -3.65 -28.64 20.62
C THR D 189 -4.77 -28.30 19.65
N MET D 190 -4.49 -28.37 18.34
CA MET D 190 -5.51 -28.08 17.34
C MET D 190 -6.61 -29.14 17.38
N MET D 191 -6.26 -30.41 17.61
CA MET D 191 -7.27 -31.44 17.74
C MET D 191 -8.18 -31.18 18.94
N TYR D 192 -7.60 -30.79 20.06
CA TYR D 192 -8.41 -30.46 21.23
C TYR D 192 -9.32 -29.27 20.95
N ILE D 193 -8.79 -28.27 20.24
CA ILE D 193 -9.61 -27.10 19.88
C ILE D 193 -10.79 -27.54 19.01
N ILE D 194 -10.53 -28.37 18.00
CA ILE D 194 -11.59 -28.85 17.13
C ILE D 194 -12.63 -29.62 17.93
N ILE D 195 -12.18 -30.49 18.85
CA ILE D 195 -13.11 -31.31 19.62
C ILE D 195 -13.99 -30.45 20.52
N PHE D 196 -13.39 -29.47 21.21
CA PHE D 196 -14.10 -28.76 22.28
C PHE D 196 -14.69 -27.43 21.83
N GLY D 197 -13.86 -26.52 21.30
CA GLY D 197 -14.34 -25.20 20.98
C GLY D 197 -15.38 -25.20 19.87
N TRP D 198 -15.19 -26.05 18.86
CA TRP D 198 -16.15 -26.12 17.76
C TRP D 198 -17.47 -26.73 18.19
N ALA D 199 -17.51 -27.40 19.35
CA ALA D 199 -18.75 -28.01 19.82
C ALA D 199 -19.78 -26.99 20.27
N ILE D 200 -19.41 -25.72 20.42
CA ILE D 200 -20.35 -24.71 20.84
C ILE D 200 -21.44 -24.50 19.79
N TYR D 201 -21.05 -24.44 18.52
CA TYR D 201 -22.00 -24.14 17.45
C TYR D 201 -23.13 -25.16 17.34
N PRO D 202 -22.87 -26.47 17.32
CA PRO D 202 -24.01 -27.42 17.33
C PRO D 202 -24.85 -27.32 18.58
N VAL D 203 -24.26 -26.97 19.72
CA VAL D 203 -25.04 -26.78 20.94
C VAL D 203 -26.01 -25.62 20.76
N GLY D 204 -25.54 -24.52 20.20
CA GLY D 204 -26.43 -23.40 19.94
C GLY D 204 -27.49 -23.73 18.90
N TYR D 205 -27.13 -24.52 17.88
CA TYR D 205 -28.10 -24.94 16.88
C TYR D 205 -29.20 -25.78 17.52
N PHE D 206 -28.83 -26.71 18.40
CA PHE D 206 -29.82 -27.51 19.11
C PHE D 206 -30.68 -26.66 20.03
N THR D 207 -30.07 -25.67 20.70
CA THR D 207 -30.82 -24.79 21.58
C THR D 207 -31.85 -23.99 20.79
N GLY D 208 -31.47 -23.48 19.62
CA GLY D 208 -32.40 -22.71 18.81
C GLY D 208 -33.42 -23.54 18.06
N TYR D 209 -33.24 -24.87 18.00
CA TYR D 209 -34.17 -25.77 17.34
C TYR D 209 -34.46 -26.92 18.29
N LEU D 210 -35.45 -26.74 19.16
CA LEU D 210 -35.80 -27.76 20.15
C LEU D 210 -37.31 -27.81 20.33
N ASN D 219 -29.16 -13.86 23.13
CA ASN D 219 -28.27 -14.44 24.13
C ASN D 219 -27.25 -15.37 23.49
N LEU D 220 -27.49 -15.71 22.22
CA LEU D 220 -26.61 -16.60 21.48
C LEU D 220 -25.56 -15.87 20.66
N ASN D 221 -25.81 -14.60 20.31
CA ASN D 221 -24.82 -13.85 19.54
C ASN D 221 -23.52 -13.67 20.32
N LEU D 222 -23.63 -13.39 21.63
CA LEU D 222 -22.43 -13.25 22.45
C LEU D 222 -21.64 -14.55 22.50
N ILE D 223 -22.33 -15.67 22.67
CA ILE D 223 -21.66 -16.96 22.72
C ILE D 223 -20.96 -17.25 21.40
N TYR D 224 -21.64 -16.97 20.28
CA TYR D 224 -21.02 -17.19 18.97
C TYR D 224 -19.81 -16.28 18.77
N ASN D 225 -19.92 -15.04 19.26
CA ASN D 225 -18.80 -14.12 19.16
C ASN D 225 -17.59 -14.69 19.88
N LEU D 226 -17.79 -15.09 21.14
CA LEU D 226 -16.68 -15.62 21.92
C LEU D 226 -16.11 -16.89 21.30
N ALA D 227 -16.97 -17.76 20.79
CA ALA D 227 -16.50 -18.99 20.15
C ALA D 227 -15.68 -18.68 18.91
N ASP D 228 -16.11 -17.71 18.10
CA ASP D 228 -15.34 -17.30 16.95
C ASP D 228 -14.01 -16.69 17.38
N PHE D 229 -14.03 -15.85 18.42
CA PHE D 229 -12.80 -15.31 19.00
C PHE D 229 -11.80 -16.43 19.25
N VAL D 230 -12.21 -17.43 20.04
CA VAL D 230 -11.32 -18.54 20.37
C VAL D 230 -10.87 -19.25 19.10
N ASN D 231 -11.86 -19.87 18.38
CA ASN D 231 -11.53 -20.69 17.21
C ASN D 231 -10.92 -20.00 16.02
N LYS D 232 -10.77 -18.67 16.09
CA LYS D 232 -10.20 -17.89 14.98
C LYS D 232 -8.90 -17.17 15.39
N ILE D 233 -8.63 -17.03 16.68
CA ILE D 233 -7.42 -16.40 17.17
C ILE D 233 -6.47 -17.41 17.79
N LEU D 234 -6.97 -18.27 18.67
CA LEU D 234 -6.10 -19.25 19.32
C LEU D 234 -5.56 -20.26 18.32
N PHE D 235 -6.38 -20.66 17.34
CA PHE D 235 -5.91 -21.56 16.30
C PHE D 235 -4.76 -20.95 15.52
N GLY D 236 -4.94 -19.70 15.07
CA GLY D 236 -3.89 -19.02 14.34
C GLY D 236 -2.64 -18.81 15.18
N LEU D 237 -2.82 -18.52 16.48
CA LEU D 237 -1.66 -18.32 17.34
C LEU D 237 -0.90 -19.62 17.55
N ILE D 238 -1.60 -20.75 17.68
CA ILE D 238 -0.93 -22.03 17.80
C ILE D 238 -0.15 -22.34 16.52
N ILE D 239 -0.76 -22.08 15.36
CA ILE D 239 -0.07 -22.34 14.10
C ILE D 239 1.16 -21.44 13.97
N TRP D 240 1.02 -20.16 14.34
CA TRP D 240 2.16 -19.25 14.28
C TRP D 240 3.26 -19.69 15.23
N ASN D 241 2.89 -20.13 16.42
CA ASN D 241 3.89 -20.59 17.40
C ASN D 241 4.69 -21.76 16.85
N VAL D 242 3.99 -22.77 16.32
CA VAL D 242 4.72 -23.93 15.80
C VAL D 242 5.54 -23.55 14.58
N ALA D 243 5.02 -22.65 13.73
CA ALA D 243 5.77 -22.23 12.55
C ALA D 243 7.05 -21.51 12.93
N VAL D 244 6.97 -20.60 13.90
CA VAL D 244 8.16 -19.87 14.34
C VAL D 244 9.15 -20.81 15.00
N LYS D 245 8.66 -21.72 15.85
CA LYS D 245 9.55 -22.64 16.54
C LYS D 245 10.26 -23.58 15.56
N GLU D 246 9.58 -23.97 14.48
CA GLU D 246 10.22 -24.81 13.47
C GLU D 246 11.21 -24.01 12.63
N SER D 247 10.80 -22.84 12.15
CA SER D 247 11.67 -22.13 11.22
C SER D 247 12.90 -21.51 11.85
N SER D 248 12.84 -21.30 13.17
CA SER D 248 13.97 -20.70 13.87
C SER D 248 15.23 -21.51 13.71
N ASN D 249 15.08 -22.82 13.51
CA ASN D 249 16.23 -23.69 13.35
C ASN D 249 17.30 -23.06 12.46
N ALA D 250 16.84 -22.32 11.42
CA ALA D 250 17.79 -21.67 10.54
C ALA D 250 17.81 -20.17 10.81
N ASP E 23 -12.72 21.40 19.54
CA ASP E 23 -12.36 21.40 20.95
C ASP E 23 -12.14 22.81 21.46
N LEU E 24 -12.53 23.06 22.72
CA LEU E 24 -12.36 24.37 23.31
C LEU E 24 -10.88 24.66 23.58
N ASP E 25 -10.52 25.93 23.44
CA ASP E 25 -9.16 26.38 23.65
C ASP E 25 -9.07 27.12 24.98
N ALA E 26 -8.09 26.72 25.81
CA ALA E 26 -7.86 27.32 27.12
C ALA E 26 -9.10 27.22 28.02
N SER E 27 -9.89 26.17 27.84
CA SER E 27 -11.09 25.97 28.65
C SER E 27 -11.15 24.59 29.31
N ASP E 28 -10.72 23.55 28.60
CA ASP E 28 -10.70 22.20 29.14
C ASP E 28 -9.49 21.46 28.60
N TYR E 29 -8.82 20.73 29.48
CA TYR E 29 -7.63 19.98 29.10
C TYR E 29 -7.95 18.57 28.62
N THR E 30 -9.20 18.14 28.71
CA THR E 30 -9.57 16.81 28.24
C THR E 30 -9.34 16.68 26.73
N GLY E 31 -9.79 17.67 25.97
CA GLY E 31 -9.57 17.63 24.53
C GLY E 31 -8.10 17.71 24.15
N VAL E 32 -7.34 18.53 24.87
CA VAL E 32 -5.90 18.64 24.62
C VAL E 32 -5.24 17.29 24.87
N SER E 33 -5.59 16.64 25.97
CA SER E 33 -5.02 15.32 26.28
C SER E 33 -5.43 14.30 25.23
N PHE E 34 -6.68 14.34 24.77
CA PHE E 34 -7.13 13.41 23.74
C PHE E 34 -6.32 13.57 22.47
N TRP E 35 -6.16 14.82 21.99
CA TRP E 35 -5.39 15.04 20.78
C TRP E 35 -3.93 14.64 20.95
N LEU E 36 -3.34 14.99 22.09
CA LEU E 36 -1.93 14.66 22.33
C LEU E 36 -1.72 13.16 22.31
N VAL E 37 -2.51 12.39 23.00
CA VAL E 37 -2.31 10.95 23.07
C VAL E 37 -2.78 10.24 21.84
N THR E 38 -3.67 10.82 21.06
CA THR E 38 -3.97 10.24 19.75
C THR E 38 -2.78 10.39 18.80
N ALA E 39 -2.23 11.59 18.71
CA ALA E 39 -1.10 11.81 17.80
C ALA E 39 0.11 11.00 18.25
N ALA E 40 0.40 10.97 19.55
CA ALA E 40 1.55 10.20 20.02
C ALA E 40 1.38 8.72 19.75
N LEU E 41 0.17 8.19 19.94
CA LEU E 41 -0.08 6.77 19.68
C LEU E 41 0.07 6.44 18.20
N LEU E 42 -0.41 7.31 17.32
CA LEU E 42 -0.22 7.06 15.89
C LEU E 42 1.26 7.09 15.53
N ALA E 43 2.00 8.06 16.09
CA ALA E 43 3.44 8.12 15.82
C ALA E 43 4.15 6.86 16.30
N SER E 44 3.80 6.38 17.50
CA SER E 44 4.43 5.18 18.03
C SER E 44 4.05 3.95 17.21
N THR E 45 2.81 3.88 16.74
CA THR E 45 2.41 2.77 15.86
C THR E 45 3.26 2.74 14.61
N VAL E 46 3.40 3.89 13.94
CA VAL E 46 4.21 3.93 12.73
C VAL E 46 5.65 3.59 13.04
N PHE E 47 6.14 4.14 14.19
CA PHE E 47 7.52 3.89 14.59
C PHE E 47 7.78 2.39 14.77
N PHE E 48 6.92 1.71 15.48
CA PHE E 48 7.14 0.30 15.79
C PHE E 48 6.91 -0.60 14.59
N PHE E 49 6.02 -0.21 13.68
CA PHE E 49 5.85 -1.02 12.47
C PHE E 49 6.91 -0.73 11.42
N VAL E 50 7.65 0.37 11.54
CA VAL E 50 8.74 0.65 10.62
C VAL E 50 10.06 0.11 11.13
N GLU E 51 10.31 0.20 12.43
CA GLU E 51 11.58 -0.23 13.00
C GLU E 51 11.75 -1.72 13.06
N ARG E 52 10.89 -2.55 12.44
CA ARG E 52 11.13 -3.98 12.45
C ARG E 52 12.30 -4.38 11.57
N ASP E 53 12.76 -3.47 10.69
CA ASP E 53 13.87 -3.80 9.80
C ASP E 53 15.17 -3.98 10.56
N ARG E 54 15.42 -3.13 11.56
CA ARG E 54 16.70 -3.19 12.28
C ARG E 54 16.84 -4.50 13.06
N VAL E 55 15.78 -4.91 13.77
CA VAL E 55 15.90 -6.05 14.67
C VAL E 55 16.04 -7.34 13.87
N SER E 56 16.61 -8.35 14.53
CA SER E 56 16.81 -9.64 13.91
C SER E 56 15.48 -10.39 13.81
N ALA E 57 15.54 -11.62 13.31
CA ALA E 57 14.33 -12.42 13.14
C ALA E 57 13.72 -12.82 14.49
N LYS E 58 14.55 -12.93 15.53
CA LYS E 58 14.02 -13.30 16.84
C LYS E 58 13.13 -12.21 17.42
N TRP E 59 13.51 -10.95 17.24
CA TRP E 59 12.81 -9.83 17.86
C TRP E 59 11.87 -9.10 16.92
N LYS E 60 11.57 -9.69 15.76
CA LYS E 60 10.56 -9.09 14.89
C LYS E 60 9.15 -9.27 15.41
N THR E 61 8.96 -10.00 16.50
CA THR E 61 7.68 -10.13 17.17
C THR E 61 7.52 -9.20 18.36
N SER E 62 8.61 -8.93 19.08
CA SER E 62 8.54 -8.01 20.20
C SER E 62 8.24 -6.59 19.76
N LEU E 63 8.38 -6.29 18.47
CA LEU E 63 7.98 -4.99 17.93
C LEU E 63 6.60 -5.00 17.30
N THR E 64 6.21 -6.10 16.65
CA THR E 64 4.89 -6.16 16.03
C THR E 64 3.78 -6.08 17.07
N VAL E 65 3.95 -6.77 18.20
CA VAL E 65 2.92 -6.76 19.23
C VAL E 65 2.79 -5.37 19.86
N SER E 66 3.92 -4.69 20.08
CA SER E 66 3.86 -3.32 20.59
C SER E 66 3.17 -2.39 19.60
N GLY E 67 3.45 -2.56 18.31
CA GLY E 67 2.76 -1.78 17.30
C GLY E 67 1.27 -2.04 17.31
N LEU E 68 0.87 -3.30 17.48
CA LEU E 68 -0.55 -3.61 17.58
C LEU E 68 -1.18 -2.97 18.81
N VAL E 69 -0.46 -2.98 19.94
CA VAL E 69 -0.98 -2.35 21.15
C VAL E 69 -1.26 -0.87 20.88
N THR E 70 -0.27 -0.17 20.33
CA THR E 70 -0.44 1.25 20.07
C THR E 70 -1.53 1.51 19.04
N GLY E 71 -1.62 0.66 18.02
CA GLY E 71 -2.65 0.85 17.00
C GLY E 71 -4.06 0.65 17.54
N ILE E 72 -4.27 -0.39 18.35
CA ILE E 72 -5.57 -0.60 18.96
C ILE E 72 -5.90 0.54 19.92
N ALA E 73 -4.90 1.02 20.66
CA ALA E 73 -5.13 2.16 21.53
C ALA E 73 -5.54 3.39 20.73
N PHE E 74 -4.90 3.63 19.59
CA PHE E 74 -5.26 4.76 18.74
C PHE E 74 -6.67 4.61 18.17
N TRP E 75 -7.03 3.41 17.75
CA TRP E 75 -8.38 3.15 17.24
C TRP E 75 -9.44 3.47 18.30
N HIS E 76 -9.26 2.90 19.49
CA HIS E 76 -10.25 3.10 20.55
C HIS E 76 -10.22 4.54 21.06
N TYR E 77 -9.07 5.21 20.94
CA TYR E 77 -9.01 6.62 21.32
C TYR E 77 -9.75 7.50 20.35
N MET E 78 -9.68 7.19 19.05
CA MET E 78 -10.49 7.91 18.08
C MET E 78 -11.97 7.70 18.35
N TYR E 79 -12.37 6.46 18.66
CA TYR E 79 -13.78 6.22 18.98
C TYR E 79 -14.20 6.97 20.25
N MET E 80 -13.35 6.99 21.27
CA MET E 80 -13.68 7.70 22.50
C MET E 80 -13.75 9.20 22.27
N ARG E 81 -12.88 9.74 21.43
CA ARG E 81 -12.96 11.16 21.08
C ARG E 81 -14.27 11.46 20.36
N GLY E 82 -14.69 10.59 19.45
CA GLY E 82 -15.98 10.78 18.79
C GLY E 82 -17.13 10.76 19.77
N VAL E 83 -17.11 9.82 20.72
CA VAL E 83 -18.16 9.74 21.73
C VAL E 83 -18.16 10.99 22.60
N TRP E 84 -16.97 11.45 23.00
CA TRP E 84 -16.87 12.64 23.85
C TRP E 84 -17.41 13.87 23.14
N ILE E 85 -17.11 14.02 21.84
CA ILE E 85 -17.66 15.12 21.08
C ILE E 85 -19.18 14.98 20.99
N GLU E 86 -19.67 13.77 20.74
CA GLU E 86 -21.12 13.56 20.66
C GLU E 86 -21.78 13.79 22.01
N THR E 87 -21.17 13.32 23.10
CA THR E 87 -21.73 13.48 24.44
C THR E 87 -20.61 13.72 25.42
N GLY E 88 -20.72 14.79 26.20
CA GLY E 88 -19.69 15.14 27.16
C GLY E 88 -19.78 14.39 28.47
N ASP E 89 -19.45 13.09 28.45
CA ASP E 89 -19.49 12.26 29.63
C ASP E 89 -18.28 11.32 29.59
N SER E 90 -18.30 10.30 30.44
CA SER E 90 -17.20 9.35 30.52
C SER E 90 -17.64 8.00 29.97
N PRO E 91 -17.29 7.67 28.73
CA PRO E 91 -17.62 6.34 28.18
C PRO E 91 -16.61 5.28 28.60
N THR E 92 -16.68 4.88 29.88
CA THR E 92 -15.72 3.93 30.43
C THR E 92 -15.84 2.56 29.78
N VAL E 93 -16.95 2.28 29.10
CA VAL E 93 -17.09 1.00 28.40
C VAL E 93 -16.04 0.86 27.31
N PHE E 94 -15.84 1.93 26.52
CA PHE E 94 -14.80 1.90 25.50
C PHE E 94 -13.42 1.79 26.13
N ARG E 95 -13.21 2.45 27.27
CA ARG E 95 -11.93 2.33 27.97
C ARG E 95 -11.66 0.89 28.39
N TYR E 96 -12.69 0.21 28.89
CA TYR E 96 -12.49 -1.17 29.32
C TYR E 96 -12.34 -2.10 28.13
N ILE E 97 -12.98 -1.80 27.00
CA ILE E 97 -12.71 -2.56 25.78
C ILE E 97 -11.25 -2.41 25.37
N ASP E 98 -10.75 -1.18 25.39
CA ASP E 98 -9.36 -0.92 25.06
C ASP E 98 -8.41 -1.65 26.00
N TRP E 99 -8.70 -1.60 27.30
CA TRP E 99 -7.86 -2.31 28.27
C TRP E 99 -7.92 -3.82 28.04
N LEU E 100 -9.11 -4.35 27.77
CA LEU E 100 -9.26 -5.78 27.55
C LEU E 100 -8.50 -6.24 26.32
N LEU E 101 -8.37 -5.38 25.31
CA LEU E 101 -7.65 -5.76 24.10
C LEU E 101 -6.18 -5.34 24.10
N THR E 102 -5.73 -4.58 25.09
CA THR E 102 -4.32 -4.17 25.13
C THR E 102 -3.52 -4.76 26.26
N VAL E 103 -4.12 -4.96 27.45
CA VAL E 103 -3.37 -5.53 28.57
C VAL E 103 -2.83 -6.92 28.26
N PRO E 104 -3.59 -7.84 27.67
CA PRO E 104 -2.99 -9.16 27.35
C PRO E 104 -1.74 -9.08 26.50
N LEU E 105 -1.71 -8.19 25.51
CA LEU E 105 -0.53 -8.08 24.66
C LEU E 105 0.64 -7.48 25.43
N LEU E 106 0.40 -6.44 26.22
CA LEU E 106 1.47 -5.84 26.99
C LEU E 106 2.05 -6.83 27.99
N ILE E 107 1.20 -7.67 28.59
CA ILE E 107 1.69 -8.64 29.55
C ILE E 107 2.32 -9.85 28.87
N CYS E 108 1.95 -10.16 27.63
CA CYS E 108 2.61 -11.21 26.88
C CYS E 108 3.91 -10.76 26.25
N GLU E 109 4.17 -9.44 26.23
CA GLU E 109 5.48 -8.95 25.84
C GLU E 109 6.58 -9.56 26.69
N PHE E 110 6.31 -9.81 27.97
CA PHE E 110 7.28 -10.49 28.83
C PHE E 110 7.62 -11.88 28.27
N TYR E 111 6.58 -12.66 27.95
CA TYR E 111 6.81 -13.99 27.39
C TYR E 111 7.55 -13.90 26.07
N LEU E 112 7.22 -12.90 25.24
CA LEU E 112 7.86 -12.76 23.94
C LEU E 112 9.35 -12.47 24.08
N ILE E 113 9.71 -11.52 24.96
CA ILE E 113 11.13 -11.21 25.12
C ILE E 113 11.86 -12.36 25.78
N LEU E 114 11.21 -13.08 26.70
CA LEU E 114 11.87 -14.23 27.31
C LEU E 114 12.10 -15.34 26.30
N ALA E 115 11.15 -15.56 25.38
CA ALA E 115 11.34 -16.55 24.34
C ALA E 115 12.42 -16.11 23.35
N ALA E 116 12.51 -14.81 23.07
CA ALA E 116 13.53 -14.32 22.16
C ALA E 116 14.92 -14.29 22.80
N ALA E 117 15.00 -14.31 24.13
CA ALA E 117 16.28 -14.30 24.82
C ALA E 117 16.70 -15.66 25.35
N THR E 118 15.75 -16.49 25.79
CA THR E 118 16.06 -17.81 26.31
C THR E 118 14.89 -18.74 25.98
N ASN E 119 14.86 -19.89 26.64
CA ASN E 119 13.82 -20.89 26.42
C ASN E 119 12.80 -20.83 27.54
N VAL E 120 11.52 -20.79 27.17
CA VAL E 120 10.41 -20.72 28.12
C VAL E 120 9.42 -21.83 27.79
N ALA E 121 8.91 -22.49 28.83
CA ALA E 121 8.01 -23.62 28.63
C ALA E 121 6.74 -23.21 27.88
N GLY E 122 6.17 -22.06 28.25
CA GLY E 122 4.95 -21.56 27.63
C GLY E 122 3.80 -21.38 28.59
N SER E 123 3.83 -22.05 29.75
CA SER E 123 2.77 -21.88 30.74
C SER E 123 2.76 -20.48 31.33
N LEU E 124 3.90 -19.77 31.26
CA LEU E 124 3.94 -18.40 31.76
C LEU E 124 2.98 -17.50 31.00
N PHE E 125 2.99 -17.60 29.67
CA PHE E 125 2.06 -16.83 28.87
C PHE E 125 0.62 -17.19 29.19
N LYS E 126 0.34 -18.49 29.35
CA LYS E 126 -1.03 -18.91 29.66
C LYS E 126 -1.51 -18.31 30.96
N LYS E 127 -0.69 -18.40 32.01
CA LYS E 127 -1.12 -17.90 33.32
C LYS E 127 -1.21 -16.38 33.31
N LEU E 128 -0.28 -15.72 32.59
CA LEU E 128 -0.36 -14.26 32.49
C LEU E 128 -1.66 -13.85 31.82
N LEU E 129 -1.98 -14.46 30.69
CA LEU E 129 -3.19 -14.13 29.96
C LEU E 129 -4.43 -14.39 30.80
N VAL E 130 -4.48 -15.52 31.49
CA VAL E 130 -5.64 -15.85 32.31
C VAL E 130 -5.81 -14.81 33.42
N GLY E 131 -4.71 -14.49 34.12
CA GLY E 131 -4.79 -13.52 35.19
C GLY E 131 -5.24 -12.15 34.72
N SER E 132 -4.65 -11.68 33.61
CA SER E 132 -5.00 -10.36 33.09
C SER E 132 -6.46 -10.31 32.65
N LEU E 133 -6.93 -11.36 31.93
CA LEU E 133 -8.31 -11.37 31.48
C LEU E 133 -9.27 -11.43 32.66
N VAL E 134 -8.97 -12.24 33.67
CA VAL E 134 -9.83 -12.31 34.84
C VAL E 134 -9.88 -10.96 35.55
N MET E 135 -8.72 -10.32 35.72
CA MET E 135 -8.70 -9.02 36.39
C MET E 135 -9.51 -7.99 35.63
N LEU E 136 -9.32 -7.89 34.34
CA LEU E 136 -10.11 -6.90 33.66
C LEU E 136 -11.59 -7.27 33.79
N VAL E 137 -11.97 -8.49 33.41
CA VAL E 137 -13.40 -8.82 33.44
C VAL E 137 -14.02 -8.45 34.77
N PHE E 138 -13.33 -8.75 35.87
CA PHE E 138 -13.85 -8.38 37.18
C PHE E 138 -13.92 -6.87 37.35
N GLY E 139 -12.93 -6.14 36.84
CA GLY E 139 -12.99 -4.69 36.88
C GLY E 139 -14.16 -4.13 36.08
N TYR E 140 -14.40 -4.70 34.90
CA TYR E 140 -15.54 -4.27 34.08
C TYR E 140 -16.85 -4.55 34.79
N MET E 141 -16.98 -5.72 35.42
CA MET E 141 -18.20 -6.05 36.15
C MET E 141 -18.39 -5.13 37.34
N GLY E 142 -17.31 -4.77 38.04
CA GLY E 142 -17.42 -3.83 39.14
C GLY E 142 -17.84 -2.45 38.67
N GLU E 143 -17.29 -2.04 37.50
CA GLU E 143 -17.64 -0.74 36.94
C GLU E 143 -19.10 -0.71 36.54
N ALA E 144 -19.57 -1.75 35.89
CA ALA E 144 -20.94 -1.83 35.41
C ALA E 144 -21.95 -2.09 36.52
N GLY E 145 -21.50 -2.50 37.70
CA GLY E 145 -22.40 -2.78 38.80
C GLY E 145 -23.06 -4.14 38.77
N ILE E 146 -22.59 -5.06 37.93
CA ILE E 146 -23.16 -6.41 37.91
C ILE E 146 -22.95 -7.08 39.26
N MET E 147 -21.74 -6.97 39.80
CA MET E 147 -21.42 -7.45 41.14
C MET E 147 -21.09 -6.26 42.04
N ALA E 148 -20.99 -6.54 43.34
CA ALA E 148 -20.62 -5.51 44.28
C ALA E 148 -19.22 -5.00 43.99
N ALA E 149 -19.02 -3.70 44.17
CA ALA E 149 -17.77 -3.07 43.76
C ALA E 149 -16.58 -3.60 44.54
N TRP E 150 -16.72 -3.73 45.87
CA TRP E 150 -15.59 -4.15 46.70
C TRP E 150 -15.11 -5.56 46.40
N PRO E 151 -15.97 -6.59 46.29
CA PRO E 151 -15.45 -7.91 45.92
C PRO E 151 -14.75 -7.92 44.56
N ALA E 152 -15.28 -7.20 43.57
CA ALA E 152 -14.64 -7.15 42.27
C ALA E 152 -13.27 -6.47 42.35
N PHE E 153 -13.19 -5.38 43.12
CA PHE E 153 -11.91 -4.70 43.32
C PHE E 153 -10.91 -5.63 44.00
N ILE E 154 -11.36 -6.39 45.00
CA ILE E 154 -10.48 -7.31 45.71
C ILE E 154 -9.98 -8.40 44.77
N ILE E 155 -10.88 -8.96 43.95
CA ILE E 155 -10.47 -10.00 43.01
C ILE E 155 -9.48 -9.46 41.99
N GLY E 156 -9.72 -8.25 41.48
CA GLY E 156 -8.79 -7.66 40.54
C GLY E 156 -7.42 -7.41 41.15
N CYS E 157 -7.41 -6.90 42.39
CA CYS E 157 -6.13 -6.69 43.07
C CYS E 157 -5.41 -8.00 43.32
N LEU E 158 -6.15 -9.06 43.69
CA LEU E 158 -5.54 -10.36 43.90
C LEU E 158 -4.93 -10.89 42.62
N ALA E 159 -5.64 -10.77 41.50
CA ALA E 159 -5.09 -11.22 40.22
C ALA E 159 -3.85 -10.41 39.85
N TRP E 160 -3.89 -9.10 40.07
CA TRP E 160 -2.74 -8.25 39.78
C TRP E 160 -1.53 -8.66 40.61
N VAL E 161 -1.74 -8.90 41.90
CA VAL E 161 -0.64 -9.30 42.77
C VAL E 161 -0.12 -10.68 42.40
N TYR E 162 -1.01 -11.58 41.98
CA TYR E 162 -0.59 -12.89 41.54
C TYR E 162 0.30 -12.79 40.31
N MET E 163 -0.08 -11.95 39.33
CA MET E 163 0.75 -11.78 38.15
C MET E 163 2.09 -11.12 38.51
N ILE E 164 2.06 -10.15 39.43
CA ILE E 164 3.30 -9.51 39.87
C ILE E 164 4.23 -10.53 40.52
N TYR E 165 3.67 -11.41 41.36
CA TYR E 165 4.48 -12.45 41.98
C TYR E 165 5.04 -13.41 40.95
N GLU E 166 4.23 -13.78 39.97
CA GLU E 166 4.69 -14.71 38.93
C GLU E 166 5.83 -14.11 38.12
N LEU E 167 5.77 -12.82 37.87
CA LEU E 167 6.82 -12.17 37.07
C LEU E 167 7.91 -11.56 37.94
N TRP E 168 7.81 -11.72 39.25
CA TRP E 168 8.81 -11.19 40.17
C TRP E 168 9.55 -12.26 40.95
N ALA E 169 8.87 -13.36 41.30
CA ALA E 169 9.52 -14.45 42.02
C ALA E 169 9.12 -15.82 41.53
N GLY E 170 8.31 -15.92 40.48
CA GLY E 170 7.85 -17.21 39.99
C GLY E 170 8.57 -17.68 38.74
N GLU E 171 7.79 -18.16 37.76
CA GLU E 171 8.39 -18.64 36.52
C GLU E 171 9.07 -17.51 35.75
N GLY E 172 8.47 -16.32 35.75
CA GLY E 172 9.06 -15.20 35.05
C GLY E 172 10.43 -14.81 35.60
N LYS E 173 10.55 -14.75 36.92
CA LYS E 173 11.84 -14.44 37.53
C LYS E 173 12.87 -15.51 37.22
N SER E 174 12.46 -16.79 37.28
CA SER E 174 13.37 -17.88 36.98
C SER E 174 13.87 -17.80 35.55
N ALA E 175 12.98 -17.49 34.61
CA ALA E 175 13.41 -17.33 33.22
C ALA E 175 14.31 -16.11 33.06
N CYS E 176 14.03 -15.03 33.81
CA CYS E 176 14.85 -13.84 33.73
C CYS E 176 16.24 -14.06 34.30
N ASN E 177 16.39 -15.01 35.22
CA ASN E 177 17.70 -15.27 35.81
C ASN E 177 18.71 -15.72 34.75
N THR E 178 18.27 -16.55 33.81
CA THR E 178 19.15 -17.03 32.73
C THR E 178 18.86 -16.21 31.48
N ALA E 179 19.50 -15.05 31.40
CA ALA E 179 19.31 -14.16 30.26
C ALA E 179 20.51 -13.21 30.17
N SER E 180 20.62 -12.55 29.01
CA SER E 180 21.67 -11.58 28.80
C SER E 180 21.42 -10.34 29.65
N PRO E 181 22.49 -9.59 29.99
CA PRO E 181 22.31 -8.42 30.87
C PRO E 181 21.35 -7.37 30.32
N ALA E 182 21.35 -7.14 29.00
CA ALA E 182 20.43 -6.17 28.42
C ALA E 182 18.98 -6.63 28.59
N VAL E 183 18.73 -7.91 28.34
CA VAL E 183 17.37 -8.44 28.51
C VAL E 183 16.94 -8.37 29.97
N GLN E 184 17.86 -8.66 30.89
CA GLN E 184 17.54 -8.58 32.31
C GLN E 184 17.23 -7.15 32.73
N SER E 185 18.00 -6.18 32.22
CA SER E 185 17.73 -4.78 32.52
C SER E 185 16.37 -4.36 31.97
N ALA E 186 16.05 -4.77 30.74
CA ALA E 186 14.75 -4.46 30.18
C ALA E 186 13.62 -5.11 31.00
N TYR E 187 13.85 -6.35 31.44
CA TYR E 187 12.85 -7.03 32.26
C TYR E 187 12.62 -6.28 33.57
N ASN E 188 13.68 -5.82 34.22
CA ASN E 188 13.54 -5.07 35.46
C ASN E 188 12.81 -3.76 35.22
N THR E 189 13.15 -3.05 34.14
CA THR E 189 12.47 -1.80 33.83
C THR E 189 10.98 -2.03 33.56
N MET E 190 10.65 -3.07 32.80
CA MET E 190 9.26 -3.37 32.52
C MET E 190 8.51 -3.78 33.79
N MET E 191 9.18 -4.52 34.68
CA MET E 191 8.56 -4.87 35.96
C MET E 191 8.27 -3.63 36.79
N TYR E 192 9.22 -2.69 36.83
CA TYR E 192 8.98 -1.44 37.55
C TYR E 192 7.83 -0.66 36.94
N ILE E 193 7.75 -0.63 35.62
CA ILE E 193 6.63 0.04 34.96
C ILE E 193 5.31 -0.62 35.34
N ILE E 194 5.27 -1.96 35.30
CA ILE E 194 4.06 -2.69 35.66
C ILE E 194 3.64 -2.36 37.09
N ILE E 195 4.61 -2.34 38.01
CA ILE E 195 4.27 -2.09 39.41
C ILE E 195 3.77 -0.66 39.61
N PHE E 196 4.42 0.32 38.98
CA PHE E 196 4.14 1.72 39.29
C PHE E 196 3.09 2.34 38.38
N GLY E 197 3.34 2.37 37.07
CA GLY E 197 2.45 3.07 36.17
C GLY E 197 1.08 2.46 36.07
N TRP E 198 1.00 1.12 36.08
CA TRP E 198 -0.29 0.45 36.01
C TRP E 198 -1.13 0.67 37.26
N ALA E 199 -0.52 1.09 38.37
CA ALA E 199 -1.26 1.31 39.60
C ALA E 199 -2.21 2.50 39.52
N ILE E 200 -2.09 3.34 38.50
CA ILE E 200 -2.98 4.49 38.37
C ILE E 200 -4.42 4.05 38.18
N TYR E 201 -4.64 3.05 37.33
CA TYR E 201 -6.00 2.63 37.00
C TYR E 201 -6.77 2.09 38.20
N PRO E 202 -6.23 1.17 39.03
CA PRO E 202 -6.96 0.81 40.25
C PRO E 202 -7.14 1.97 41.21
N VAL E 203 -6.21 2.91 41.24
CA VAL E 203 -6.37 4.10 42.08
C VAL E 203 -7.55 4.93 41.58
N GLY E 204 -7.67 5.10 40.27
CA GLY E 204 -8.82 5.80 39.72
C GLY E 204 -10.12 5.08 39.99
N TYR E 205 -10.10 3.74 39.90
CA TYR E 205 -11.30 2.96 40.21
C TYR E 205 -11.71 3.14 41.66
N PHE E 206 -10.74 3.11 42.58
CA PHE E 206 -11.05 3.32 44.00
C PHE E 206 -11.58 4.72 44.24
N THR E 207 -11.00 5.72 43.56
CA THR E 207 -11.48 7.09 43.70
C THR E 207 -12.92 7.23 43.22
N GLY E 208 -13.24 6.60 42.09
CA GLY E 208 -14.59 6.67 41.56
C GLY E 208 -15.59 5.74 42.23
N TYR E 209 -15.12 4.80 43.06
CA TYR E 209 -15.99 3.84 43.75
C TYR E 209 -15.53 3.77 45.20
N LEU E 210 -16.14 4.58 46.06
CA LEU E 210 -15.79 4.62 47.47
C LEU E 210 -16.95 5.16 48.31
N ASN E 219 -11.66 15.20 35.04
CA ASN E 219 -10.57 15.23 36.01
C ASN E 219 -9.88 13.88 36.09
N LEU E 220 -10.56 12.84 35.63
CA LEU E 220 -10.00 11.49 35.58
C LEU E 220 -9.53 11.09 34.20
N ASN E 221 -10.19 11.57 33.15
CA ASN E 221 -9.78 11.22 31.79
C ASN E 221 -8.39 11.74 31.47
N LEU E 222 -8.02 12.91 31.99
CA LEU E 222 -6.67 13.41 31.78
C LEU E 222 -5.63 12.47 32.39
N ILE E 223 -5.87 12.02 33.62
CA ILE E 223 -4.95 11.09 34.27
C ILE E 223 -4.87 9.79 33.50
N TYR E 224 -6.03 9.27 33.06
CA TYR E 224 -6.03 8.03 32.30
C TYR E 224 -5.30 8.18 30.98
N ASN E 225 -5.46 9.33 30.33
CA ASN E 225 -4.74 9.58 29.08
C ASN E 225 -3.25 9.54 29.33
N LEU E 226 -2.79 10.31 30.31
CA LEU E 226 -1.35 10.34 30.60
C LEU E 226 -0.83 8.95 30.93
N ALA E 227 -1.60 8.17 31.70
CA ALA E 227 -1.19 6.82 32.06
C ALA E 227 -1.10 5.93 30.83
N ASP E 228 -2.06 6.06 29.90
CA ASP E 228 -2.01 5.30 28.66
C ASP E 228 -0.80 5.69 27.82
N PHE E 229 -0.54 7.00 27.71
CA PHE E 229 0.67 7.48 27.05
C PHE E 229 1.89 6.77 27.58
N VAL E 230 2.09 6.84 28.91
CA VAL E 230 3.25 6.22 29.53
C VAL E 230 3.29 4.73 29.24
N ASN E 231 2.26 4.00 29.70
CA ASN E 231 2.27 2.55 29.68
C ASN E 231 2.21 1.95 28.27
N LYS E 232 1.91 2.78 27.27
CA LYS E 232 1.78 2.30 25.88
C LYS E 232 2.91 2.80 24.96
N ILE E 233 3.71 3.78 25.40
CA ILE E 233 4.83 4.28 24.62
C ILE E 233 6.17 3.96 25.27
N LEU E 234 6.29 4.20 26.58
CA LEU E 234 7.55 3.89 27.27
C LEU E 234 7.81 2.39 27.26
N PHE E 235 6.77 1.58 27.46
CA PHE E 235 6.91 0.13 27.40
C PHE E 235 7.45 -0.30 26.04
N GLY E 236 6.81 0.17 24.97
CA GLY E 236 7.24 -0.20 23.63
C GLY E 236 8.65 0.30 23.31
N LEU E 237 8.99 1.49 23.80
CA LEU E 237 10.33 2.02 23.55
C LEU E 237 11.40 1.22 24.29
N ILE E 238 11.09 0.76 25.51
CA ILE E 238 12.03 -0.10 26.23
C ILE E 238 12.23 -1.40 25.46
N ILE E 239 11.13 -2.00 24.97
CA ILE E 239 11.23 -3.23 24.22
C ILE E 239 12.03 -3.03 22.94
N TRP E 240 11.79 -1.92 22.24
CA TRP E 240 12.53 -1.63 21.02
C TRP E 240 14.01 -1.43 21.31
N ASN E 241 14.33 -0.73 22.39
CA ASN E 241 15.72 -0.49 22.73
C ASN E 241 16.45 -1.79 23.02
N VAL E 242 15.83 -2.67 23.81
CA VAL E 242 16.50 -3.94 24.13
C VAL E 242 16.59 -4.82 22.89
N ALA E 243 15.57 -4.79 22.03
CA ALA E 243 15.62 -5.59 20.81
C ALA E 243 16.75 -5.12 19.89
N VAL E 244 16.88 -3.81 19.71
CA VAL E 244 17.93 -3.28 18.85
C VAL E 244 19.30 -3.57 19.45
N LYS E 245 19.44 -3.42 20.77
CA LYS E 245 20.72 -3.71 21.40
C LYS E 245 21.11 -5.17 21.24
N GLU E 246 20.13 -6.08 21.36
CA GLU E 246 20.43 -7.50 21.18
C GLU E 246 20.77 -7.82 19.73
N SER E 247 19.99 -7.34 18.79
CA SER E 247 20.22 -7.77 17.41
C SER E 247 21.40 -7.16 16.73
N SER E 248 21.66 -5.89 16.96
CA SER E 248 22.74 -5.25 16.22
C SER E 248 24.07 -5.92 16.50
N ASN E 249 24.22 -6.49 17.69
CA ASN E 249 25.50 -7.08 18.06
C ASN E 249 26.03 -7.95 16.94
N ALA E 250 25.14 -8.61 16.22
CA ALA E 250 25.53 -9.45 15.12
C ALA E 250 25.51 -8.66 13.83
N MET F 1 6.54 -4.77 8.30
CA MET F 1 6.90 -3.47 7.77
C MET F 1 5.73 -2.49 7.80
N GLY F 2 6.01 -1.22 8.10
CA GLY F 2 4.99 -0.19 8.10
C GLY F 2 4.45 0.10 6.70
N LYS F 3 5.33 0.11 5.70
CA LYS F 3 4.88 0.28 4.33
C LYS F 3 3.99 -0.88 3.90
N LEU F 4 4.36 -2.10 4.28
CA LEU F 4 3.49 -3.25 4.03
C LEU F 4 2.18 -3.13 4.79
N LEU F 5 2.22 -2.57 6.00
CA LEU F 5 0.99 -2.38 6.75
C LEU F 5 0.06 -1.39 6.06
N LEU F 6 0.60 -0.48 5.24
CA LEU F 6 -0.26 0.35 4.42
C LEU F 6 -1.05 -0.49 3.43
N ILE F 7 -0.38 -1.48 2.81
CA ILE F 7 -1.08 -2.39 1.91
C ILE F 7 -2.13 -3.19 2.66
N LEU F 8 -1.78 -3.67 3.87
CA LEU F 8 -2.75 -4.41 4.67
C LEU F 8 -3.95 -3.55 5.02
N GLY F 9 -3.72 -2.29 5.39
CA GLY F 9 -4.83 -1.40 5.70
C GLY F 9 -5.69 -1.10 4.50
N SER F 10 -5.07 -0.96 3.31
CA SER F 10 -5.85 -0.78 2.10
C SER F 10 -6.71 -2.00 1.80
N VAL F 11 -6.15 -3.20 1.98
CA VAL F 11 -6.92 -4.42 1.78
C VAL F 11 -8.08 -4.49 2.76
N ILE F 12 -7.84 -4.07 4.00
CA ILE F 12 -8.89 -4.09 5.02
C ILE F 12 -9.97 -3.06 4.71
N ALA F 13 -9.58 -1.90 4.18
CA ALA F 13 -10.53 -0.83 3.89
C ALA F 13 -11.27 -1.02 2.57
N LEU F 14 -10.78 -1.92 1.71
CA LEU F 14 -11.52 -2.21 0.48
C LEU F 14 -12.94 -2.73 0.72
N PRO F 15 -13.18 -3.66 1.67
CA PRO F 15 -14.57 -4.06 1.93
C PRO F 15 -15.48 -2.93 2.40
N THR F 16 -14.93 -1.84 2.92
CA THR F 16 -15.78 -0.73 3.35
C THR F 16 -16.53 -0.08 2.20
N PHE F 17 -15.96 -0.11 1.00
CA PHE F 17 -16.65 0.44 -0.16
C PHE F 17 -17.91 -0.36 -0.32
N LEU F 18 -17.78 -1.68 -0.28
CA LEU F 18 -18.93 -2.55 -0.36
C LEU F 18 -19.68 -2.39 0.95
N ALA F 19 -20.65 -1.48 0.97
CA ALA F 19 -21.41 -1.21 2.17
C ALA F 19 -22.18 -2.45 2.57
N GLY F 20 -22.69 -3.18 1.59
CA GLY F 20 -23.47 -4.38 1.87
C GLY F 20 -24.68 -4.45 0.98
N GLY F 21 -24.97 -5.63 0.44
CA GLY F 21 -26.10 -5.79 -0.47
C GLY F 21 -27.20 -6.69 0.04
N GLY F 22 -26.99 -7.30 1.20
CA GLY F 22 -27.99 -8.20 1.77
C GLY F 22 -29.37 -7.58 1.81
N ASP F 23 -30.39 -8.40 1.62
CA ASP F 23 -31.77 -7.91 1.64
C ASP F 23 -32.71 -8.86 2.37
N LEU F 24 -32.67 -10.10 2.07
CA LEU F 24 -33.55 -11.11 2.63
C LEU F 24 -32.74 -12.30 3.10
N ASP F 25 -33.29 -13.03 4.07
CA ASP F 25 -32.65 -14.21 4.64
C ASP F 25 -33.54 -15.42 4.41
N ALA F 26 -32.93 -16.52 3.95
CA ALA F 26 -33.63 -17.78 3.72
C ALA F 26 -34.80 -17.62 2.76
N SER F 27 -34.71 -16.66 1.84
CA SER F 27 -35.75 -16.41 0.86
C SER F 27 -35.26 -16.55 -0.57
N ASP F 28 -34.09 -16.02 -0.89
CA ASP F 28 -33.49 -16.13 -2.22
C ASP F 28 -32.06 -16.60 -2.07
N TYR F 29 -31.68 -17.60 -2.86
CA TYR F 29 -30.34 -18.15 -2.82
C TYR F 29 -29.40 -17.45 -3.79
N THR F 30 -29.87 -16.41 -4.49
CA THR F 30 -29.03 -15.72 -5.46
C THR F 30 -28.09 -14.74 -4.76
N GLY F 31 -28.63 -13.83 -3.95
CA GLY F 31 -27.79 -12.86 -3.27
C GLY F 31 -26.79 -13.50 -2.34
N VAL F 32 -27.21 -14.55 -1.63
CA VAL F 32 -26.29 -15.28 -0.74
C VAL F 32 -25.16 -15.87 -1.56
N SER F 33 -25.49 -16.50 -2.70
CA SER F 33 -24.46 -17.05 -3.56
C SER F 33 -23.55 -15.97 -4.12
N PHE F 34 -24.12 -14.82 -4.48
CA PHE F 34 -23.31 -13.71 -4.99
C PHE F 34 -22.31 -13.25 -3.95
N TRP F 35 -22.75 -13.05 -2.72
CA TRP F 35 -21.83 -12.63 -1.67
C TRP F 35 -20.78 -13.69 -1.36
N LEU F 36 -21.19 -14.95 -1.30
CA LEU F 36 -20.25 -16.04 -1.05
C LEU F 36 -19.16 -16.07 -2.11
N VAL F 37 -19.56 -16.04 -3.39
CA VAL F 37 -18.60 -16.12 -4.48
C VAL F 37 -17.71 -14.89 -4.52
N THR F 38 -18.28 -13.70 -4.31
CA THR F 38 -17.47 -12.48 -4.33
C THR F 38 -16.40 -12.51 -3.25
N ALA F 39 -16.79 -12.88 -2.03
CA ALA F 39 -15.81 -12.92 -0.94
C ALA F 39 -14.77 -14.01 -1.17
N ALA F 40 -15.19 -15.18 -1.67
CA ALA F 40 -14.23 -16.24 -1.93
C ALA F 40 -13.24 -15.85 -3.02
N LEU F 41 -13.73 -15.17 -4.06
CA LEU F 41 -12.84 -14.74 -5.14
C LEU F 41 -11.86 -13.69 -4.65
N LEU F 42 -12.30 -12.74 -3.81
CA LEU F 42 -11.35 -11.78 -3.26
C LEU F 42 -10.31 -12.46 -2.38
N ALA F 43 -10.75 -13.42 -1.56
CA ALA F 43 -9.80 -14.15 -0.73
C ALA F 43 -8.79 -14.92 -1.56
N SER F 44 -9.25 -15.57 -2.63
CA SER F 44 -8.33 -16.32 -3.49
C SER F 44 -7.39 -15.39 -4.25
N THR F 45 -7.88 -14.21 -4.64
CA THR F 45 -7.00 -13.23 -5.28
C THR F 45 -5.87 -12.83 -4.34
N VAL F 46 -6.22 -12.51 -3.08
CA VAL F 46 -5.19 -12.15 -2.11
C VAL F 46 -4.25 -13.32 -1.87
N PHE F 47 -4.81 -14.52 -1.76
CA PHE F 47 -3.97 -15.69 -1.53
C PHE F 47 -2.96 -15.90 -2.63
N PHE F 48 -3.40 -15.82 -3.88
CA PHE F 48 -2.50 -16.09 -5.00
C PHE F 48 -1.50 -14.96 -5.20
N PHE F 49 -1.89 -13.72 -4.88
CA PHE F 49 -0.93 -12.62 -4.98
C PHE F 49 0.03 -12.57 -3.79
N VAL F 50 -0.28 -13.28 -2.70
CA VAL F 50 0.64 -13.35 -1.57
C VAL F 50 1.57 -14.55 -1.69
N GLU F 51 1.06 -15.70 -2.13
CA GLU F 51 1.87 -16.91 -2.20
C GLU F 51 2.90 -16.90 -3.29
N ARG F 52 3.15 -15.80 -4.02
CA ARG F 52 4.23 -15.80 -4.99
C ARG F 52 5.60 -15.86 -4.34
N ASP F 53 5.69 -15.66 -3.03
CA ASP F 53 6.98 -15.71 -2.34
C ASP F 53 7.59 -17.11 -2.38
N ARG F 54 6.77 -18.14 -2.17
CA ARG F 54 7.29 -19.50 -2.05
C ARG F 54 7.83 -20.01 -3.38
N VAL F 55 7.08 -19.81 -4.46
CA VAL F 55 7.42 -20.44 -5.73
C VAL F 55 8.69 -19.83 -6.30
N SER F 56 9.41 -20.63 -7.09
CA SER F 56 10.65 -20.17 -7.71
C SER F 56 10.33 -19.25 -8.88
N ALA F 57 11.38 -18.78 -9.57
CA ALA F 57 11.19 -17.82 -10.65
C ALA F 57 10.42 -18.43 -11.81
N LYS F 58 10.48 -19.74 -12.00
CA LYS F 58 9.76 -20.37 -13.11
C LYS F 58 8.27 -20.36 -12.87
N TRP F 59 7.83 -20.55 -11.62
CA TRP F 59 6.42 -20.66 -11.29
C TRP F 59 5.85 -19.40 -10.67
N LYS F 60 6.55 -18.27 -10.78
CA LYS F 60 5.99 -17.00 -10.31
C LYS F 60 5.00 -16.41 -11.29
N THR F 61 4.82 -17.01 -12.46
CA THR F 61 3.79 -16.62 -13.42
C THR F 61 2.52 -17.45 -13.28
N SER F 62 2.64 -18.74 -12.97
CA SER F 62 1.49 -19.61 -12.82
C SER F 62 0.60 -19.21 -11.65
N LEU F 63 1.11 -18.40 -10.72
CA LEU F 63 0.27 -17.88 -9.65
C LEU F 63 -0.34 -16.53 -10.01
N THR F 64 0.42 -15.68 -10.69
CA THR F 64 -0.08 -14.34 -11.04
C THR F 64 -1.26 -14.45 -12.00
N VAL F 65 -1.19 -15.37 -12.96
CA VAL F 65 -2.29 -15.51 -13.93
C VAL F 65 -3.57 -15.96 -13.23
N SER F 66 -3.46 -16.92 -12.31
CA SER F 66 -4.64 -17.35 -11.58
C SER F 66 -5.16 -16.24 -10.67
N GLY F 67 -4.27 -15.47 -10.08
CA GLY F 67 -4.70 -14.32 -9.30
C GLY F 67 -5.46 -13.31 -10.14
N LEU F 68 -5.10 -13.04 -11.30
CA LEU F 68 -5.84 -12.11 -12.15
C LEU F 68 -7.17 -12.74 -12.55
N VAL F 69 -7.14 -14.09 -12.87
CA VAL F 69 -8.41 -14.70 -13.14
C VAL F 69 -9.33 -14.36 -12.00
N THR F 70 -8.99 -14.70 -10.81
CA THR F 70 -9.89 -14.49 -9.68
C THR F 70 -10.22 -13.01 -9.49
N GLY F 71 -9.26 -12.11 -9.75
CA GLY F 71 -9.53 -10.69 -9.62
C GLY F 71 -10.52 -10.18 -10.64
N ILE F 72 -10.38 -10.60 -11.90
CA ILE F 72 -11.33 -10.21 -12.94
C ILE F 72 -12.71 -10.78 -12.61
N ALA F 73 -12.75 -12.01 -12.12
CA ALA F 73 -14.02 -12.59 -11.73
C ALA F 73 -14.64 -11.75 -10.63
N PHE F 74 -13.85 -11.39 -9.63
CA PHE F 74 -14.36 -10.60 -8.51
C PHE F 74 -14.91 -9.25 -8.98
N TRP F 75 -14.19 -8.58 -9.88
CA TRP F 75 -14.66 -7.31 -10.43
C TRP F 75 -16.00 -7.49 -11.13
N HIS F 76 -16.09 -8.47 -12.03
CA HIS F 76 -17.33 -8.66 -12.77
C HIS F 76 -18.45 -9.19 -11.88
N TYR F 77 -18.10 -9.90 -10.81
CA TYR F 77 -19.12 -10.36 -9.88
C TYR F 77 -19.75 -9.20 -9.14
N MET F 78 -18.92 -8.23 -8.74
CA MET F 78 -19.46 -7.05 -8.08
C MET F 78 -20.41 -6.35 -9.04
N TYR F 79 -19.96 -6.14 -10.27
CA TYR F 79 -20.81 -5.50 -11.27
C TYR F 79 -22.12 -6.26 -11.37
N MET F 80 -22.03 -7.58 -11.45
CA MET F 80 -23.23 -8.40 -11.58
C MET F 80 -24.13 -8.27 -10.36
N ARG F 81 -23.54 -8.22 -9.16
CA ARG F 81 -24.34 -8.01 -7.96
C ARG F 81 -25.02 -6.65 -7.98
N GLY F 82 -24.30 -5.63 -8.43
CA GLY F 82 -24.93 -4.31 -8.55
C GLY F 82 -26.10 -4.32 -9.52
N VAL F 83 -25.91 -4.97 -10.68
CA VAL F 83 -27.00 -5.05 -11.66
C VAL F 83 -28.18 -5.83 -11.09
N TRP F 84 -27.90 -6.95 -10.41
CA TRP F 84 -28.97 -7.76 -9.84
C TRP F 84 -29.76 -6.99 -8.79
N ILE F 85 -29.06 -6.22 -7.95
CA ILE F 85 -29.77 -5.38 -6.98
C ILE F 85 -30.59 -4.33 -7.69
N GLU F 86 -30.04 -3.71 -8.74
CA GLU F 86 -30.80 -2.73 -9.50
C GLU F 86 -32.00 -3.37 -10.19
N THR F 87 -31.80 -4.55 -10.78
CA THR F 87 -32.88 -5.25 -11.47
C THR F 87 -32.67 -6.75 -11.32
N GLY F 88 -33.70 -7.45 -10.86
CA GLY F 88 -33.61 -8.88 -10.65
C GLY F 88 -33.74 -9.70 -11.91
N ASP F 89 -32.77 -9.56 -12.82
CA ASP F 89 -32.77 -10.28 -14.08
C ASP F 89 -31.39 -10.89 -14.32
N SER F 90 -31.32 -11.78 -15.31
CA SER F 90 -30.09 -12.49 -15.59
C SER F 90 -29.05 -11.57 -16.22
N PRO F 91 -27.87 -11.42 -15.61
CA PRO F 91 -26.80 -10.60 -16.22
C PRO F 91 -25.96 -11.40 -17.21
N THR F 92 -26.59 -11.74 -18.34
CA THR F 92 -25.92 -12.57 -19.33
C THR F 92 -24.71 -11.88 -19.94
N VAL F 93 -24.84 -10.58 -20.25
CA VAL F 93 -23.76 -9.86 -20.93
C VAL F 93 -22.52 -9.82 -20.06
N PHE F 94 -22.69 -9.49 -18.78
CA PHE F 94 -21.54 -9.44 -17.87
C PHE F 94 -20.94 -10.83 -17.67
N ARG F 95 -21.78 -11.87 -17.61
CA ARG F 95 -21.25 -13.22 -17.48
C ARG F 95 -20.39 -13.60 -18.68
N TYR F 96 -20.85 -13.26 -19.88
CA TYR F 96 -20.07 -13.62 -21.06
C TYR F 96 -18.83 -12.75 -21.21
N ILE F 97 -18.87 -11.50 -20.74
CA ILE F 97 -17.66 -10.68 -20.70
C ILE F 97 -16.64 -11.31 -19.76
N ASP F 98 -17.08 -11.73 -18.58
CA ASP F 98 -16.18 -12.37 -17.62
C ASP F 98 -15.62 -13.67 -18.18
N TRP F 99 -16.46 -14.47 -18.82
CA TRP F 99 -15.97 -15.70 -19.43
C TRP F 99 -14.96 -15.41 -20.52
N LEU F 100 -15.23 -14.42 -21.37
CA LEU F 100 -14.32 -14.10 -22.46
C LEU F 100 -12.98 -13.60 -21.95
N LEU F 101 -12.98 -12.93 -20.79
CA LEU F 101 -11.72 -12.42 -20.25
C LEU F 101 -11.05 -13.37 -19.26
N THR F 102 -11.69 -14.46 -18.87
CA THR F 102 -11.09 -15.40 -17.92
C THR F 102 -10.76 -16.75 -18.51
N VAL F 103 -11.64 -17.32 -19.35
CA VAL F 103 -11.35 -18.63 -19.94
C VAL F 103 -10.04 -18.65 -20.70
N PRO F 104 -9.66 -17.63 -21.49
CA PRO F 104 -8.33 -17.66 -22.12
C PRO F 104 -7.19 -17.81 -21.14
N LEU F 105 -7.24 -17.14 -19.98
CA LEU F 105 -6.16 -17.27 -19.01
C LEU F 105 -6.16 -18.66 -18.37
N LEU F 106 -7.33 -19.19 -18.05
CA LEU F 106 -7.40 -20.52 -17.47
C LEU F 106 -6.86 -21.58 -18.43
N ILE F 107 -7.20 -21.46 -19.72
CA ILE F 107 -6.68 -22.40 -20.69
C ILE F 107 -5.21 -22.14 -21.01
N CYS F 108 -4.72 -20.92 -20.79
CA CYS F 108 -3.31 -20.62 -20.94
C CYS F 108 -2.49 -21.15 -19.77
N GLU F 109 -3.13 -21.41 -18.63
CA GLU F 109 -2.43 -22.04 -17.51
C GLU F 109 -1.81 -23.37 -17.91
N PHE F 110 -2.48 -24.11 -18.79
CA PHE F 110 -1.92 -25.37 -19.29
C PHE F 110 -0.59 -25.14 -19.99
N TYR F 111 -0.56 -24.18 -20.92
CA TYR F 111 0.68 -23.86 -21.61
C TYR F 111 1.74 -23.36 -20.64
N LEU F 112 1.34 -22.56 -19.66
CA LEU F 112 2.31 -22.01 -18.71
C LEU F 112 2.98 -23.12 -17.91
N ILE F 113 2.19 -24.07 -17.40
CA ILE F 113 2.79 -25.14 -16.61
C ILE F 113 3.60 -26.08 -17.50
N LEU F 114 3.11 -26.37 -18.70
CA LEU F 114 3.84 -27.26 -19.59
C LEU F 114 5.10 -26.62 -20.17
N ALA F 115 5.22 -25.29 -20.08
CA ALA F 115 6.45 -24.62 -20.50
C ALA F 115 7.41 -24.42 -19.34
N ALA F 116 6.90 -24.14 -18.14
CA ALA F 116 7.75 -23.98 -16.97
C ALA F 116 8.25 -25.30 -16.41
N ALA F 117 7.58 -26.41 -16.74
CA ALA F 117 8.01 -27.73 -16.28
C ALA F 117 8.76 -28.52 -17.32
N THR F 118 8.39 -28.39 -18.59
CA THR F 118 9.05 -29.14 -19.66
C THR F 118 8.99 -28.28 -20.93
N ASN F 119 9.24 -28.91 -22.07
CA ASN F 119 9.23 -28.22 -23.37
C ASN F 119 8.01 -28.67 -24.16
N VAL F 120 7.28 -27.70 -24.70
CA VAL F 120 6.08 -27.98 -25.49
C VAL F 120 5.97 -26.92 -26.58
N ALA F 121 5.48 -27.32 -27.75
CA ALA F 121 5.32 -26.38 -28.86
C ALA F 121 4.29 -25.30 -28.53
N GLY F 122 3.19 -25.69 -27.88
CA GLY F 122 2.16 -24.75 -27.50
C GLY F 122 0.95 -24.71 -28.42
N SER F 123 0.92 -25.53 -29.47
CA SER F 123 -0.23 -25.54 -30.36
C SER F 123 -1.49 -26.03 -29.65
N LEU F 124 -1.33 -26.86 -28.61
CA LEU F 124 -2.48 -27.29 -27.84
C LEU F 124 -3.20 -26.11 -27.21
N PHE F 125 -2.44 -25.17 -26.65
CA PHE F 125 -3.05 -23.98 -26.06
C PHE F 125 -3.80 -23.18 -27.11
N LYS F 126 -3.22 -23.02 -28.30
CA LYS F 126 -3.87 -22.24 -29.35
C LYS F 126 -5.17 -22.90 -29.79
N LYS F 127 -5.15 -24.21 -30.03
CA LYS F 127 -6.35 -24.88 -30.51
C LYS F 127 -7.43 -24.93 -29.44
N LEU F 128 -7.04 -25.15 -28.18
CA LEU F 128 -8.03 -25.11 -27.10
C LEU F 128 -8.61 -23.71 -26.94
N LEU F 129 -7.79 -22.67 -27.09
CA LEU F 129 -8.30 -21.30 -27.02
C LEU F 129 -9.29 -21.03 -28.14
N VAL F 130 -8.99 -21.50 -29.36
CA VAL F 130 -9.92 -21.30 -30.47
C VAL F 130 -11.23 -22.03 -30.20
N GLY F 131 -11.15 -23.27 -29.71
CA GLY F 131 -12.37 -24.01 -29.40
C GLY F 131 -13.19 -23.32 -28.31
N SER F 132 -12.53 -22.82 -27.27
CA SER F 132 -13.23 -22.14 -26.19
C SER F 132 -13.88 -20.86 -26.69
N LEU F 133 -13.20 -20.12 -27.56
CA LEU F 133 -13.78 -18.91 -28.13
C LEU F 133 -15.02 -19.24 -28.96
N VAL F 134 -14.93 -20.31 -29.76
CA VAL F 134 -16.10 -20.73 -30.55
C VAL F 134 -17.26 -21.10 -29.64
N MET F 135 -16.98 -21.84 -28.57
CA MET F 135 -18.03 -22.23 -27.63
C MET F 135 -18.66 -21.01 -26.97
N LEU F 136 -17.84 -20.04 -26.55
CA LEU F 136 -18.37 -18.84 -25.92
C LEU F 136 -19.21 -18.02 -26.89
N VAL F 137 -18.77 -17.90 -28.14
CA VAL F 137 -19.54 -17.16 -29.14
C VAL F 137 -20.88 -17.83 -29.37
N PHE F 138 -20.89 -19.17 -29.51
CA PHE F 138 -22.15 -19.87 -29.70
C PHE F 138 -23.07 -19.71 -28.50
N GLY F 139 -22.52 -19.78 -27.29
CA GLY F 139 -23.33 -19.58 -26.11
C GLY F 139 -23.92 -18.18 -26.03
N TYR F 140 -23.13 -17.19 -26.41
CA TYR F 140 -23.64 -15.83 -26.40
C TYR F 140 -24.76 -15.67 -27.42
N MET F 141 -24.58 -16.23 -28.60
CA MET F 141 -25.64 -16.16 -29.61
C MET F 141 -26.90 -16.85 -29.14
N GLY F 142 -26.75 -18.01 -28.48
CA GLY F 142 -27.92 -18.71 -27.96
C GLY F 142 -28.63 -17.93 -26.87
N GLU F 143 -27.86 -17.33 -25.96
CA GLU F 143 -28.47 -16.56 -24.87
C GLU F 143 -29.14 -15.29 -25.39
N ALA F 144 -28.55 -14.65 -26.40
CA ALA F 144 -29.10 -13.43 -26.95
C ALA F 144 -30.38 -13.66 -27.74
N GLY F 145 -30.74 -14.92 -28.00
CA GLY F 145 -31.91 -15.23 -28.78
C GLY F 145 -31.71 -15.24 -30.28
N ILE F 146 -30.48 -15.02 -30.75
CA ILE F 146 -30.21 -15.07 -32.19
C ILE F 146 -30.43 -16.48 -32.72
N MET F 147 -29.95 -17.48 -31.99
CA MET F 147 -30.13 -18.88 -32.37
C MET F 147 -30.99 -19.59 -31.33
N ALA F 148 -31.55 -20.73 -31.74
CA ALA F 148 -32.39 -21.51 -30.85
C ALA F 148 -31.53 -22.20 -29.79
N ALA F 149 -32.18 -22.60 -28.70
CA ALA F 149 -31.47 -23.15 -27.55
C ALA F 149 -30.81 -24.48 -27.89
N TRP F 150 -31.57 -25.40 -28.49
CA TRP F 150 -31.04 -26.74 -28.74
C TRP F 150 -29.86 -26.76 -29.70
N PRO F 151 -29.90 -26.09 -30.87
CA PRO F 151 -28.72 -26.15 -31.76
C PRO F 151 -27.48 -25.51 -31.15
N ALA F 152 -27.62 -24.35 -30.50
CA ALA F 152 -26.48 -23.71 -29.87
C ALA F 152 -25.91 -24.58 -28.75
N PHE F 153 -26.80 -25.19 -27.95
CA PHE F 153 -26.35 -26.08 -26.89
C PHE F 153 -25.60 -27.28 -27.45
N ILE F 154 -26.10 -27.86 -28.54
CA ILE F 154 -25.45 -29.01 -29.15
C ILE F 154 -24.08 -28.63 -29.70
N ILE F 155 -23.99 -27.47 -30.36
CA ILE F 155 -22.71 -27.03 -30.90
C ILE F 155 -21.71 -26.76 -29.78
N GLY F 156 -22.16 -26.11 -28.71
CA GLY F 156 -21.28 -25.86 -27.58
C GLY F 156 -20.79 -27.15 -26.93
N CYS F 157 -21.70 -28.12 -26.76
CA CYS F 157 -21.30 -29.40 -26.19
C CYS F 157 -20.30 -30.12 -27.09
N LEU F 158 -20.51 -30.06 -28.41
CA LEU F 158 -19.57 -30.70 -29.32
C LEU F 158 -18.20 -30.04 -29.26
N ALA F 159 -18.16 -28.71 -29.20
CA ALA F 159 -16.87 -28.02 -29.08
C ALA F 159 -16.18 -28.37 -27.76
N TRP F 160 -16.95 -28.43 -26.67
CA TRP F 160 -16.39 -28.78 -25.37
C TRP F 160 -15.85 -30.21 -25.37
N VAL F 161 -16.56 -31.14 -26.00
CA VAL F 161 -16.08 -32.52 -26.11
C VAL F 161 -14.82 -32.57 -26.98
N TYR F 162 -14.76 -31.73 -27.99
CA TYR F 162 -13.56 -31.66 -28.80
C TYR F 162 -12.40 -31.26 -27.92
N MET F 163 -12.58 -30.18 -27.17
CA MET F 163 -11.51 -29.69 -26.29
C MET F 163 -11.09 -30.77 -25.30
N ILE F 164 -12.07 -31.52 -24.76
CA ILE F 164 -11.74 -32.61 -23.84
C ILE F 164 -10.89 -33.66 -24.54
N TYR F 165 -11.26 -34.02 -25.77
CA TYR F 165 -10.48 -35.00 -26.52
C TYR F 165 -9.07 -34.50 -26.81
N GLU F 166 -8.94 -33.21 -27.14
CA GLU F 166 -7.62 -32.64 -27.39
C GLU F 166 -6.77 -32.68 -26.13
N LEU F 167 -7.42 -32.47 -24.97
CA LEU F 167 -6.71 -32.53 -23.70
C LEU F 167 -6.35 -33.96 -23.31
N TRP F 168 -7.14 -34.93 -23.77
CA TRP F 168 -6.91 -36.32 -23.42
C TRP F 168 -5.85 -36.96 -24.30
N ALA F 169 -6.09 -37.01 -25.62
CA ALA F 169 -5.23 -37.75 -26.54
C ALA F 169 -4.60 -36.87 -27.60
N GLY F 170 -4.51 -35.57 -27.36
CA GLY F 170 -3.89 -34.63 -28.28
C GLY F 170 -2.44 -34.35 -27.92
N GLU F 171 -2.01 -33.14 -28.23
CA GLU F 171 -0.65 -32.72 -27.87
C GLU F 171 -0.44 -32.67 -26.36
N GLY F 172 -1.52 -32.52 -25.60
CA GLY F 172 -1.38 -32.47 -24.14
C GLY F 172 -0.84 -33.76 -23.56
N LYS F 173 -1.30 -34.91 -24.06
CA LYS F 173 -0.78 -36.19 -23.59
C LYS F 173 0.71 -36.32 -23.90
N SER F 174 1.12 -35.92 -25.10
CA SER F 174 2.54 -35.99 -25.46
C SER F 174 3.37 -35.08 -24.58
N ALA F 175 2.88 -33.87 -24.30
CA ALA F 175 3.60 -32.97 -23.41
C ALA F 175 3.68 -33.54 -22.00
N CYS F 176 2.61 -34.17 -21.52
CA CYS F 176 2.60 -34.75 -20.19
C CYS F 176 3.46 -36.00 -20.09
N ASN F 177 3.76 -36.64 -21.21
CA ASN F 177 4.60 -37.84 -21.17
C ASN F 177 5.98 -37.53 -20.62
N THR F 178 6.58 -36.42 -21.04
CA THR F 178 7.90 -36.01 -20.55
C THR F 178 7.72 -34.92 -19.50
N ALA F 179 7.44 -35.35 -18.27
CA ALA F 179 7.25 -34.42 -17.17
C ALA F 179 7.43 -35.17 -15.86
N SER F 180 7.61 -34.39 -14.79
CA SER F 180 7.72 -34.96 -13.46
C SER F 180 6.38 -35.52 -13.00
N PRO F 181 6.38 -36.48 -12.07
CA PRO F 181 5.10 -37.04 -11.60
C PRO F 181 4.16 -36.02 -11.00
N ALA F 182 4.69 -35.00 -10.32
CA ALA F 182 3.82 -33.96 -9.76
C ALA F 182 3.09 -33.20 -10.86
N VAL F 183 3.80 -32.85 -11.93
CA VAL F 183 3.17 -32.16 -13.05
C VAL F 183 2.16 -33.06 -13.73
N GLN F 184 2.45 -34.36 -13.82
CA GLN F 184 1.49 -35.30 -14.40
C GLN F 184 0.21 -35.36 -13.56
N SER F 185 0.36 -35.41 -12.24
CA SER F 185 -0.81 -35.43 -11.36
C SER F 185 -1.61 -34.14 -11.49
N ALA F 186 -0.92 -33.00 -11.55
CA ALA F 186 -1.62 -31.73 -11.73
C ALA F 186 -2.36 -31.69 -13.07
N TYR F 187 -1.73 -32.19 -14.12
CA TYR F 187 -2.38 -32.22 -15.43
C TYR F 187 -3.61 -33.13 -15.41
N ASN F 188 -3.51 -34.28 -14.76
CA ASN F 188 -4.67 -35.16 -14.64
C ASN F 188 -5.80 -34.50 -13.87
N THR F 189 -5.47 -33.82 -12.77
CA THR F 189 -6.49 -33.12 -11.99
C THR F 189 -7.15 -32.02 -12.82
N MET F 190 -6.35 -31.26 -13.58
CA MET F 190 -6.92 -30.19 -14.39
C MET F 190 -7.77 -30.76 -15.52
N MET F 191 -7.37 -31.88 -16.10
CA MET F 191 -8.20 -32.53 -17.12
C MET F 191 -9.51 -33.00 -16.53
N TYR F 192 -9.48 -33.58 -15.32
CA TYR F 192 -10.72 -33.98 -14.66
C TYR F 192 -11.59 -32.77 -14.37
N ILE F 193 -10.99 -31.64 -13.99
CA ILE F 193 -11.76 -30.41 -13.77
C ILE F 193 -12.42 -29.96 -15.06
N ILE F 194 -11.68 -30.02 -16.17
CA ILE F 194 -12.25 -29.63 -17.47
C ILE F 194 -13.43 -30.55 -17.81
N ILE F 195 -13.28 -31.85 -17.57
CA ILE F 195 -14.33 -32.81 -17.92
C ILE F 195 -15.56 -32.59 -17.07
N PHE F 196 -15.38 -32.49 -15.75
CA PHE F 196 -16.51 -32.44 -14.81
C PHE F 196 -16.81 -31.04 -14.29
N GLY F 197 -15.78 -30.27 -13.93
CA GLY F 197 -16.03 -28.95 -13.36
C GLY F 197 -16.71 -28.01 -14.35
N TRP F 198 -16.23 -28.00 -15.60
CA TRP F 198 -16.88 -27.17 -16.60
C TRP F 198 -18.24 -27.74 -17.02
N ALA F 199 -18.45 -29.04 -16.84
CA ALA F 199 -19.72 -29.66 -17.21
C ALA F 199 -20.89 -29.14 -16.39
N ILE F 200 -20.61 -28.43 -15.29
CA ILE F 200 -21.67 -27.77 -14.54
C ILE F 200 -22.35 -26.72 -15.40
N TYR F 201 -21.58 -26.02 -16.24
CA TYR F 201 -22.16 -24.93 -17.03
C TYR F 201 -23.22 -25.41 -18.02
N PRO F 202 -22.96 -26.38 -18.89
CA PRO F 202 -23.99 -26.74 -19.89
C PRO F 202 -25.26 -27.31 -19.26
N VAL F 203 -25.12 -28.22 -18.28
CA VAL F 203 -26.28 -28.80 -17.63
C VAL F 203 -27.13 -27.70 -16.99
N GLY F 204 -26.48 -26.82 -16.22
CA GLY F 204 -27.18 -25.65 -15.71
C GLY F 204 -27.76 -24.80 -16.83
N TYR F 205 -27.00 -24.66 -17.92
CA TYR F 205 -27.54 -23.99 -19.10
C TYR F 205 -28.79 -24.69 -19.61
N PHE F 206 -28.76 -26.03 -19.64
CA PHE F 206 -29.95 -26.78 -20.03
C PHE F 206 -31.08 -26.58 -19.02
N THR F 207 -30.75 -26.23 -17.78
CA THR F 207 -31.78 -25.86 -16.82
C THR F 207 -32.49 -24.59 -17.25
N GLY F 208 -31.74 -23.61 -17.77
CA GLY F 208 -32.33 -22.36 -18.20
C GLY F 208 -33.03 -22.41 -19.54
N TYR F 209 -32.88 -23.50 -20.29
CA TYR F 209 -33.51 -23.66 -21.59
C TYR F 209 -34.10 -25.07 -21.66
N LEU F 210 -35.34 -25.21 -21.23
CA LEU F 210 -36.03 -26.50 -21.22
C LEU F 210 -37.53 -26.31 -21.11
N ASN F 219 -31.83 -19.50 -9.63
CA ASN F 219 -31.78 -20.72 -10.43
C ASN F 219 -30.47 -20.80 -11.20
N LEU F 220 -30.52 -20.61 -12.52
CA LEU F 220 -29.32 -20.65 -13.33
C LEU F 220 -28.17 -19.89 -12.67
N ASN F 221 -28.48 -18.75 -12.05
CA ASN F 221 -27.43 -17.91 -11.48
C ASN F 221 -26.71 -18.62 -10.34
N LEU F 222 -27.45 -19.35 -9.49
CA LEU F 222 -26.80 -20.09 -8.41
C LEU F 222 -25.85 -21.15 -8.96
N ILE F 223 -26.29 -21.88 -9.98
CA ILE F 223 -25.45 -22.91 -10.58
C ILE F 223 -24.19 -22.29 -11.18
N TYR F 224 -24.36 -21.16 -11.89
CA TYR F 224 -23.20 -20.49 -12.48
C TYR F 224 -22.24 -19.98 -11.40
N ASN F 225 -22.81 -19.47 -10.31
CA ASN F 225 -21.96 -19.01 -9.21
C ASN F 225 -21.12 -20.15 -8.68
N LEU F 226 -21.76 -21.27 -8.36
CA LEU F 226 -21.03 -22.40 -7.81
C LEU F 226 -19.99 -22.93 -8.79
N ALA F 227 -20.34 -22.96 -10.08
CA ALA F 227 -19.40 -23.43 -11.09
C ALA F 227 -18.20 -22.50 -11.18
N ASP F 228 -18.42 -21.18 -11.14
CA ASP F 228 -17.30 -20.24 -11.13
C ASP F 228 -16.43 -20.43 -9.89
N PHE F 229 -17.07 -20.57 -8.74
CA PHE F 229 -16.36 -20.86 -7.50
C PHE F 229 -15.40 -22.02 -7.68
N VAL F 230 -15.93 -23.18 -8.09
CA VAL F 230 -15.11 -24.38 -8.25
C VAL F 230 -14.03 -24.14 -9.30
N ASN F 231 -14.43 -23.93 -10.55
CA ASN F 231 -13.46 -23.82 -11.65
C ASN F 231 -12.58 -22.60 -11.67
N LYS F 232 -12.59 -21.78 -10.64
CA LYS F 232 -11.66 -20.68 -10.60
C LYS F 232 -10.86 -20.74 -9.30
N ILE F 233 -11.35 -21.45 -8.27
CA ILE F 233 -10.58 -21.56 -7.04
C ILE F 233 -9.85 -22.90 -6.96
N LEU F 234 -10.53 -24.01 -7.28
CA LEU F 234 -9.87 -25.31 -7.26
C LEU F 234 -8.76 -25.38 -8.29
N PHE F 235 -8.99 -24.80 -9.47
CA PHE F 235 -7.95 -24.75 -10.50
C PHE F 235 -6.72 -24.01 -10.00
N GLY F 236 -6.92 -22.83 -9.42
CA GLY F 236 -5.81 -22.06 -8.90
C GLY F 236 -5.10 -22.77 -7.75
N LEU F 237 -5.86 -23.46 -6.91
CA LEU F 237 -5.25 -24.19 -5.79
C LEU F 237 -4.42 -25.37 -6.31
N ILE F 238 -4.89 -26.06 -7.35
CA ILE F 238 -4.10 -27.14 -7.93
C ILE F 238 -2.81 -26.60 -8.53
N ILE F 239 -2.90 -25.47 -9.25
CA ILE F 239 -1.70 -24.87 -9.84
C ILE F 239 -0.74 -24.44 -8.74
N TRP F 240 -1.25 -23.83 -7.67
CA TRP F 240 -0.39 -23.44 -6.55
C TRP F 240 0.26 -24.64 -5.90
N ASN F 241 -0.49 -25.73 -5.74
CA ASN F 241 0.06 -26.92 -5.11
C ASN F 241 1.20 -27.50 -5.93
N VAL F 242 1.00 -27.62 -7.25
CA VAL F 242 2.05 -28.17 -8.09
C VAL F 242 3.25 -27.23 -8.15
N ALA F 243 3.00 -25.92 -8.18
CA ALA F 243 4.09 -24.95 -8.20
C ALA F 243 4.93 -25.04 -6.94
N VAL F 244 4.28 -25.11 -5.77
CA VAL F 244 5.01 -25.22 -4.52
C VAL F 244 5.77 -26.54 -4.44
N LYS F 245 5.13 -27.63 -4.86
CA LYS F 245 5.79 -28.94 -4.80
C LYS F 245 7.02 -28.97 -5.70
N GLU F 246 6.95 -28.31 -6.86
CA GLU F 246 8.10 -28.28 -7.76
C GLU F 246 9.19 -27.34 -7.24
N SER F 247 8.80 -26.15 -6.81
CA SER F 247 9.79 -25.16 -6.43
C SER F 247 10.46 -25.43 -5.11
N SER F 248 9.93 -26.32 -4.30
CA SER F 248 10.51 -26.55 -2.99
C SER F 248 11.84 -27.23 -3.19
N ASN F 249 11.97 -27.95 -4.29
CA ASN F 249 13.20 -28.66 -4.56
C ASN F 249 14.38 -27.72 -4.39
N ALA F 250 14.15 -26.43 -4.60
CA ALA F 250 15.19 -25.45 -4.37
C ALA F 250 15.22 -25.05 -2.91
C1 RET G . 8.61 30.68 22.68
C2 RET G . 8.36 31.79 23.74
C3 RET G . 9.46 32.78 23.93
C4 RET G . 10.75 32.08 24.17
C5 RET G . 11.02 30.96 23.23
C6 RET G . 10.08 30.29 22.53
C7 RET G . 10.55 29.21 21.64
C8 RET G . 9.92 28.37 20.82
C9 RET G . 10.55 27.33 19.98
C10 RET G . 9.77 26.56 19.20
C11 RET G . 10.20 25.49 18.32
C12 RET G . 9.30 24.80 17.59
C13 RET G . 9.58 23.71 16.67
C14 RET G . 8.54 23.15 16.05
C15 RET G . 8.58 22.04 15.07
C16 RET G . 7.98 31.33 21.45
C17 RET G . 7.70 29.49 23.05
C18 RET G . 12.49 30.69 23.18
C19 RET G . 12.03 27.18 20.03
C20 RET G . 10.98 23.29 16.48
C1 RET H . 10.30 34.39 -12.20
C2 RET H . 10.29 35.91 -11.93
C3 RET H . 11.19 36.74 -12.78
C4 RET H . 12.59 36.20 -12.74
C5 RET H . 12.68 34.73 -12.88
C6 RET H . 11.67 33.86 -12.65
C7 RET H . 11.98 32.41 -12.85
C8 RET H . 11.23 31.31 -12.71
C9 RET H . 11.67 29.93 -12.95
C10 RET H . 10.78 28.94 -12.76
C11 RET H . 10.98 27.51 -12.93
C12 RET H . 9.97 26.65 -12.70
C13 RET H . 10.00 25.20 -12.81
C14 RET H . 8.88 24.54 -12.53
C15 RET H . 8.66 23.08 -12.58
C16 RET H . 9.20 34.30 -13.26
C17 RET H . 9.75 33.70 -10.95
C18 RET H . 14.06 34.36 -13.32
C19 RET H . 13.07 29.67 -13.38
C20 RET H . 11.26 24.56 -13.24
C1 RET I . -3.33 9.46 -37.15
C2 RET I . -3.50 10.59 -38.21
C3 RET I . -3.26 10.22 -39.63
C4 RET I . -1.93 9.55 -39.77
C5 RET I . -1.62 8.55 -38.72
C6 RET I . -2.22 8.47 -37.52
C7 RET I . -1.77 7.38 -36.62
C8 RET I . -2.15 7.01 -35.38
C9 RET I . -1.58 5.90 -34.60
C10 RET I . -2.08 5.67 -33.37
C11 RET I . -1.69 4.63 -32.43
C12 RET I . -2.30 4.55 -31.24
C13 RET I . -2.01 3.58 -30.18
C14 RET I . -2.74 3.67 -29.07
C15 RET I . -2.65 2.81 -27.86
C16 RET I . -4.74 8.88 -37.16
C17 RET I . -3.15 10.13 -35.79
C18 RET I . -0.53 7.65 -39.21
C19 RET I . -0.50 5.07 -35.19
C20 RET I . -0.97 2.56 -30.41
C1 RET J . -23.96 -26.66 12.38
C2 RET J . -25.27 -27.43 12.12
C3 RET J . -25.51 -28.64 12.96
C4 RET J . -24.33 -29.55 12.90
C5 RET J . -23.02 -28.88 13.01
C6 RET J . -22.79 -27.56 12.80
C7 RET J . -21.39 -27.09 12.98
C8 RET J . -20.83 -25.87 12.84
C9 RET J . -19.41 -25.55 13.05
C10 RET J . -19.03 -24.27 12.87
C11 RET J . -17.70 -23.71 13.02
C12 RET J . -17.49 -22.40 12.79
C13 RET J . -16.22 -21.68 12.90
C14 RET J . -16.24 -20.38 12.63
C15 RET J . -15.10 -19.44 12.66
C16 RET J . -24.43 -25.68 13.46
C17 RET J . -23.67 -25.82 11.14
C18 RET J . -21.98 -29.88 13.43
C19 RET J . -18.47 -26.62 13.46
C20 RET J . -15.02 -22.43 13.29
C1 RET K . -9.10 -2.42 37.32
C2 RET K . -10.14 -2.87 38.39
C3 RET K . -9.67 -2.90 39.80
C4 RET K . -8.42 -3.70 39.91
C5 RET K . -7.41 -3.44 38.84
C6 RET K . -7.68 -2.87 37.64
C7 RET K . -6.53 -2.69 36.72
C8 RET K . -6.43 -2.16 35.49
C9 RET K . -5.20 -2.06 34.69
C10 RET K . -5.28 -1.51 33.46
C11 RET K . -4.21 -1.30 32.50
C12 RET K . -4.47 -0.72 31.33
C13 RET K . -3.52 -0.45 30.26
C14 RET K . -3.99 0.14 29.16
C15 RET K . -3.24 0.52 27.94
C16 RET K . -9.33 -0.91 37.34
C17 RET K . -9.62 -2.91 35.96
C18 RET K . -6.08 -3.92 39.29
C19 RET K . -3.92 -2.58 35.25
C20 RET K . -2.11 -0.83 30.45
C1 RET L . -22.30 -22.83 -22.52
C2 RET L . -23.40 -23.18 -23.56
C3 RET L . -23.71 -24.62 -23.75
C4 RET L . -22.45 -25.39 -24.02
C5 RET L . -21.34 -25.07 -23.09
C6 RET L . -21.22 -23.93 -22.39
C7 RET L . -20.03 -23.80 -21.50
C8 RET L . -19.62 -22.82 -20.69
C9 RET L . -18.40 -22.86 -19.87
C10 RET L . -18.11 -21.80 -19.09
C11 RET L . -16.96 -21.63 -18.21
C12 RET L . -16.80 -20.50 -17.49
C13 RET L . -15.72 -20.20 -16.57
C14 RET L . -15.75 -19.03 -15.96
C15 RET L . -14.76 -18.48 -14.99
C16 RET L . -23.16 -22.63 -21.27
C17 RET L . -21.73 -21.46 -22.89
C18 RET L . -20.37 -26.21 -23.07
C19 RET L . -17.53 -24.06 -19.93
C20 RET L . -14.64 -21.20 -16.40
#